data_8VEB
#
_entry.id   8VEB
#
_cell.length_a   1.00
_cell.length_b   1.00
_cell.length_c   1.00
_cell.angle_alpha   90.00
_cell.angle_beta   90.00
_cell.angle_gamma   90.00
#
_symmetry.space_group_name_H-M   'P 1'
#
loop_
_entity.id
_entity.type
_entity.pdbx_description
1 polymer Hemagglutinin
2 polymer 'T5-1E08 Fab heavy chain'
3 polymer 'T5-1E08 Fab light chain'
4 branched 2-acetamido-2-deoxy-beta-D-glucopyranose-(1-4)-2-acetamido-2-deoxy-beta-D-glucopyranose
5 branched alpha-D-mannopyranose-(1-6)-alpha-D-mannopyranose-(1-6)-[alpha-D-mannopyranose-(1-3)]beta-D-mannopyranose-(1-4)-2-acetamido-2-deoxy-beta-D-glucopyranose-(1-4)-2-acetamido-2-deoxy-beta-D-glucopyranose
6 non-polymer 2-acetamido-2-deoxy-beta-D-glucopyranose
#
loop_
_entity_poly.entity_id
_entity_poly.type
_entity_poly.pdbx_seq_one_letter_code
_entity_poly.pdbx_strand_id
1 'polypeptide(L)'
;MKAKLLILLCALSATDADTICIGYHANNSTDTVDTVCEKNVTVTHSVNLLEDSHNGKLCRLKGKAPLQLGNCNIAGWVLG
NPECESLLSNRSWSYIAETPNSENGTCFPGDFADYEELREQLSSVSSFERFEIFPKERSWPNHTTRGVTAACPHAMKSSF
YKNLVWLTEANGSYPNLSRSYVNNQEKEVLVLWGVHHPSNIEDQRTLYRKDNAYVSVVSSNYNRRFTPEIAKRPKVRGQS
GRINYYWTLLEPGDTIIFEATGNLIAPWYAFALSRGPGSGIITSNAPLDECDTKCQTPQGAINSSLPFQNIHPVTIGECP
KYVRSTKLRMVTGLRNIPSFQSRGLFGAIAGFIEGGWTGMMDGWYGYHHQNEQGSGYAADQKSTQNAINCITNKVNSVIE
KMNTQFTAVGKEFNKLEKRMENLNKKVDDGFLDIWTYNAELLVLLENERTLDFHDSNVKNLYEKVKNQLRNNAKELGNGC
FEFYHKCDNECMESVKNGTYDYPKYSEESKLNREKIDGSGYIPEAPRDGQAYVRKDGEWVLLSTFLGSGLNDIFEAQKIE
WHEGHHHHHH
;
A,C,E
2 'polypeptide(L)'
;QVQLLESGPGLVKPSQTLSLTCTVSGGSVSRGGYYWTWIRQHPGKGLEWIAYVTYSGDTSYNPSLRGRVTISLETSMNQF
SLKVTSVTVADTALYFCARVPFYYDTRGVFYGNAEGGFEIWGQGTMATVSSASTKGPSVFPLAPSSKSTSGGTAALGCLV
KDYFPEPVTVSWNSGALTSGVHTFPAVLQSSGLYSLSSVVTVPSSSLGTQTYICNVNHKPSNTKVDKKVEPKSCDKTH
;
G,H,J
3 'polypeptide(L)'
;DIQMTQSPSSLSASVGDRVTITCRASQGITNDLRWYQQKPGKAPQCLISSASRLQSGVSSRFSGSGSGTEFTLTISSLQP
EDFATYYCLQHNSYQWTFGQGTKVEIKRTVAAPSVFIFPPSDEQLKSGTASVVCLLNNFYPREAKVQWKVDNALQSGNSQ
ESVTEQDSKDSTYSLSSTLTLSKADYEKHKVYACEVTHQGLSSPVTKSFNRGEC
;
I,K,L
#
# COMPACT_ATOMS: atom_id res chain seq x y z
N ASP A 18 3.30 -50.88 17.52
CA ASP A 18 4.22 -50.19 16.62
C ASP A 18 3.54 -48.96 16.01
N THR A 19 3.77 -47.80 16.62
CA THR A 19 3.16 -46.55 16.20
C THR A 19 4.23 -45.56 15.78
N ILE A 20 3.96 -44.80 14.74
CA ILE A 20 4.69 -43.56 14.45
C ILE A 20 3.66 -42.46 14.26
N CYS A 21 4.03 -41.23 14.61
CA CYS A 21 3.10 -40.11 14.56
C CYS A 21 3.79 -38.89 13.98
N ILE A 22 3.00 -38.00 13.38
CA ILE A 22 3.48 -36.74 12.82
C ILE A 22 2.92 -35.60 13.66
N GLY A 23 3.80 -34.92 14.38
CA GLY A 23 3.35 -33.84 15.25
C GLY A 23 4.20 -32.61 15.09
N TYR A 24 4.10 -31.66 16.02
CA TYR A 24 4.86 -30.44 15.88
C TYR A 24 5.25 -29.86 17.23
N HIS A 25 5.86 -28.68 17.16
CA HIS A 25 6.51 -28.06 18.30
C HIS A 25 5.52 -27.26 19.15
N ALA A 26 5.68 -27.36 20.45
CA ALA A 26 4.93 -26.54 21.41
C ALA A 26 5.79 -26.34 22.64
N ASN A 27 5.60 -25.21 23.32
CA ASN A 27 6.41 -24.85 24.47
C ASN A 27 5.61 -23.93 25.38
N ASN A 28 6.32 -23.30 26.33
CA ASN A 28 5.71 -22.45 27.34
C ASN A 28 5.66 -20.99 26.92
N SER A 29 5.86 -20.70 25.64
CA SER A 29 5.91 -19.32 25.18
C SER A 29 4.52 -18.69 25.16
N THR A 30 4.46 -17.42 25.58
CA THR A 30 3.21 -16.66 25.62
C THR A 30 3.23 -15.49 24.64
N ASP A 31 3.95 -15.60 23.53
CA ASP A 31 4.02 -14.54 22.55
C ASP A 31 2.72 -14.45 21.76
N THR A 32 2.04 -13.31 21.84
CA THR A 32 0.76 -13.12 21.19
C THR A 32 0.94 -12.27 19.93
N VAL A 33 0.35 -12.73 18.83
CA VAL A 33 0.41 -12.04 17.56
C VAL A 33 -0.99 -11.71 17.10
N ASP A 34 -1.08 -10.87 16.07
CA ASP A 34 -2.35 -10.54 15.44
C ASP A 34 -2.33 -11.00 14.00
N THR A 35 -3.26 -11.89 13.66
CA THR A 35 -3.66 -12.13 12.28
C THR A 35 -4.85 -11.23 11.98
N VAL A 36 -5.40 -11.32 10.78
CA VAL A 36 -6.46 -10.38 10.44
C VAL A 36 -7.81 -10.89 10.96
N CYS A 37 -8.00 -12.21 11.04
CA CYS A 37 -9.33 -12.67 11.44
C CYS A 37 -9.31 -13.15 12.88
N GLU A 38 -8.13 -13.41 13.41
CA GLU A 38 -7.94 -13.89 14.77
C GLU A 38 -6.93 -12.99 15.47
N LYS A 39 -7.22 -12.65 16.72
CA LYS A 39 -6.38 -11.74 17.50
C LYS A 39 -5.85 -12.47 18.73
N ASN A 40 -4.66 -12.04 19.18
CA ASN A 40 -3.94 -12.58 20.33
C ASN A 40 -3.67 -14.08 20.20
N VAL A 41 -3.17 -14.48 19.02
CA VAL A 41 -2.80 -15.87 18.79
C VAL A 41 -1.47 -16.17 19.45
N THR A 42 -1.45 -17.16 20.33
CA THR A 42 -0.23 -17.54 21.04
C THR A 42 0.62 -18.41 20.14
N VAL A 43 1.87 -18.00 19.92
CA VAL A 43 2.76 -18.68 18.99
C VAL A 43 4.01 -19.15 19.74
N THR A 44 4.66 -20.18 19.20
CA THR A 44 5.83 -20.76 19.86
C THR A 44 7.05 -19.85 19.73
N HIS A 45 7.29 -19.31 18.55
CA HIS A 45 8.41 -18.40 18.33
C HIS A 45 7.92 -17.19 17.55
N SER A 46 8.46 -16.03 17.87
CA SER A 46 8.14 -14.79 17.18
C SER A 46 9.32 -13.84 17.31
N VAL A 47 9.38 -12.85 16.41
CA VAL A 47 10.39 -11.82 16.47
C VAL A 47 9.70 -10.47 16.63
N ASN A 48 10.36 -9.55 17.31
CA ASN A 48 9.87 -8.18 17.43
C ASN A 48 10.56 -7.30 16.40
N LEU A 49 9.79 -6.46 15.73
CA LEU A 49 10.32 -5.56 14.72
C LEU A 49 10.33 -4.11 15.19
N LEU A 50 9.77 -3.84 16.37
CA LEU A 50 9.46 -2.49 16.80
C LEU A 50 10.27 -2.13 18.03
N GLU A 51 10.91 -0.96 17.99
CA GLU A 51 11.56 -0.40 19.17
C GLU A 51 10.68 0.67 19.80
N ASP A 52 10.36 0.48 21.07
CA ASP A 52 9.54 1.42 21.82
C ASP A 52 10.30 2.07 22.98
N SER A 53 11.59 1.76 23.14
CA SER A 53 12.38 2.26 24.25
C SER A 53 13.59 3.02 23.72
N HIS A 54 13.89 4.13 24.39
CA HIS A 54 15.02 4.98 24.05
C HIS A 54 15.87 5.21 25.29
N ASN A 55 16.93 6.01 25.12
CA ASN A 55 17.79 6.36 26.24
C ASN A 55 17.10 7.31 27.20
N GLY A 56 16.28 8.21 26.67
CA GLY A 56 15.69 9.27 27.46
C GLY A 56 16.56 10.49 27.62
N LYS A 57 17.78 10.44 27.12
CA LYS A 57 18.78 11.49 27.32
C LYS A 57 19.40 11.84 25.98
N LEU A 58 19.51 13.13 25.71
CA LEU A 58 20.21 13.61 24.52
C LEU A 58 21.70 13.30 24.65
N CYS A 59 22.30 12.82 23.56
CA CYS A 59 23.72 12.47 23.60
C CYS A 59 24.32 12.59 22.21
N ARG A 60 25.58 12.17 22.11
CA ARG A 60 26.39 12.43 20.93
C ARG A 60 26.03 11.45 19.81
N LEU A 61 26.59 11.70 18.63
CA LEU A 61 26.35 10.87 17.45
C LEU A 61 27.69 10.58 16.79
N LYS A 62 28.09 9.29 16.83
CA LYS A 62 29.33 8.76 16.24
C LYS A 62 30.58 9.48 16.77
N GLY A 63 30.60 9.76 18.07
CA GLY A 63 31.73 10.43 18.67
C GLY A 63 31.85 11.89 18.34
N LYS A 64 30.76 12.54 17.95
CA LYS A 64 30.74 13.96 17.60
C LYS A 64 29.73 14.67 18.47
N ALA A 65 30.17 15.70 19.18
CA ALA A 65 29.29 16.43 20.08
C ALA A 65 28.35 17.33 19.29
N PRO A 66 27.06 17.33 19.65
CA PRO A 66 26.12 18.22 18.98
C PRO A 66 26.29 19.66 19.43
N LEU A 67 25.83 20.58 18.60
CA LEU A 67 25.75 21.99 19.00
C LEU A 67 24.47 22.17 19.80
N GLN A 68 24.61 22.25 21.12
CA GLN A 68 23.48 22.54 22.00
C GLN A 68 23.34 24.06 22.08
N LEU A 69 22.22 24.58 21.57
CA LEU A 69 21.96 26.02 21.65
C LEU A 69 21.65 26.43 23.09
N GLY A 70 20.94 25.59 23.83
CA GLY A 70 20.62 25.91 25.21
C GLY A 70 19.50 26.92 25.28
N ASN A 71 19.81 28.11 25.80
CA ASN A 71 18.84 29.18 25.86
C ASN A 71 18.76 30.01 24.58
N CYS A 72 19.53 29.65 23.57
CA CYS A 72 19.62 30.45 22.36
C CYS A 72 18.67 29.96 21.28
N ASN A 73 18.42 30.84 20.31
CA ASN A 73 17.71 30.52 19.09
C ASN A 73 18.72 30.26 17.98
N ILE A 74 18.20 29.94 16.80
CA ILE A 74 19.01 30.01 15.59
C ILE A 74 19.43 31.44 15.30
N ALA A 75 18.51 32.40 15.50
CA ALA A 75 18.74 33.82 15.29
C ALA A 75 19.81 34.40 16.21
N GLY A 76 19.78 34.04 17.49
CA GLY A 76 20.76 34.58 18.43
C GLY A 76 22.15 33.98 18.24
N TRP A 77 22.22 32.80 17.62
CA TRP A 77 23.51 32.20 17.31
C TRP A 77 24.18 32.92 16.14
N VAL A 78 23.43 33.19 15.07
CA VAL A 78 24.05 33.79 13.89
C VAL A 78 24.17 35.30 14.05
N LEU A 79 23.29 35.91 14.86
CA LEU A 79 23.45 37.33 15.18
C LEU A 79 24.52 37.52 16.24
N GLY A 80 24.85 36.48 16.98
CA GLY A 80 25.85 36.56 18.02
C GLY A 80 25.35 37.31 19.24
N ASN A 81 24.39 36.73 19.94
CA ASN A 81 23.81 37.35 21.13
C ASN A 81 24.87 37.40 22.24
N PRO A 82 24.83 38.41 23.12
CA PRO A 82 25.75 38.43 24.28
C PRO A 82 25.66 37.23 25.20
N GLU A 83 24.47 36.67 25.41
CA GLU A 83 24.36 35.45 26.21
C GLU A 83 24.79 34.23 25.39
N CYS A 84 24.72 34.32 24.07
CA CYS A 84 25.13 33.23 23.18
C CYS A 84 26.57 33.44 22.71
N GLU A 85 27.47 33.56 23.68
CA GLU A 85 28.89 33.77 23.40
C GLU A 85 29.70 32.48 23.39
N SER A 86 29.17 31.41 23.98
CA SER A 86 29.89 30.14 23.99
C SER A 86 29.85 29.46 22.62
N LEU A 87 28.80 29.74 21.84
CA LEU A 87 28.65 29.11 20.54
C LEU A 87 29.51 29.77 19.46
N LEU A 88 30.05 30.95 19.73
CA LEU A 88 30.81 31.71 18.72
C LEU A 88 32.28 31.29 18.78
N SER A 89 32.54 30.07 18.31
CA SER A 89 33.88 29.52 18.21
C SER A 89 33.87 28.50 17.08
N ASN A 90 35.03 28.28 16.47
CA ASN A 90 35.13 27.35 15.34
C ASN A 90 34.92 25.92 15.81
N ARG A 91 33.86 25.30 15.32
CA ARG A 91 33.46 23.98 15.81
C ARG A 91 32.72 23.23 14.70
N SER A 92 32.65 21.91 14.89
CA SER A 92 31.88 21.02 14.04
C SER A 92 30.96 20.20 14.92
N TRP A 93 29.90 19.65 14.30
CA TRP A 93 28.89 18.98 15.09
C TRP A 93 28.20 17.92 14.23
N SER A 94 27.41 17.09 14.89
CA SER A 94 26.55 16.11 14.22
C SER A 94 25.13 16.62 14.02
N TYR A 95 24.61 17.38 14.98
CA TYR A 95 23.30 18.00 14.85
C TYR A 95 23.25 19.24 15.73
N ILE A 96 22.16 19.99 15.58
CA ILE A 96 21.90 21.18 16.38
C ILE A 96 20.77 20.87 17.35
N ALA A 97 21.03 21.06 18.64
CA ALA A 97 20.06 20.79 19.68
C ALA A 97 19.53 22.11 20.22
N GLU A 98 18.21 22.27 20.22
CA GLU A 98 17.59 23.53 20.59
C GLU A 98 16.42 23.29 21.54
N THR A 99 16.27 24.20 22.50
CA THR A 99 15.13 24.17 23.42
C THR A 99 13.88 24.60 22.65
N PRO A 100 12.71 23.96 22.90
CA PRO A 100 11.46 24.41 22.26
C PRO A 100 11.04 25.85 22.59
N ASN A 101 11.35 26.33 23.78
CA ASN A 101 11.06 27.71 24.17
C ASN A 101 12.34 28.35 24.68
N SER A 102 13.06 29.03 23.78
CA SER A 102 14.29 29.73 24.11
C SER A 102 14.10 31.21 23.81
N GLU A 103 14.58 32.06 24.72
CA GLU A 103 14.29 33.48 24.64
C GLU A 103 15.46 34.32 24.14
N ASN A 104 16.69 33.80 24.17
CA ASN A 104 17.86 34.58 23.79
C ASN A 104 18.07 34.48 22.27
N GLY A 105 17.25 35.25 21.54
CA GLY A 105 17.38 35.34 20.10
C GLY A 105 17.81 36.73 19.68
N THR A 106 16.87 37.50 19.14
CA THR A 106 17.10 38.90 18.80
C THR A 106 16.82 39.74 20.04
N CYS A 107 17.88 40.24 20.66
CA CYS A 107 17.72 41.05 21.87
C CYS A 107 17.15 42.43 21.56
N PHE A 108 17.65 43.08 20.52
CA PHE A 108 16.98 44.27 20.03
C PHE A 108 15.81 43.86 19.15
N PRO A 109 14.63 44.47 19.32
CA PRO A 109 13.44 44.02 18.57
C PRO A 109 13.53 44.34 17.08
N GLY A 110 12.80 43.58 16.29
CA GLY A 110 12.78 43.76 14.85
C GLY A 110 12.41 42.47 14.17
N ASP A 111 12.32 42.54 12.84
CA ASP A 111 11.93 41.41 12.01
C ASP A 111 13.16 40.77 11.42
N PHE A 112 13.37 39.49 11.71
CA PHE A 112 14.41 38.71 11.07
C PHE A 112 13.89 38.23 9.72
N ALA A 113 14.39 38.80 8.63
CA ALA A 113 13.89 38.46 7.31
C ALA A 113 14.45 37.11 6.86
N ASP A 114 13.53 36.23 6.42
CA ASP A 114 13.82 34.86 5.98
C ASP A 114 14.54 34.05 7.05
N TYR A 115 13.95 34.05 8.25
CA TYR A 115 14.50 33.29 9.37
C TYR A 115 14.33 31.80 9.15
N GLU A 116 13.17 31.37 8.67
CA GLU A 116 12.88 29.95 8.52
C GLU A 116 13.61 29.37 7.32
N GLU A 117 13.94 30.21 6.34
CA GLU A 117 14.80 29.78 5.24
C GLU A 117 16.24 29.62 5.72
N LEU A 118 16.68 30.48 6.65
CA LEU A 118 18.00 30.35 7.24
C LEU A 118 18.09 29.08 8.09
N ARG A 119 17.00 28.71 8.75
CA ARG A 119 16.96 27.44 9.48
C ARG A 119 17.07 26.24 8.55
N GLU A 120 16.48 26.31 7.37
CA GLU A 120 16.57 25.21 6.41
C GLU A 120 17.95 25.15 5.77
N GLN A 121 18.59 26.31 5.56
CA GLN A 121 19.97 26.31 5.07
C GLN A 121 20.94 25.78 6.13
N LEU A 122 20.70 26.11 7.40
CA LEU A 122 21.57 25.70 8.49
C LEU A 122 21.24 24.31 9.02
N SER A 123 20.18 23.66 8.52
CA SER A 123 19.93 22.28 8.88
C SER A 123 20.96 21.34 8.27
N SER A 124 21.48 21.68 7.09
CA SER A 124 22.47 20.87 6.40
C SER A 124 23.89 21.44 6.52
N VAL A 125 24.18 22.15 7.61
CA VAL A 125 25.49 22.74 7.85
C VAL A 125 26.14 21.96 8.98
N SER A 126 27.37 21.49 8.75
CA SER A 126 28.10 20.69 9.73
C SER A 126 29.08 21.49 10.56
N SER A 127 29.65 22.57 10.02
CA SER A 127 30.65 23.35 10.74
C SER A 127 30.65 24.77 10.19
N PHE A 128 31.23 25.68 10.97
CA PHE A 128 31.52 27.02 10.48
C PHE A 128 32.92 27.43 10.90
N GLU A 129 33.41 28.49 10.26
CA GLU A 129 34.66 29.16 10.64
C GLU A 129 34.31 30.64 10.80
N ARG A 130 34.19 31.08 12.06
CA ARG A 130 33.88 32.48 12.32
C ARG A 130 35.09 33.36 12.07
N PHE A 131 35.01 34.20 11.04
CA PHE A 131 36.08 35.10 10.67
C PHE A 131 35.55 36.53 10.61
N GLU A 132 36.44 37.48 10.84
CA GLU A 132 36.10 38.90 10.85
C GLU A 132 36.02 39.39 9.42
N ILE A 133 34.80 39.56 8.90
CA ILE A 133 34.62 40.02 7.53
C ILE A 133 34.99 41.49 7.39
N PHE A 134 34.55 42.32 8.33
CA PHE A 134 34.94 43.73 8.38
C PHE A 134 35.48 43.99 9.78
N PRO A 135 36.76 44.34 9.92
CA PRO A 135 37.30 44.63 11.26
C PRO A 135 36.70 45.89 11.85
N LYS A 136 36.58 45.90 13.17
CA LYS A 136 35.89 46.99 13.86
C LYS A 136 36.75 48.25 13.90
N GLU A 137 38.07 48.09 13.79
CA GLU A 137 38.97 49.25 13.91
C GLU A 137 39.53 49.66 12.55
N ARG A 138 39.92 48.68 11.73
CA ARG A 138 40.56 48.99 10.45
C ARG A 138 39.56 49.50 9.43
N SER A 139 38.37 48.89 9.37
CA SER A 139 37.45 49.19 8.29
C SER A 139 36.61 50.43 8.55
N TRP A 140 36.61 50.92 9.80
CA TRP A 140 35.72 52.02 10.18
C TRP A 140 36.53 53.15 10.83
N PRO A 141 37.19 54.01 10.03
CA PRO A 141 37.92 55.11 10.67
C PRO A 141 37.06 56.35 10.91
N ASN A 142 35.94 56.48 10.21
CA ASN A 142 35.14 57.69 10.22
C ASN A 142 33.78 57.51 10.90
N HIS A 143 33.57 56.40 11.61
CA HIS A 143 32.36 56.17 12.37
C HIS A 143 32.72 55.63 13.75
N THR A 144 31.85 55.90 14.72
CA THR A 144 32.05 55.40 16.08
C THR A 144 31.41 54.03 16.19
N THR A 145 32.24 53.00 16.30
CA THR A 145 31.77 51.62 16.35
C THR A 145 31.26 51.21 17.73
N ARG A 146 31.51 52.01 18.76
CA ARG A 146 31.16 51.64 20.13
C ARG A 146 29.69 51.96 20.39
N GLY A 147 28.83 51.13 19.83
CA GLY A 147 27.39 51.28 19.95
C GLY A 147 26.78 50.10 20.69
N VAL A 148 26.29 50.37 21.90
CA VAL A 148 25.61 49.37 22.72
C VAL A 148 24.20 49.86 22.98
N THR A 149 23.36 48.96 23.49
CA THR A 149 21.97 49.27 23.79
C THR A 149 21.54 48.57 25.07
N ALA A 150 20.44 49.05 25.64
CA ALA A 150 19.92 48.47 26.88
C ALA A 150 19.05 47.25 26.63
N ALA A 151 18.76 46.93 25.37
CA ALA A 151 17.95 45.76 25.06
C ALA A 151 18.78 44.48 25.17
N CYS A 152 20.10 44.60 25.14
CA CYS A 152 20.98 43.44 25.16
C CYS A 152 21.94 43.53 26.33
N PRO A 153 21.51 43.15 27.54
CA PRO A 153 22.41 43.24 28.69
C PRO A 153 23.33 42.03 28.84
N HIS A 154 24.61 42.29 29.05
CA HIS A 154 25.60 41.24 29.26
C HIS A 154 26.29 41.48 30.60
N ALA A 155 25.99 40.62 31.58
CA ALA A 155 26.42 40.75 32.98
C ALA A 155 26.05 42.11 33.57
N MET A 156 24.76 42.47 33.43
CA MET A 156 24.13 43.67 33.97
C MET A 156 24.76 44.97 33.49
N LYS A 157 25.30 45.00 32.27
CA LYS A 157 25.71 46.23 31.62
C LYS A 157 25.28 46.18 30.17
N SER A 158 25.17 47.35 29.54
CA SER A 158 24.65 47.44 28.19
C SER A 158 25.66 46.94 27.18
N SER A 159 25.20 46.09 26.26
CA SER A 159 26.05 45.50 25.24
C SER A 159 25.27 45.39 23.94
N PHE A 160 25.93 44.87 22.90
CA PHE A 160 25.33 44.65 21.61
C PHE A 160 25.78 43.28 21.10
N TYR A 161 25.40 42.97 19.87
CA TYR A 161 25.75 41.69 19.25
C TYR A 161 27.24 41.60 19.01
N LYS A 162 27.76 40.38 19.10
CA LYS A 162 29.17 40.10 18.87
C LYS A 162 29.48 39.83 17.40
N ASN A 163 28.47 39.81 16.55
CA ASN A 163 28.66 39.65 15.11
C ASN A 163 28.29 40.89 14.32
N LEU A 164 27.76 41.93 14.96
CA LEU A 164 27.30 43.13 14.27
C LEU A 164 27.87 44.37 14.95
N VAL A 165 27.97 45.44 14.17
CA VAL A 165 28.49 46.72 14.64
C VAL A 165 27.43 47.80 14.40
N TRP A 166 27.03 48.48 15.48
CA TRP A 166 26.13 49.63 15.37
C TRP A 166 26.98 50.86 15.06
N LEU A 167 27.05 51.18 13.78
CA LEU A 167 27.72 52.40 13.36
C LEU A 167 26.85 53.62 13.64
N THR A 168 27.46 54.67 14.16
CA THR A 168 26.79 55.92 14.48
C THR A 168 27.64 57.06 13.92
N GLU A 169 27.32 58.28 14.35
CA GLU A 169 28.06 59.46 13.93
C GLU A 169 29.47 59.47 14.52
N ALA A 170 30.35 60.24 13.90
CA ALA A 170 31.67 60.54 14.45
C ALA A 170 32.00 61.98 14.13
N ASN A 171 32.27 62.77 15.18
CA ASN A 171 32.49 64.22 15.15
C ASN A 171 31.34 64.98 14.48
N GLY A 172 30.10 64.55 14.71
CA GLY A 172 28.94 65.22 14.19
C GLY A 172 28.61 64.94 12.73
N SER A 173 29.29 63.99 12.09
CA SER A 173 29.05 63.70 10.69
C SER A 173 29.06 62.19 10.46
N TYR A 174 28.12 61.73 9.63
CA TYR A 174 28.07 60.36 9.15
C TYR A 174 28.48 60.36 7.68
N PRO A 175 29.69 59.94 7.34
CA PRO A 175 30.10 59.93 5.92
C PRO A 175 29.43 58.82 5.13
N ASN A 176 29.62 58.87 3.82
CA ASN A 176 29.14 57.81 2.95
C ASN A 176 29.96 56.54 3.17
N LEU A 177 29.37 55.40 2.87
CA LEU A 177 29.93 54.10 3.18
C LEU A 177 29.95 53.25 1.92
N SER A 178 31.08 52.61 1.65
CA SER A 178 31.18 51.66 0.54
C SER A 178 32.29 50.68 0.90
N ARG A 179 31.90 49.51 1.43
CA ARG A 179 32.83 48.47 1.83
C ARG A 179 32.52 47.19 1.06
N SER A 180 33.54 46.63 0.42
CA SER A 180 33.39 45.45 -0.40
C SER A 180 34.19 44.29 0.18
N TYR A 181 33.58 43.11 0.18
CA TYR A 181 34.27 41.89 0.59
C TYR A 181 34.14 40.86 -0.53
N VAL A 182 35.27 40.31 -0.94
CA VAL A 182 35.33 39.26 -1.95
C VAL A 182 35.56 37.93 -1.24
N ASN A 183 34.75 36.92 -1.58
CA ASN A 183 34.81 35.62 -0.92
C ASN A 183 36.06 34.87 -1.37
N ASN A 184 37.04 34.78 -0.47
CA ASN A 184 38.26 34.02 -0.72
C ASN A 184 38.36 32.77 0.15
N GLN A 185 37.30 32.40 0.86
CA GLN A 185 37.29 31.21 1.70
C GLN A 185 36.98 29.94 0.93
N GLU A 186 36.58 30.07 -0.35
CA GLU A 186 36.19 28.96 -1.24
C GLU A 186 35.03 28.14 -0.69
N LYS A 187 34.15 28.79 0.07
CA LYS A 187 32.99 28.14 0.68
C LYS A 187 31.83 29.13 0.67
N GLU A 188 30.67 28.66 1.11
CA GLU A 188 29.55 29.56 1.33
C GLU A 188 29.75 30.34 2.61
N VAL A 189 29.59 31.66 2.51
CA VAL A 189 29.79 32.56 3.63
C VAL A 189 28.47 33.23 3.96
N LEU A 190 28.04 33.09 5.21
CA LEU A 190 26.80 33.69 5.68
C LEU A 190 27.10 35.08 6.23
N VAL A 191 26.59 36.11 5.55
CA VAL A 191 26.79 37.50 5.95
C VAL A 191 25.48 38.02 6.50
N LEU A 192 25.50 38.55 7.72
CA LEU A 192 24.32 39.11 8.35
C LEU A 192 24.56 40.59 8.64
N TRP A 193 23.50 41.38 8.49
CA TRP A 193 23.55 42.79 8.82
C TRP A 193 22.19 43.20 9.37
N GLY A 194 22.01 44.50 9.57
CA GLY A 194 20.75 45.01 10.06
C GLY A 194 20.56 46.44 9.62
N VAL A 195 19.30 46.86 9.60
CA VAL A 195 18.93 48.23 9.26
C VAL A 195 18.12 48.80 10.43
N HIS A 196 18.62 49.88 11.00
CA HIS A 196 18.02 50.46 12.20
C HIS A 196 16.87 51.38 11.81
N HIS A 197 15.67 51.09 12.31
CA HIS A 197 14.50 51.93 12.09
C HIS A 197 14.19 52.66 13.39
N PRO A 198 14.50 53.96 13.51
CA PRO A 198 14.30 54.66 14.78
C PRO A 198 12.83 54.97 15.06
N SER A 199 12.54 55.41 16.28
CA SER A 199 11.18 55.69 16.69
C SER A 199 10.72 57.11 16.39
N ASN A 200 11.61 58.08 16.51
CA ASN A 200 11.28 59.47 16.20
C ASN A 200 12.38 60.05 15.31
N ILE A 201 12.14 61.27 14.83
CA ILE A 201 13.09 61.91 13.94
C ILE A 201 14.29 62.44 14.71
N GLU A 202 14.13 62.68 16.02
CA GLU A 202 15.21 63.22 16.84
C GLU A 202 16.32 62.20 17.04
N ASP A 203 15.97 60.93 17.22
CA ASP A 203 16.99 59.89 17.35
C ASP A 203 17.70 59.61 16.02
N GLN A 204 16.97 59.74 14.90
CA GLN A 204 17.59 59.57 13.59
C GLN A 204 18.58 60.68 13.29
N ARG A 205 18.21 61.93 13.60
CA ARG A 205 19.15 63.04 13.42
C ARG A 205 20.27 63.02 14.46
N THR A 206 20.02 62.41 15.62
CA THR A 206 21.07 62.28 16.62
C THR A 206 22.12 61.25 16.20
N LEU A 207 21.68 60.09 15.73
CA LEU A 207 22.60 59.01 15.41
C LEU A 207 23.24 59.15 14.04
N TYR A 208 22.47 59.48 13.01
CA TYR A 208 22.96 59.39 11.64
C TYR A 208 23.03 60.73 10.90
N ARG A 209 22.70 61.84 11.55
CA ARG A 209 22.86 63.22 11.04
C ARG A 209 22.20 63.48 9.70
N LYS A 210 21.12 62.80 9.33
CA LYS A 210 20.39 63.15 8.12
C LYS A 210 18.96 62.66 8.21
N ASP A 211 18.06 63.38 7.53
CA ASP A 211 16.65 62.99 7.51
C ASP A 211 16.42 61.75 6.67
N ASN A 212 17.00 61.70 5.47
CA ASN A 212 16.78 60.62 4.52
C ASN A 212 18.07 59.81 4.39
N ALA A 213 18.02 58.55 4.80
CA ALA A 213 19.15 57.65 4.72
C ALA A 213 18.73 56.38 3.99
N TYR A 214 19.72 55.61 3.53
CA TYR A 214 19.45 54.35 2.85
C TYR A 214 20.56 53.36 3.16
N VAL A 215 20.25 52.08 2.98
CA VAL A 215 21.22 51.00 3.01
C VAL A 215 21.10 50.22 1.71
N SER A 216 22.19 50.08 0.97
CA SER A 216 22.19 49.33 -0.27
C SER A 216 23.18 48.17 -0.16
N VAL A 217 22.66 46.95 -0.27
CA VAL A 217 23.46 45.73 -0.18
C VAL A 217 23.30 44.96 -1.47
N VAL A 218 24.37 44.89 -2.27
CA VAL A 218 24.33 44.27 -3.59
C VAL A 218 25.39 43.17 -3.65
N SER A 219 24.97 41.95 -3.96
CA SER A 219 25.84 40.87 -4.38
C SER A 219 25.55 40.53 -5.84
N SER A 220 26.15 39.43 -6.33
CA SER A 220 25.78 38.94 -7.65
C SER A 220 24.39 38.35 -7.67
N ASN A 221 24.00 37.65 -6.60
CA ASN A 221 22.67 37.07 -6.47
C ASN A 221 21.78 37.81 -5.47
N TYR A 222 22.23 38.95 -4.96
CA TYR A 222 21.47 39.74 -4.00
C TYR A 222 21.47 41.19 -4.44
N ASN A 223 20.28 41.82 -4.37
CA ASN A 223 20.15 43.23 -4.73
C ASN A 223 18.93 43.76 -3.98
N ARG A 224 19.18 44.51 -2.91
CA ARG A 224 18.09 45.07 -2.12
C ARG A 224 18.46 46.46 -1.63
N ARG A 225 17.47 47.35 -1.69
CA ARG A 225 17.57 48.71 -1.17
C ARG A 225 16.72 48.81 0.09
N PHE A 226 17.30 49.32 1.16
CA PHE A 226 16.61 49.44 2.44
C PHE A 226 16.43 50.90 2.79
N THR A 227 15.21 51.26 3.18
CA THR A 227 14.89 52.62 3.61
C THR A 227 14.41 52.57 5.05
N PRO A 228 15.01 53.34 5.96
CA PRO A 228 14.48 53.45 7.33
C PRO A 228 13.07 54.01 7.37
N GLU A 229 12.25 53.43 8.23
CA GLU A 229 10.83 53.80 8.37
C GLU A 229 10.63 54.27 9.81
N ILE A 230 10.57 55.59 9.98
CA ILE A 230 10.39 56.16 11.31
C ILE A 230 8.91 56.22 11.64
N ALA A 231 8.51 55.56 12.73
CA ALA A 231 7.11 55.51 13.12
C ALA A 231 7.02 55.33 14.63
N LYS A 232 5.86 55.66 15.17
CA LYS A 232 5.56 55.43 16.58
C LYS A 232 5.14 53.98 16.75
N ARG A 233 5.88 53.24 17.57
CA ARG A 233 5.77 51.80 17.65
C ARG A 233 5.52 51.35 19.08
N PRO A 234 4.90 50.17 19.28
CA PRO A 234 4.83 49.61 20.63
C PRO A 234 6.21 49.19 21.12
N LYS A 235 6.40 49.29 22.43
CA LYS A 235 7.70 48.98 23.04
C LYS A 235 7.85 47.48 23.23
N VAL A 236 8.88 46.92 22.63
CA VAL A 236 9.27 45.53 22.84
C VAL A 236 10.66 45.53 23.46
N ARG A 237 10.77 44.93 24.66
CA ARG A 237 11.99 44.91 25.49
C ARG A 237 12.52 46.32 25.78
N GLY A 238 11.61 47.26 26.02
CA GLY A 238 11.99 48.61 26.40
C GLY A 238 12.43 49.50 25.26
N GLN A 239 12.29 49.07 24.01
CA GLN A 239 12.72 49.84 22.86
C GLN A 239 11.54 50.09 21.93
N SER A 240 11.37 51.34 21.50
CA SER A 240 10.39 51.68 20.49
C SER A 240 10.94 51.65 19.08
N GLY A 241 12.25 51.47 18.92
CA GLY A 241 12.86 51.35 17.62
C GLY A 241 13.11 49.89 17.27
N ARG A 242 13.28 49.65 15.96
CA ARG A 242 13.47 48.29 15.45
C ARG A 242 14.75 48.22 14.64
N ILE A 243 15.49 47.14 14.79
CA ILE A 243 16.53 46.77 13.85
C ILE A 243 16.04 45.56 13.07
N ASN A 244 15.86 45.73 11.78
CA ASN A 244 15.42 44.66 10.89
C ASN A 244 16.65 43.91 10.42
N TYR A 245 16.72 42.62 10.72
CA TYR A 245 17.91 41.82 10.43
C TYR A 245 17.73 41.08 9.11
N TYR A 246 18.78 41.11 8.30
CA TYR A 246 18.80 40.46 7.00
C TYR A 246 20.03 39.57 6.90
N TRP A 247 20.01 38.68 5.92
CA TRP A 247 21.14 37.78 5.69
C TRP A 247 21.21 37.40 4.22
N THR A 248 22.41 37.00 3.79
CA THR A 248 22.61 36.41 2.47
C THR A 248 23.74 35.41 2.56
N LEU A 249 23.79 34.50 1.59
CA LEU A 249 24.82 33.47 1.50
C LEU A 249 25.66 33.75 0.27
N LEU A 250 26.93 34.09 0.48
CA LEU A 250 27.83 34.34 -0.63
C LEU A 250 28.25 33.04 -1.31
N GLU A 251 28.41 33.11 -2.61
CA GLU A 251 29.02 32.07 -3.40
C GLU A 251 30.54 32.14 -3.27
N PRO A 252 31.26 31.05 -3.55
CA PRO A 252 32.71 31.14 -3.62
C PRO A 252 33.17 31.99 -4.81
N GLY A 253 34.00 32.97 -4.51
CA GLY A 253 34.43 33.92 -5.53
C GLY A 253 33.43 35.00 -5.85
N ASP A 254 32.60 35.39 -4.88
CA ASP A 254 31.57 36.40 -5.08
C ASP A 254 31.87 37.61 -4.22
N THR A 255 31.40 38.77 -4.68
CA THR A 255 31.66 40.05 -4.02
C THR A 255 30.37 40.61 -3.44
N ILE A 256 30.40 40.95 -2.16
CA ILE A 256 29.29 41.63 -1.50
C ILE A 256 29.69 43.10 -1.34
N ILE A 257 28.78 44.02 -1.66
CA ILE A 257 29.04 45.45 -1.52
C ILE A 257 28.00 46.04 -0.58
N PHE A 258 28.49 46.69 0.48
CA PHE A 258 27.64 47.34 1.46
C PHE A 258 27.74 48.85 1.24
N GLU A 259 26.62 49.48 0.90
CA GLU A 259 26.56 50.93 0.76
C GLU A 259 25.50 51.50 1.68
N ALA A 260 25.84 52.59 2.35
CA ALA A 260 24.93 53.23 3.29
C ALA A 260 25.28 54.70 3.43
N THR A 261 24.26 55.50 3.71
CA THR A 261 24.44 56.84 4.25
C THR A 261 23.90 56.97 5.66
N GLY A 262 23.36 55.90 6.21
CA GLY A 262 22.87 55.89 7.58
C GLY A 262 22.14 54.58 7.83
N ASN A 263 21.89 54.34 9.13
CA ASN A 263 21.06 53.24 9.64
C ASN A 263 21.59 51.86 9.23
N LEU A 264 22.90 51.66 9.27
CA LEU A 264 23.49 50.36 8.96
C LEU A 264 24.00 49.72 10.24
N ILE A 265 23.57 48.48 10.48
CA ILE A 265 24.13 47.64 11.53
C ILE A 265 25.08 46.69 10.80
N ALA A 266 26.34 47.09 10.71
CA ALA A 266 27.28 46.49 9.78
C ALA A 266 27.72 45.10 10.23
N PRO A 267 28.06 44.22 9.28
CA PRO A 267 28.62 42.91 9.66
C PRO A 267 30.00 43.05 10.26
N TRP A 268 30.24 42.28 11.32
CA TRP A 268 31.53 42.20 11.97
C TRP A 268 32.16 40.82 11.76
N TYR A 269 31.45 39.75 12.10
CA TYR A 269 31.96 38.40 11.96
C TYR A 269 31.00 37.62 11.06
N ALA A 270 31.56 36.95 10.06
CA ALA A 270 30.79 36.09 9.16
C ALA A 270 31.02 34.63 9.49
N PHE A 271 30.23 33.76 8.85
CA PHE A 271 30.30 32.33 9.07
C PHE A 271 30.61 31.63 7.75
N ALA A 272 31.79 31.02 7.65
CA ALA A 272 32.13 30.23 6.48
C ALA A 272 31.58 28.81 6.65
N LEU A 273 30.49 28.52 5.96
CA LEU A 273 29.66 27.35 6.23
C LEU A 273 30.18 26.13 5.46
N SER A 274 30.22 24.99 6.13
CA SER A 274 30.56 23.71 5.52
C SER A 274 29.34 22.81 5.54
N ARG A 275 28.97 22.27 4.38
CA ARG A 275 27.82 21.39 4.30
C ARG A 275 28.19 19.97 4.71
N GLY A 276 27.17 19.16 4.97
CA GLY A 276 27.37 17.80 5.39
C GLY A 276 26.28 16.87 4.90
N PRO A 277 26.61 15.58 4.74
CA PRO A 277 25.60 14.61 4.29
C PRO A 277 24.50 14.33 5.31
N GLY A 278 24.88 14.03 6.55
CA GLY A 278 23.88 13.76 7.58
C GLY A 278 23.91 14.77 8.71
N SER A 279 22.89 15.63 8.76
CA SER A 279 22.78 16.66 9.79
C SER A 279 21.33 17.09 9.88
N GLY A 280 21.02 17.80 10.97
CA GLY A 280 19.67 18.29 11.17
C GLY A 280 19.60 19.07 12.46
N ILE A 281 18.40 19.60 12.73
CA ILE A 281 18.13 20.35 13.96
C ILE A 281 17.11 19.54 14.75
N ILE A 282 17.47 19.23 15.99
CA ILE A 282 16.65 18.40 16.87
C ILE A 282 16.16 19.30 17.99
N THR A 283 14.85 19.38 18.15
CA THR A 283 14.24 20.20 19.19
C THR A 283 13.86 19.31 20.35
N SER A 284 14.55 19.47 21.48
CA SER A 284 14.39 18.52 22.57
C SER A 284 14.59 19.23 23.91
N ASN A 285 13.90 18.71 24.92
CA ASN A 285 14.12 19.08 26.31
C ASN A 285 14.99 18.08 27.06
N ALA A 286 15.52 17.08 26.35
CA ALA A 286 16.33 16.07 26.99
C ALA A 286 17.71 16.64 27.35
N PRO A 287 18.28 16.27 28.49
CA PRO A 287 19.60 16.79 28.87
C PRO A 287 20.71 16.16 28.04
N LEU A 288 21.75 16.96 27.77
CA LEU A 288 22.88 16.47 27.00
C LEU A 288 23.81 15.64 27.89
N ASP A 289 24.19 14.48 27.39
CA ASP A 289 25.07 13.56 28.10
C ASP A 289 25.95 12.84 27.09
N GLU A 290 26.59 11.77 27.55
CA GLU A 290 27.62 11.08 26.78
C GLU A 290 27.11 9.74 26.27
N CYS A 291 27.19 9.53 24.96
CA CYS A 291 26.97 8.24 24.34
C CYS A 291 27.72 8.25 23.01
N ASP A 292 27.65 7.13 22.29
CA ASP A 292 28.24 7.01 20.97
C ASP A 292 27.26 6.25 20.08
N THR A 293 25.98 6.64 20.15
CA THR A 293 24.92 5.94 19.45
C THR A 293 24.92 6.31 17.98
N LYS A 294 24.15 5.55 17.19
CA LYS A 294 23.99 5.81 15.77
C LYS A 294 22.62 6.37 15.40
N CYS A 295 21.65 6.32 16.30
CA CYS A 295 20.32 6.85 16.06
C CYS A 295 19.96 7.83 17.17
N GLN A 296 19.49 9.02 16.79
CA GLN A 296 19.18 10.06 17.75
C GLN A 296 17.80 10.63 17.46
N THR A 297 16.92 10.66 18.43
CA THR A 297 15.56 11.16 18.32
C THR A 297 15.48 12.28 19.37
N PRO A 298 14.66 13.33 19.34
CA PRO A 298 14.48 14.29 20.44
C PRO A 298 14.22 13.64 21.78
N GLN A 299 13.58 12.47 21.81
CA GLN A 299 13.23 11.83 23.06
C GLN A 299 14.32 10.92 23.60
N GLY A 300 15.42 10.72 22.88
CA GLY A 300 16.49 9.88 23.35
C GLY A 300 17.28 9.30 22.20
N ALA A 301 18.07 8.28 22.51
CA ALA A 301 18.90 7.58 21.54
C ALA A 301 18.52 6.11 21.46
N ILE A 302 18.82 5.50 20.32
CA ILE A 302 18.39 4.14 20.00
C ILE A 302 19.62 3.32 19.62
N ASN A 303 19.81 2.17 20.29
CA ASN A 303 20.90 1.24 19.99
C ASN A 303 20.35 -0.16 19.73
N SER A 304 19.89 -0.39 18.50
CA SER A 304 19.40 -1.70 18.09
C SER A 304 19.44 -1.78 16.56
N SER A 305 19.25 -3.01 16.05
CA SER A 305 19.11 -3.26 14.63
C SER A 305 17.67 -3.65 14.27
N LEU A 306 16.72 -3.31 15.12
CA LEU A 306 15.32 -3.50 14.79
C LEU A 306 14.89 -2.54 13.68
N PRO A 307 14.05 -3.00 12.75
CA PRO A 307 13.75 -2.16 11.58
C PRO A 307 12.81 -1.00 11.84
N PHE A 308 11.96 -1.06 12.87
CA PHE A 308 10.89 -0.07 13.05
C PHE A 308 10.99 0.57 14.42
N GLN A 309 10.26 1.68 14.58
CA GLN A 309 10.20 2.42 15.84
C GLN A 309 8.83 3.08 15.93
N ASN A 310 8.49 3.54 17.12
CA ASN A 310 7.31 4.38 17.30
C ASN A 310 7.59 5.50 18.29
N ILE A 311 8.81 6.06 18.24
CA ILE A 311 9.20 7.05 19.23
C ILE A 311 8.98 8.46 18.69
N HIS A 312 9.67 8.81 17.59
CA HIS A 312 9.59 10.15 17.06
C HIS A 312 9.92 10.08 15.57
N PRO A 313 9.23 10.86 14.72
CA PRO A 313 9.55 10.82 13.29
C PRO A 313 10.88 11.46 12.94
N VAL A 314 11.26 12.52 13.64
CA VAL A 314 12.47 13.29 13.31
C VAL A 314 13.67 12.54 13.87
N THR A 315 14.37 11.79 13.02
CA THR A 315 15.54 11.01 13.39
C THR A 315 16.65 11.22 12.38
N ILE A 316 17.88 11.37 12.86
CA ILE A 316 19.06 11.43 11.99
C ILE A 316 19.99 10.28 12.36
N GLY A 317 20.82 9.88 11.40
CA GLY A 317 21.76 8.79 11.58
C GLY A 317 21.22 7.52 10.98
N GLU A 318 21.77 6.40 11.43
CA GLU A 318 21.28 5.08 11.02
C GLU A 318 20.14 4.70 11.95
N CYS A 319 18.90 4.83 11.47
CA CYS A 319 17.75 4.79 12.35
C CYS A 319 16.68 3.85 11.82
N PRO A 320 15.87 3.27 12.72
CA PRO A 320 14.71 2.51 12.27
C PRO A 320 13.63 3.40 11.69
N LYS A 321 12.79 2.81 10.86
CA LYS A 321 11.70 3.53 10.20
C LYS A 321 10.57 3.80 11.19
N TYR A 322 9.92 4.96 11.04
CA TYR A 322 8.88 5.36 11.98
C TYR A 322 7.53 4.86 11.52
N VAL A 323 6.80 4.21 12.42
CA VAL A 323 5.40 3.83 12.21
C VAL A 323 4.61 4.21 13.46
N ARG A 324 3.31 4.46 13.29
CA ARG A 324 2.39 4.64 14.42
C ARG A 324 1.82 3.30 14.88
N SER A 325 2.71 2.44 15.37
CA SER A 325 2.34 1.08 15.76
C SER A 325 2.65 0.86 17.24
N THR A 326 1.74 0.18 17.93
CA THR A 326 2.01 -0.22 19.31
C THR A 326 2.68 -1.58 19.35
N LYS A 327 2.42 -2.43 18.36
CA LYS A 327 3.00 -3.76 18.29
C LYS A 327 3.13 -4.20 16.84
N LEU A 328 4.33 -4.67 16.48
CA LEU A 328 4.57 -5.35 15.21
C LEU A 328 5.42 -6.59 15.51
N ARG A 329 4.76 -7.73 15.61
CA ARG A 329 5.40 -9.01 15.82
C ARG A 329 5.14 -9.90 14.63
N MET A 330 6.21 -10.51 14.11
CA MET A 330 6.13 -11.48 13.03
C MET A 330 6.12 -12.88 13.61
N VAL A 331 5.23 -13.73 13.08
CA VAL A 331 5.24 -15.13 13.49
C VAL A 331 6.43 -15.83 12.85
N THR A 332 7.28 -16.42 13.69
CA THR A 332 8.38 -17.24 13.23
C THR A 332 8.28 -18.62 13.88
N GLY A 333 7.07 -19.15 13.96
CA GLY A 333 6.87 -20.40 14.66
C GLY A 333 5.46 -20.89 14.43
N LEU A 334 5.11 -21.95 15.14
CA LEU A 334 3.77 -22.49 14.97
C LEU A 334 2.85 -21.91 16.03
N ARG A 335 1.56 -22.23 15.93
CA ARG A 335 0.64 -21.88 17.00
C ARG A 335 0.92 -22.73 18.23
N ASN A 336 0.86 -22.09 19.39
CA ASN A 336 1.22 -22.75 20.65
C ASN A 336 -0.01 -23.47 21.17
N ILE A 337 -0.23 -24.67 20.63
CA ILE A 337 -1.34 -25.52 21.04
C ILE A 337 -0.76 -26.70 21.81
N PRO A 338 -0.79 -26.69 23.14
CA PRO A 338 -0.18 -27.78 23.91
C PRO A 338 -1.13 -28.95 24.10
N SER A 339 -0.60 -30.15 23.83
CA SER A 339 -1.28 -31.45 23.91
C SER A 339 -2.58 -31.52 23.10
N ALA A 348 -0.01 -41.77 25.82
CA ALA A 348 -0.89 -41.50 24.70
C ALA A 348 -0.43 -40.28 23.93
N ILE A 349 0.67 -40.42 23.19
CA ILE A 349 1.24 -39.34 22.39
C ILE A 349 0.66 -39.47 20.99
N ALA A 350 -0.12 -38.46 20.58
CA ALA A 350 -0.77 -38.45 19.28
C ALA A 350 -0.24 -37.29 18.44
N GLY A 351 -0.64 -37.27 17.17
CA GLY A 351 -0.06 -36.38 16.19
C GLY A 351 -0.63 -34.99 16.18
N PHE A 352 -0.74 -34.44 14.97
CA PHE A 352 -0.98 -32.99 14.82
C PHE A 352 -2.44 -32.63 14.90
N ILE A 353 -3.34 -33.62 14.82
CA ILE A 353 -4.77 -33.34 14.96
C ILE A 353 -5.11 -32.98 16.40
N GLU A 354 -4.51 -33.68 17.36
CA GLU A 354 -4.78 -33.41 18.77
C GLU A 354 -4.11 -32.14 19.24
N GLY A 355 -2.88 -31.88 18.80
CA GLY A 355 -2.18 -30.67 19.18
C GLY A 355 -0.69 -30.84 18.99
N GLY A 356 0.07 -29.97 19.66
CA GLY A 356 1.51 -29.96 19.57
C GLY A 356 2.18 -30.72 20.69
N TRP A 357 3.48 -30.90 20.47
CA TRP A 357 4.34 -31.66 21.39
C TRP A 357 5.35 -30.79 22.09
N THR A 358 5.31 -30.71 23.41
CA THR A 358 6.26 -29.94 24.23
C THR A 358 7.61 -30.63 24.30
N GLY A 359 7.71 -31.90 23.91
CA GLY A 359 8.96 -32.68 23.94
C GLY A 359 9.65 -32.70 22.61
N MET A 360 9.06 -32.11 21.59
CA MET A 360 9.80 -31.94 20.32
C MET A 360 10.45 -30.59 20.51
N MET A 361 11.73 -30.56 20.81
CA MET A 361 12.39 -29.31 21.17
C MET A 361 13.50 -29.05 20.18
N ASP A 362 13.76 -29.97 19.28
CA ASP A 362 14.93 -29.92 18.40
C ASP A 362 14.44 -29.61 17.00
N GLY A 363 13.26 -29.03 16.87
CA GLY A 363 12.70 -28.77 15.56
C GLY A 363 11.32 -28.29 15.70
N TRP A 364 10.65 -28.12 14.59
CA TRP A 364 9.25 -27.67 14.57
C TRP A 364 8.44 -28.80 13.98
N TYR A 365 9.03 -29.65 13.11
CA TYR A 365 8.31 -30.79 12.56
C TYR A 365 9.11 -32.04 12.84
N GLY A 366 8.43 -33.14 13.09
CA GLY A 366 9.16 -34.37 13.35
C GLY A 366 8.23 -35.51 13.70
N TYR A 367 8.79 -36.48 14.41
CA TYR A 367 8.21 -37.80 14.55
C TYR A 367 8.32 -38.27 15.98
N HIS A 368 7.36 -39.11 16.39
CA HIS A 368 7.46 -39.86 17.63
C HIS A 368 7.19 -41.33 17.32
N HIS A 369 8.16 -42.18 17.60
CA HIS A 369 8.06 -43.60 17.32
C HIS A 369 7.89 -44.38 18.62
N GLN A 370 7.12 -45.45 18.56
CA GLN A 370 6.99 -46.40 19.65
C GLN A 370 7.11 -47.80 19.08
N ASN A 371 8.11 -48.55 19.54
CA ASN A 371 8.28 -49.93 19.10
C ASN A 371 8.90 -50.74 20.24
N GLU A 372 9.48 -51.88 19.86
CA GLU A 372 10.00 -52.84 20.84
C GLU A 372 11.21 -52.29 21.58
N GLN A 373 12.06 -51.53 20.88
CA GLN A 373 13.33 -51.11 21.48
C GLN A 373 13.16 -49.91 22.41
N GLY A 374 12.42 -48.90 21.97
CA GLY A 374 12.24 -47.73 22.81
C GLY A 374 11.28 -46.73 22.18
N SER A 375 11.05 -45.65 22.92
CA SER A 375 10.16 -44.58 22.48
C SER A 375 10.84 -43.24 22.66
N GLY A 376 10.70 -42.37 21.67
CA GLY A 376 11.28 -41.04 21.75
C GLY A 376 10.83 -40.15 20.61
N TYR A 377 11.13 -38.86 20.76
CA TYR A 377 10.81 -37.86 19.75
C TYR A 377 12.03 -37.64 18.85
N ALA A 378 11.80 -37.62 17.54
CA ALA A 378 12.83 -37.30 16.57
C ALA A 378 12.34 -36.19 15.67
N ALA A 379 13.07 -35.07 15.66
CA ALA A 379 12.68 -33.95 14.81
C ALA A 379 13.17 -34.15 13.39
N ASP A 380 12.40 -33.63 12.44
CA ASP A 380 12.78 -33.65 11.03
C ASP A 380 13.56 -32.38 10.75
N GLN A 381 14.88 -32.52 10.59
CA GLN A 381 15.75 -31.35 10.47
C GLN A 381 15.66 -30.74 9.07
N LYS A 382 15.33 -31.53 8.06
CA LYS A 382 15.28 -31.03 6.69
C LYS A 382 14.08 -30.12 6.47
N SER A 383 12.89 -30.54 6.94
CA SER A 383 11.70 -29.72 6.78
C SER A 383 11.74 -28.49 7.68
N THR A 384 12.35 -28.61 8.86
CA THR A 384 12.53 -27.46 9.74
C THR A 384 13.50 -26.46 9.13
N GLN A 385 14.57 -26.96 8.50
CA GLN A 385 15.53 -26.07 7.83
C GLN A 385 14.92 -25.39 6.62
N ASN A 386 14.12 -26.11 5.83
CA ASN A 386 13.42 -25.49 4.70
C ASN A 386 12.32 -24.54 5.14
N ALA A 387 11.76 -24.73 6.34
CA ALA A 387 10.83 -23.74 6.87
C ALA A 387 11.57 -22.49 7.34
N ILE A 388 12.72 -22.67 7.99
CA ILE A 388 13.59 -21.57 8.44
C ILE A 388 14.06 -20.73 7.26
N ASN A 389 14.36 -21.39 6.13
CA ASN A 389 14.80 -20.70 4.91
C ASN A 389 13.73 -19.81 4.31
N CYS A 390 12.44 -20.09 4.53
CA CYS A 390 11.41 -19.16 4.09
C CYS A 390 11.01 -18.14 5.13
N ILE A 391 11.04 -18.49 6.42
CA ILE A 391 10.69 -17.51 7.46
C ILE A 391 11.77 -16.42 7.56
N THR A 392 13.04 -16.80 7.40
CA THR A 392 14.14 -15.84 7.36
C THR A 392 14.02 -14.91 6.15
N ASN A 393 13.63 -15.44 5.00
CA ASN A 393 13.41 -14.60 3.82
C ASN A 393 12.18 -13.72 3.96
N LYS A 394 11.16 -14.17 4.70
CA LYS A 394 10.00 -13.32 4.99
C LYS A 394 10.38 -12.13 5.85
N VAL A 395 11.15 -12.37 6.92
CA VAL A 395 11.60 -11.29 7.80
C VAL A 395 12.55 -10.36 7.05
N ASN A 396 13.42 -10.92 6.20
CA ASN A 396 14.35 -10.14 5.40
C ASN A 396 13.62 -9.26 4.38
N SER A 397 12.58 -9.79 3.73
CA SER A 397 11.84 -9.01 2.75
C SER A 397 10.97 -7.95 3.42
N VAL A 398 10.47 -8.24 4.62
CA VAL A 398 9.72 -7.24 5.39
C VAL A 398 10.64 -6.09 5.80
N ILE A 399 11.89 -6.40 6.17
CA ILE A 399 12.85 -5.34 6.51
C ILE A 399 13.28 -4.57 5.27
N GLU A 400 13.49 -5.27 4.14
CA GLU A 400 14.06 -4.63 2.95
C GLU A 400 13.03 -3.77 2.21
N LYS A 401 11.77 -4.20 2.17
CA LYS A 401 10.81 -3.56 1.28
C LYS A 401 10.30 -2.22 1.80
N MET A 402 10.37 -1.97 3.12
CA MET A 402 9.87 -0.72 3.67
C MET A 402 10.91 0.38 3.41
N ASN A 403 10.50 1.42 2.69
CA ASN A 403 11.39 2.44 2.15
C ASN A 403 10.95 3.84 2.55
N THR A 404 10.73 4.07 3.85
CA THR A 404 10.35 5.38 4.34
C THR A 404 11.53 6.34 4.21
N GLN A 405 11.24 7.62 4.03
CA GLN A 405 12.25 8.65 4.00
C GLN A 405 12.34 9.32 5.37
N PHE A 406 13.57 9.49 5.86
CA PHE A 406 13.78 9.98 7.21
C PHE A 406 13.61 11.50 7.27
N THR A 407 12.90 11.96 8.28
CA THR A 407 12.78 13.38 8.60
C THR A 407 13.96 13.76 9.47
N ALA A 408 14.66 14.82 9.10
CA ALA A 408 15.88 15.22 9.80
C ALA A 408 15.75 16.50 10.61
N VAL A 409 14.94 17.46 10.16
CA VAL A 409 14.89 18.76 10.83
C VAL A 409 13.48 19.15 11.29
N GLY A 410 12.47 19.03 10.44
CA GLY A 410 11.18 19.63 10.72
C GLY A 410 11.20 21.09 10.30
N LYS A 411 10.26 21.48 9.45
CA LYS A 411 10.28 22.83 8.89
C LYS A 411 9.43 23.78 9.71
N GLU A 412 9.90 25.02 9.82
CA GLU A 412 9.18 26.08 10.52
C GLU A 412 8.61 27.06 9.51
N PHE A 413 7.46 27.64 9.85
CA PHE A 413 6.76 28.59 8.99
C PHE A 413 6.28 29.74 9.86
N ASN A 414 6.17 30.91 9.25
CA ASN A 414 5.73 32.10 9.98
C ASN A 414 4.21 32.19 9.98
N LYS A 415 3.70 33.35 10.41
CA LYS A 415 2.26 33.53 10.57
C LYS A 415 1.54 33.68 9.24
N LEU A 416 2.23 34.09 8.18
CA LEU A 416 1.60 34.28 6.88
C LEU A 416 1.95 33.16 5.90
N GLU A 417 2.27 31.98 6.41
CA GLU A 417 2.51 30.79 5.60
C GLU A 417 1.74 29.62 6.18
N LYS A 418 0.44 29.83 6.48
CA LYS A 418 -0.38 28.79 7.07
C LYS A 418 -0.74 27.73 6.03
N ARG A 419 -0.88 28.13 4.76
CA ARG A 419 -1.15 27.16 3.70
C ARG A 419 0.03 26.23 3.46
N MET A 420 1.25 26.73 3.66
CA MET A 420 2.44 25.89 3.66
C MET A 420 2.57 25.00 4.87
N GLU A 421 2.22 25.51 6.06
CA GLU A 421 2.29 24.71 7.28
C GLU A 421 1.29 23.57 7.25
N ASN A 422 0.07 23.84 6.75
CA ASN A 422 -0.93 22.79 6.63
C ASN A 422 -0.58 21.77 5.55
N LEU A 423 0.06 22.22 4.46
CA LEU A 423 0.46 21.29 3.40
C LEU A 423 1.62 20.40 3.85
N ASN A 424 2.59 20.97 4.55
CA ASN A 424 3.70 20.18 5.09
C ASN A 424 3.23 19.21 6.17
N LYS A 425 2.27 19.66 7.00
CA LYS A 425 1.66 18.77 7.99
C LYS A 425 0.87 17.65 7.33
N LYS A 426 0.16 17.96 6.24
CA LYS A 426 -0.59 16.95 5.49
C LYS A 426 0.33 15.91 4.86
N VAL A 427 1.46 16.36 4.30
CA VAL A 427 2.43 15.44 3.70
C VAL A 427 3.08 14.56 4.77
N ASP A 428 3.48 15.17 5.90
CA ASP A 428 4.16 14.43 6.96
C ASP A 428 3.22 13.46 7.68
N ASP A 429 1.95 13.82 7.80
CA ASP A 429 0.95 12.97 8.44
C ASP A 429 0.21 12.10 7.45
N GLY A 430 0.52 12.19 6.16
CA GLY A 430 -0.06 11.28 5.19
C GLY A 430 0.90 10.18 4.82
N PHE A 431 2.17 10.53 4.58
CA PHE A 431 3.21 9.54 4.33
C PHE A 431 3.43 8.59 5.49
N LEU A 432 3.42 9.11 6.72
CA LEU A 432 3.64 8.27 7.89
C LEU A 432 2.45 7.34 8.15
N ASP A 433 1.23 7.81 7.86
CA ASP A 433 0.04 6.96 7.96
C ASP A 433 0.04 5.88 6.89
N ILE A 434 0.46 6.22 5.67
CA ILE A 434 0.53 5.24 4.58
C ILE A 434 1.56 4.16 4.87
N TRP A 435 2.74 4.55 5.34
CA TRP A 435 3.77 3.58 5.68
C TRP A 435 3.46 2.78 6.93
N THR A 436 2.74 3.37 7.91
CA THR A 436 2.25 2.63 9.07
C THR A 436 1.26 1.56 8.65
N TYR A 437 0.32 1.91 7.74
CA TYR A 437 -0.64 0.95 7.22
C TYR A 437 0.04 -0.15 6.42
N ASN A 438 1.06 0.22 5.64
CA ASN A 438 1.79 -0.75 4.83
C ASN A 438 2.55 -1.75 5.69
N ALA A 439 3.21 -1.26 6.75
CA ALA A 439 3.96 -2.14 7.66
C ALA A 439 3.03 -3.07 8.44
N GLU A 440 1.91 -2.52 8.95
CA GLU A 440 0.95 -3.33 9.70
C GLU A 440 0.26 -4.37 8.81
N LEU A 441 -0.12 -3.97 7.59
CA LEU A 441 -0.79 -4.89 6.68
C LEU A 441 0.14 -6.00 6.23
N LEU A 442 1.42 -5.67 5.98
CA LEU A 442 2.41 -6.67 5.63
C LEU A 442 2.65 -7.65 6.79
N VAL A 443 2.66 -7.13 8.03
CA VAL A 443 2.89 -7.98 9.20
C VAL A 443 1.74 -8.97 9.38
N LEU A 444 0.48 -8.51 9.33
CA LEU A 444 -0.66 -9.43 9.48
C LEU A 444 -0.80 -10.41 8.31
N LEU A 445 -0.55 -9.98 7.07
CA LEU A 445 -0.66 -10.89 5.93
C LEU A 445 0.41 -11.97 5.95
N GLU A 446 1.66 -11.63 6.29
CA GLU A 446 2.66 -12.69 6.34
C GLU A 446 2.58 -13.48 7.65
N ASN A 447 1.90 -12.95 8.67
CA ASN A 447 1.57 -13.78 9.83
C ASN A 447 0.61 -14.90 9.46
N GLU A 448 -0.43 -14.58 8.67
CA GLU A 448 -1.33 -15.63 8.19
C GLU A 448 -0.63 -16.58 7.22
N ARG A 449 0.24 -16.06 6.36
CA ARG A 449 0.96 -16.92 5.42
C ARG A 449 1.93 -17.87 6.15
N THR A 450 2.56 -17.40 7.22
CA THR A 450 3.39 -18.27 8.07
C THR A 450 2.55 -19.33 8.77
N LEU A 451 1.39 -18.94 9.31
CA LEU A 451 0.55 -19.87 10.06
C LEU A 451 -0.10 -20.92 9.16
N ASP A 452 -0.32 -20.60 7.89
CA ASP A 452 -0.77 -21.61 6.92
C ASP A 452 0.37 -22.42 6.33
N PHE A 453 1.57 -21.81 6.20
CA PHE A 453 2.75 -22.49 5.69
C PHE A 453 3.20 -23.60 6.62
N HIS A 454 3.13 -23.37 7.93
CA HIS A 454 3.48 -24.40 8.90
C HIS A 454 2.49 -25.57 8.89
N ASP A 455 1.20 -25.27 8.73
CA ASP A 455 0.18 -26.32 8.64
C ASP A 455 0.36 -27.14 7.37
N SER A 456 0.71 -26.49 6.27
CA SER A 456 1.00 -27.21 5.03
C SER A 456 2.27 -28.05 5.15
N ASN A 457 3.26 -27.59 5.93
CA ASN A 457 4.48 -28.38 6.11
C ASN A 457 4.24 -29.61 6.97
N VAL A 458 3.34 -29.51 7.96
CA VAL A 458 3.00 -30.71 8.73
C VAL A 458 2.16 -31.68 7.89
N LYS A 459 1.19 -31.15 7.12
CA LYS A 459 0.35 -31.98 6.26
C LYS A 459 1.10 -32.65 5.12
N ASN A 460 2.07 -31.99 4.49
CA ASN A 460 2.88 -32.62 3.47
C ASN A 460 3.89 -33.61 4.04
N LEU A 461 4.26 -33.49 5.31
CA LEU A 461 5.03 -34.51 6.00
C LEU A 461 4.22 -35.76 6.29
N TYR A 462 2.97 -35.58 6.76
CA TYR A 462 2.03 -36.67 6.94
C TYR A 462 1.71 -37.36 5.62
N GLU A 463 1.56 -36.58 4.55
CA GLU A 463 1.30 -37.14 3.22
C GLU A 463 2.50 -37.89 2.68
N LYS A 464 3.72 -37.44 3.00
CA LYS A 464 4.92 -38.14 2.58
C LYS A 464 5.06 -39.48 3.29
N VAL A 465 4.79 -39.52 4.60
CA VAL A 465 4.84 -40.77 5.34
C VAL A 465 3.70 -41.71 4.91
N LYS A 466 2.53 -41.19 4.58
CA LYS A 466 1.38 -41.96 4.06
C LYS A 466 1.79 -42.52 2.72
N ASN A 467 2.41 -41.76 1.81
CA ASN A 467 2.77 -42.26 0.50
C ASN A 467 3.91 -43.27 0.56
N GLN A 468 4.78 -43.15 1.56
CA GLN A 468 5.81 -44.16 1.76
C GLN A 468 5.24 -45.46 2.32
N LEU A 469 4.38 -45.37 3.34
CA LEU A 469 3.92 -46.54 4.06
C LEU A 469 2.85 -47.34 3.32
N ARG A 470 1.96 -46.65 2.60
CA ARG A 470 0.87 -47.21 1.80
C ARG A 470 -0.08 -48.09 2.59
N ASN A 471 -0.21 -49.36 2.21
CA ASN A 471 -1.10 -50.30 2.88
C ASN A 471 -0.42 -51.04 4.03
N ASN A 472 0.84 -50.72 4.32
CA ASN A 472 1.51 -51.34 5.46
C ASN A 472 1.20 -50.64 6.78
N ALA A 473 0.46 -49.53 6.73
CA ALA A 473 0.16 -48.75 7.92
C ALA A 473 -1.34 -48.60 8.09
N LYS A 474 -1.79 -48.64 9.35
CA LYS A 474 -3.17 -48.39 9.71
C LYS A 474 -3.27 -47.03 10.39
N GLU A 475 -4.01 -46.12 9.78
CA GLU A 475 -4.19 -44.80 10.36
C GLU A 475 -5.17 -44.86 11.52
N LEU A 476 -4.81 -44.22 12.64
CA LEU A 476 -5.67 -44.15 13.81
C LEU A 476 -6.48 -42.87 13.84
N GLY A 477 -6.67 -42.22 12.69
CA GLY A 477 -6.96 -40.81 12.74
C GLY A 477 -5.71 -40.12 13.23
N ASN A 478 -5.92 -38.98 13.90
CA ASN A 478 -5.03 -38.23 14.80
C ASN A 478 -3.55 -38.14 14.44
N GLY A 479 -3.25 -38.07 13.14
CA GLY A 479 -1.89 -37.92 12.64
C GLY A 479 -0.92 -39.03 12.98
N CYS A 480 -1.38 -40.28 13.02
CA CYS A 480 -0.55 -41.39 13.45
C CYS A 480 -0.74 -42.59 12.54
N PHE A 481 0.24 -43.49 12.52
CA PHE A 481 0.18 -44.71 11.73
C PHE A 481 0.55 -45.89 12.63
N GLU A 482 -0.25 -46.96 12.57
CA GLU A 482 0.11 -48.25 13.15
C GLU A 482 0.51 -49.20 12.04
N PHE A 483 1.73 -49.71 12.09
CA PHE A 483 2.20 -50.66 11.11
C PHE A 483 1.53 -52.01 11.30
N TYR A 484 1.06 -52.60 10.20
CA TYR A 484 0.57 -53.96 10.24
C TYR A 484 1.70 -54.95 10.51
N HIS A 485 2.85 -54.73 9.88
CA HIS A 485 4.04 -55.53 10.13
C HIS A 485 4.78 -54.98 11.35
N LYS A 486 5.95 -55.54 11.65
CA LYS A 486 6.76 -55.10 12.77
C LYS A 486 7.98 -54.35 12.25
N CYS A 487 8.20 -53.15 12.77
CA CYS A 487 9.35 -52.33 12.41
C CYS A 487 10.27 -52.16 13.60
N ASP A 488 11.57 -52.33 13.37
CA ASP A 488 12.59 -52.00 14.36
C ASP A 488 12.93 -50.52 14.24
N ASN A 489 13.92 -50.06 14.99
CA ASN A 489 14.36 -48.64 14.91
C ASN A 489 14.77 -48.32 13.48
N GLU A 490 15.45 -49.21 12.79
CA GLU A 490 15.95 -48.96 11.41
C GLU A 490 14.80 -48.71 10.44
N CYS A 491 13.68 -49.39 10.56
CA CYS A 491 12.51 -49.06 9.73
C CYS A 491 12.00 -47.68 10.13
N MET A 492 11.93 -47.39 11.42
CA MET A 492 11.33 -46.11 11.84
C MET A 492 12.23 -45.10 11.21
N GLU A 493 13.54 -45.28 11.28
CA GLU A 493 14.54 -44.33 10.75
C GLU A 493 14.64 -44.42 9.25
N SER A 494 13.84 -45.26 8.59
CA SER A 494 13.74 -45.28 7.11
C SER A 494 12.56 -44.46 6.64
N VAL A 495 11.47 -44.39 7.41
CA VAL A 495 10.30 -43.53 7.04
C VAL A 495 10.69 -42.10 7.41
N LYS A 496 11.43 -41.93 8.50
CA LYS A 496 11.96 -40.62 8.86
C LYS A 496 12.95 -40.22 7.77
N ASN A 497 13.86 -41.08 7.35
CA ASN A 497 14.81 -40.82 6.23
C ASN A 497 13.92 -40.94 5.00
N GLY A 498 14.34 -40.55 3.83
CA GLY A 498 13.38 -40.61 2.71
C GLY A 498 13.29 -41.99 2.05
N THR A 499 14.10 -42.95 2.47
CA THR A 499 14.18 -44.27 1.82
C THR A 499 13.42 -45.32 2.65
N TYR A 500 12.43 -45.96 2.05
CA TYR A 500 11.64 -46.99 2.70
C TYR A 500 11.36 -48.11 1.71
N ASP A 501 11.52 -49.36 2.16
CA ASP A 501 11.35 -50.52 1.30
C ASP A 501 9.92 -51.05 1.44
N TYR A 502 9.05 -50.54 0.57
CA TYR A 502 7.66 -51.02 0.54
C TYR A 502 7.49 -52.48 0.08
N PRO A 503 8.13 -52.97 -1.02
CA PRO A 503 7.83 -54.38 -1.39
C PRO A 503 8.48 -55.43 -0.50
N LYS A 504 9.38 -55.04 0.41
CA LYS A 504 9.97 -56.02 1.32
C LYS A 504 8.96 -56.46 2.38
N TYR A 505 8.23 -55.52 2.97
CA TYR A 505 7.25 -55.81 3.99
C TYR A 505 5.83 -55.96 3.44
N SER A 506 5.69 -56.23 2.15
CA SER A 506 4.36 -56.26 1.54
C SER A 506 3.59 -57.52 1.92
N GLU A 507 4.28 -58.68 1.96
CA GLU A 507 3.61 -59.94 2.25
C GLU A 507 3.20 -60.04 3.71
N GLU A 508 4.06 -59.54 4.61
CA GLU A 508 3.72 -59.51 6.03
C GLU A 508 2.58 -58.52 6.30
N SER A 509 2.53 -57.43 5.53
CA SER A 509 1.40 -56.51 5.57
C SER A 509 0.11 -57.16 5.09
N LYS A 510 0.20 -57.98 4.06
CA LYS A 510 -0.98 -58.70 3.56
C LYS A 510 -1.49 -59.71 4.57
N LEU A 511 -0.57 -60.43 5.23
CA LEU A 511 -0.95 -61.41 6.24
C LEU A 511 -1.54 -60.73 7.48
N ASN A 512 -0.98 -59.59 7.89
CA ASN A 512 -1.52 -58.92 9.07
C ASN A 512 -2.78 -58.13 8.74
N ARG A 513 -2.99 -57.76 7.48
CA ARG A 513 -4.21 -57.08 7.09
C ARG A 513 -5.37 -58.07 6.93
N GLU A 514 -5.07 -59.29 6.50
CA GLU A 514 -6.11 -60.31 6.39
C GLU A 514 -6.58 -60.79 7.77
N LYS A 515 -5.68 -60.78 8.76
CA LYS A 515 -6.08 -61.17 10.11
C LYS A 515 -6.89 -60.09 10.80
N ILE A 516 -6.63 -58.82 10.48
CA ILE A 516 -7.38 -57.72 11.08
C ILE A 516 -8.52 -57.29 10.17
N ASP B 18 -28.69 -45.44 4.26
CA ASP B 18 -28.17 -44.61 5.34
C ASP B 18 -27.05 -43.70 4.85
N THR B 19 -27.40 -42.46 4.51
CA THR B 19 -26.45 -41.50 3.96
C THR B 19 -26.38 -40.28 4.86
N ILE B 20 -25.17 -39.75 5.03
CA ILE B 20 -24.97 -38.39 5.54
C ILE B 20 -24.07 -37.68 4.54
N CYS B 21 -24.21 -36.35 4.45
CA CYS B 21 -23.49 -35.56 3.47
C CYS B 21 -22.98 -34.27 4.09
N ILE B 22 -21.94 -33.70 3.50
CA ILE B 22 -21.35 -32.44 3.92
C ILE B 22 -21.61 -31.42 2.82
N GLY B 23 -22.47 -30.45 3.08
CA GLY B 23 -22.78 -29.44 2.08
C GLY B 23 -22.69 -28.05 2.63
N TYR B 24 -23.19 -27.06 1.89
CA TYR B 24 -23.10 -25.69 2.36
C TYR B 24 -24.30 -24.87 1.90
N HIS B 25 -24.24 -23.59 2.21
CA HIS B 25 -25.38 -22.68 2.06
C HIS B 25 -25.44 -22.14 0.63
N ALA B 26 -26.67 -22.04 0.11
CA ALA B 26 -26.94 -21.39 -1.15
C ALA B 26 -28.36 -20.82 -1.10
N ASN B 27 -28.56 -19.72 -1.80
CA ASN B 27 -29.84 -19.01 -1.76
C ASN B 27 -30.04 -18.25 -3.06
N ASN B 28 -31.03 -17.37 -3.07
CA ASN B 28 -31.43 -16.62 -4.25
C ASN B 28 -30.70 -15.29 -4.38
N SER B 29 -29.61 -15.10 -3.63
CA SER B 29 -28.92 -13.82 -3.64
C SER B 29 -28.13 -13.63 -4.92
N THR B 30 -28.16 -12.40 -5.45
CA THR B 30 -27.45 -12.04 -6.67
C THR B 30 -26.35 -11.02 -6.41
N ASP B 31 -25.74 -11.04 -5.22
CA ASP B 31 -24.66 -10.11 -4.90
C ASP B 31 -23.39 -10.52 -5.64
N THR B 32 -22.88 -9.61 -6.47
CA THR B 32 -21.69 -9.88 -7.28
C THR B 32 -20.51 -9.13 -6.69
N VAL B 33 -19.38 -9.81 -6.58
CA VAL B 33 -18.16 -9.25 -6.03
C VAL B 33 -17.06 -9.36 -7.08
N ASP B 34 -15.97 -8.64 -6.84
CA ASP B 34 -14.79 -8.72 -7.68
C ASP B 34 -13.70 -9.46 -6.91
N THR B 35 -13.28 -10.59 -7.44
CA THR B 35 -12.11 -11.33 -7.01
C THR B 35 -10.98 -10.83 -7.92
N VAL B 36 -9.73 -11.14 -7.58
CA VAL B 36 -8.63 -10.75 -8.47
C VAL B 36 -8.65 -11.56 -9.76
N CYS B 37 -8.86 -12.88 -9.68
CA CYS B 37 -8.67 -13.61 -10.94
C CYS B 37 -10.01 -13.85 -11.61
N GLU B 38 -11.10 -13.55 -10.92
CA GLU B 38 -12.45 -13.80 -11.39
C GLU B 38 -13.28 -12.55 -11.17
N LYS B 39 -14.19 -12.27 -12.10
CA LYS B 39 -15.04 -11.09 -11.98
C LYS B 39 -16.50 -11.51 -11.93
N ASN B 40 -17.28 -10.73 -11.17
CA ASN B 40 -18.73 -10.88 -10.98
C ASN B 40 -19.08 -12.24 -10.39
N VAL B 41 -18.45 -12.57 -9.27
CA VAL B 41 -18.70 -13.82 -8.56
C VAL B 41 -19.96 -13.65 -7.71
N THR B 42 -20.96 -14.49 -7.94
CA THR B 42 -22.20 -14.42 -7.19
C THR B 42 -22.01 -15.11 -5.84
N VAL B 43 -22.30 -14.40 -4.76
CA VAL B 43 -22.07 -14.88 -3.40
C VAL B 43 -23.36 -14.86 -2.61
N THR B 44 -23.43 -15.70 -1.57
CA THR B 44 -24.66 -15.82 -0.80
C THR B 44 -24.89 -14.63 0.11
N HIS B 45 -23.85 -14.16 0.79
CA HIS B 45 -23.93 -12.99 1.64
C HIS B 45 -22.76 -12.08 1.35
N SER B 46 -23.01 -10.77 1.44
CA SER B 46 -21.97 -9.76 1.25
C SER B 46 -22.37 -8.51 1.99
N VAL B 47 -21.39 -7.66 2.28
CA VAL B 47 -21.63 -6.37 2.92
C VAL B 47 -21.16 -5.27 1.96
N ASN B 48 -21.85 -4.14 2.00
CA ASN B 48 -21.40 -2.97 1.26
C ASN B 48 -20.61 -2.06 2.18
N LEU B 49 -19.50 -1.54 1.68
CA LEU B 49 -18.63 -0.67 2.44
C LEU B 49 -18.68 0.77 1.93
N LEU B 50 -19.37 1.00 0.83
CA LEU B 50 -19.28 2.25 0.09
C LEU B 50 -20.63 2.95 0.10
N GLU B 51 -20.62 4.23 0.45
CA GLU B 51 -21.81 5.07 0.36
C GLU B 51 -21.73 5.94 -0.89
N ASP B 52 -22.75 5.84 -1.74
CA ASP B 52 -22.79 6.59 -2.99
C ASP B 52 -23.99 7.52 -3.08
N SER B 53 -24.78 7.63 -2.02
CA SER B 53 -25.99 8.45 -2.04
C SER B 53 -25.92 9.49 -0.93
N HIS B 54 -26.36 10.70 -1.28
CA HIS B 54 -26.42 11.81 -0.35
C HIS B 54 -27.81 12.42 -0.40
N ASN B 55 -28.03 13.44 0.44
CA ASN B 55 -29.31 14.14 0.43
C ASN B 55 -29.45 15.02 -0.79
N GLY B 56 -28.35 15.59 -1.28
CA GLY B 56 -28.38 16.55 -2.34
C GLY B 56 -28.64 17.97 -1.89
N LYS B 57 -28.86 18.17 -0.60
CA LYS B 57 -29.24 19.46 -0.03
C LYS B 57 -28.27 19.80 1.08
N LEU B 58 -27.96 21.08 1.22
CA LEU B 58 -27.06 21.53 2.27
C LEU B 58 -27.75 21.42 3.63
N CYS B 59 -26.98 21.01 4.65
CA CYS B 59 -27.56 20.68 5.93
C CYS B 59 -26.81 21.40 7.04
N ARG B 60 -27.51 21.59 8.16
CA ARG B 60 -26.85 22.00 9.39
C ARG B 60 -26.12 20.80 9.99
N LEU B 61 -25.10 21.08 10.79
CA LEU B 61 -24.25 20.05 11.36
C LEU B 61 -24.41 20.05 12.87
N LYS B 62 -24.95 18.96 13.41
CA LYS B 62 -25.18 18.72 14.85
C LYS B 62 -26.02 19.82 15.49
N GLY B 63 -27.06 20.27 14.78
CA GLY B 63 -27.93 21.31 15.30
C GLY B 63 -27.33 22.70 15.28
N LYS B 64 -26.30 22.91 14.47
CA LYS B 64 -25.64 24.21 14.34
C LYS B 64 -25.72 24.65 12.89
N ALA B 65 -26.32 25.81 12.65
CA ALA B 65 -26.52 26.29 11.29
C ALA B 65 -25.21 26.79 10.69
N PRO B 66 -24.96 26.48 9.42
CA PRO B 66 -23.74 27.00 8.77
C PRO B 66 -23.86 28.48 8.45
N LEU B 67 -22.71 29.14 8.33
CA LEU B 67 -22.68 30.51 7.83
C LEU B 67 -22.72 30.45 6.31
N GLN B 68 -23.90 30.69 5.74
CA GLN B 68 -24.04 30.75 4.30
C GLN B 68 -23.68 32.17 3.83
N LEU B 69 -22.64 32.27 3.01
CA LEU B 69 -22.27 33.57 2.45
C LEU B 69 -23.27 34.02 1.41
N GLY B 70 -23.82 33.10 0.64
CA GLY B 70 -24.81 33.46 -0.36
C GLY B 70 -24.15 34.08 -1.57
N ASN B 71 -24.41 35.36 -1.79
CA ASN B 71 -23.77 36.10 -2.88
C ASN B 71 -22.43 36.70 -2.47
N CYS B 72 -21.99 36.47 -1.25
CA CYS B 72 -20.81 37.14 -0.72
C CYS B 72 -19.56 36.27 -0.87
N ASN B 73 -18.41 36.92 -0.75
CA ASN B 73 -17.11 36.28 -0.67
C ASN B 73 -16.68 36.22 0.78
N ILE B 74 -15.49 35.66 1.00
CA ILE B 74 -14.80 35.83 2.28
C ILE B 74 -14.41 37.29 2.48
N ALA B 75 -13.93 37.96 1.42
CA ALA B 75 -13.53 39.36 1.43
C ALA B 75 -14.70 40.29 1.71
N GLY B 76 -15.85 40.07 1.07
CA GLY B 76 -16.99 40.94 1.28
C GLY B 76 -17.65 40.74 2.64
N TRP B 77 -17.44 39.56 3.24
CA TRP B 77 -17.91 39.32 4.59
C TRP B 77 -17.09 40.09 5.61
N VAL B 78 -15.76 40.06 5.48
CA VAL B 78 -14.92 40.68 6.48
C VAL B 78 -14.86 42.19 6.27
N LEU B 79 -14.92 42.65 5.01
CA LEU B 79 -14.85 44.09 4.76
C LEU B 79 -16.17 44.78 5.09
N GLY B 80 -17.25 44.01 5.20
CA GLY B 80 -18.55 44.58 5.50
C GLY B 80 -19.19 45.23 4.30
N ASN B 81 -19.32 44.45 3.24
CA ASN B 81 -19.98 44.87 2.01
C ASN B 81 -21.46 45.17 2.33
N PRO B 82 -22.02 46.29 1.81
CA PRO B 82 -23.44 46.59 2.10
C PRO B 82 -24.46 45.55 1.64
N GLU B 83 -24.18 44.76 0.61
CA GLU B 83 -25.05 43.64 0.30
C GLU B 83 -24.85 42.50 1.29
N CYS B 84 -23.68 42.44 1.93
CA CYS B 84 -23.37 41.42 2.93
C CYS B 84 -23.60 41.97 4.34
N GLU B 85 -24.82 42.47 4.56
CA GLU B 85 -25.18 43.07 5.84
C GLU B 85 -25.81 42.08 6.81
N SER B 86 -26.32 40.95 6.31
CA SER B 86 -26.94 39.97 7.19
C SER B 86 -25.88 39.19 7.97
N LEU B 87 -24.67 39.08 7.43
CA LEU B 87 -23.61 38.31 8.07
C LEU B 87 -22.94 39.08 9.20
N LEU B 88 -23.16 40.38 9.30
CA LEU B 88 -22.47 41.22 10.29
C LEU B 88 -23.27 41.25 11.59
N SER B 89 -23.29 40.11 12.27
CA SER B 89 -23.93 39.96 13.56
C SER B 89 -23.20 38.88 14.32
N ASN B 90 -23.26 38.94 15.65
CA ASN B 90 -22.56 37.96 16.49
C ASN B 90 -23.21 36.58 16.37
N ARG B 91 -22.43 35.63 15.86
CA ARG B 91 -22.97 34.32 15.54
C ARG B 91 -21.87 33.27 15.62
N SER B 92 -22.29 32.02 15.71
CA SER B 92 -21.41 30.87 15.64
C SER B 92 -21.94 29.92 14.58
N TRP B 93 -21.08 29.03 14.09
CA TRP B 93 -21.46 28.15 13.00
C TRP B 93 -20.63 26.87 13.08
N SER B 94 -21.02 25.91 12.25
CA SER B 94 -20.26 24.68 12.06
C SER B 94 -19.34 24.73 10.85
N TYR B 95 -19.77 25.37 9.77
CA TYR B 95 -18.93 25.57 8.60
C TYR B 95 -19.39 26.81 7.86
N ILE B 96 -18.61 27.19 6.85
CA ILE B 96 -18.90 28.33 6.00
C ILE B 96 -19.30 27.79 4.63
N ALA B 97 -20.50 28.13 4.18
CA ALA B 97 -21.00 27.70 2.88
C ALA B 97 -20.93 28.88 1.93
N GLU B 98 -20.28 28.68 0.78
CA GLU B 98 -20.04 29.76 -0.17
C GLU B 98 -20.38 29.31 -1.58
N THR B 99 -20.87 30.24 -2.38
CA THR B 99 -21.16 29.99 -3.79
C THR B 99 -19.84 29.88 -4.55
N PRO B 100 -19.74 28.98 -5.54
CA PRO B 100 -18.53 28.95 -6.40
C PRO B 100 -18.26 30.23 -7.17
N ASN B 101 -19.30 30.94 -7.60
CA ASN B 101 -19.16 32.20 -8.31
C ASN B 101 -20.01 33.26 -7.61
N SER B 102 -19.39 34.01 -6.71
CA SER B 102 -20.06 35.08 -5.97
C SER B 102 -19.37 36.40 -6.29
N GLU B 103 -20.16 37.43 -6.57
CA GLU B 103 -19.63 38.69 -7.06
C GLU B 103 -19.54 39.77 -5.99
N ASN B 104 -20.26 39.63 -4.89
CA ASN B 104 -20.29 40.67 -3.85
C ASN B 104 -19.10 40.46 -2.90
N GLY B 105 -17.93 40.90 -3.37
CA GLY B 105 -16.74 40.88 -2.55
C GLY B 105 -16.26 42.28 -2.23
N THR B 106 -15.17 42.70 -2.87
CA THR B 106 -14.66 44.06 -2.73
C THR B 106 -15.35 44.91 -3.80
N CYS B 107 -16.25 45.79 -3.38
CA CYS B 107 -16.99 46.62 -4.32
C CYS B 107 -16.10 47.70 -4.93
N PHE B 108 -15.31 48.37 -4.10
CA PHE B 108 -14.28 49.25 -4.63
C PHE B 108 -13.11 48.40 -5.12
N PRO B 109 -12.55 48.67 -6.30
CA PRO B 109 -11.47 47.83 -6.83
C PRO B 109 -10.17 47.99 -6.05
N GLY B 110 -9.34 46.96 -6.12
CA GLY B 110 -8.08 46.95 -5.42
C GLY B 110 -7.62 45.53 -5.18
N ASP B 111 -6.45 45.43 -4.56
CA ASP B 111 -5.84 44.15 -4.27
C ASP B 111 -6.02 43.82 -2.79
N PHE B 112 -6.67 42.70 -2.51
CA PHE B 112 -6.78 42.20 -1.15
C PHE B 112 -5.50 41.45 -0.82
N ALA B 113 -4.68 42.02 0.06
CA ALA B 113 -3.38 41.41 0.34
C ALA B 113 -3.53 40.25 1.30
N ASP B 114 -2.97 39.09 0.90
CA ASP B 114 -3.01 37.81 1.63
C ASP B 114 -4.45 37.37 1.89
N TYR B 115 -5.24 37.35 0.81
CA TYR B 115 -6.63 36.92 0.87
C TYR B 115 -6.72 35.42 1.15
N GLU B 116 -5.88 34.63 0.47
CA GLU B 116 -5.95 33.18 0.60
C GLU B 116 -5.37 32.71 1.92
N GLU B 117 -4.50 33.52 2.54
CA GLU B 117 -4.08 33.23 3.90
C GLU B 117 -5.18 33.56 4.90
N LEU B 118 -5.98 34.60 4.61
CA LEU B 118 -7.14 34.93 5.45
C LEU B 118 -8.19 33.84 5.39
N ARG B 119 -8.39 33.24 4.21
CA ARG B 119 -9.30 32.11 4.06
C ARG B 119 -8.82 30.89 4.85
N GLU B 120 -7.51 30.65 4.89
CA GLU B 120 -6.98 29.53 5.67
C GLU B 120 -7.05 29.80 7.17
N GLN B 121 -6.89 31.06 7.57
CA GLN B 121 -7.07 31.41 8.98
C GLN B 121 -8.53 31.30 9.40
N LEU B 122 -9.44 31.68 8.51
CA LEU B 122 -10.87 31.67 8.80
C LEU B 122 -11.53 30.32 8.54
N SER B 123 -10.79 29.34 8.04
CA SER B 123 -11.32 27.99 7.92
C SER B 123 -11.48 27.34 9.29
N SER B 124 -10.61 27.66 10.23
CA SER B 124 -10.64 27.10 11.57
C SER B 124 -11.24 28.06 12.59
N VAL B 125 -12.13 28.95 12.16
CA VAL B 125 -12.78 29.92 13.03
C VAL B 125 -14.24 29.51 13.18
N SER B 126 -14.70 29.39 14.43
CA SER B 126 -16.05 28.95 14.72
C SER B 126 -17.02 30.10 14.98
N SER B 127 -16.56 31.22 15.52
CA SER B 127 -17.44 32.33 15.84
C SER B 127 -16.63 33.62 15.83
N PHE B 128 -17.34 34.74 15.74
CA PHE B 128 -16.72 36.05 15.91
C PHE B 128 -17.59 36.91 16.81
N GLU B 129 -16.99 37.96 17.34
CA GLU B 129 -17.70 39.02 18.06
C GLU B 129 -17.35 40.33 17.36
N ARG B 130 -18.30 40.86 16.59
CA ARG B 130 -18.08 42.11 15.89
C ARG B 130 -18.21 43.29 16.85
N PHE B 131 -17.08 43.94 17.11
CA PHE B 131 -17.02 45.06 18.04
C PHE B 131 -16.39 46.26 17.36
N GLU B 132 -16.80 47.45 17.80
CA GLU B 132 -16.32 48.70 17.21
C GLU B 132 -14.93 49.00 17.76
N ILE B 133 -13.90 48.75 16.95
CA ILE B 133 -12.52 48.99 17.38
C ILE B 133 -12.23 50.48 17.48
N PHE B 134 -12.63 51.25 16.47
CA PHE B 134 -12.52 52.70 16.48
C PHE B 134 -13.90 53.26 16.17
N PRO B 135 -14.53 53.97 17.10
CA PRO B 135 -15.85 54.55 16.84
C PRO B 135 -15.78 55.64 15.77
N LYS B 136 -16.87 55.74 14.99
CA LYS B 136 -16.90 56.66 13.86
C LYS B 136 -17.02 58.11 14.30
N GLU B 137 -17.58 58.34 15.50
CA GLU B 137 -17.81 59.70 15.95
C GLU B 137 -16.79 60.11 17.01
N ARG B 138 -16.47 59.21 17.94
CA ARG B 138 -15.58 59.57 19.04
C ARG B 138 -14.12 59.65 18.60
N SER B 139 -13.67 58.71 17.76
CA SER B 139 -12.25 58.59 17.48
C SER B 139 -11.79 59.54 16.39
N TRP B 140 -12.72 60.17 15.66
CA TRP B 140 -12.34 61.01 14.53
C TRP B 140 -12.99 62.38 14.68
N PRO B 141 -12.44 63.27 15.51
CA PRO B 141 -13.06 64.60 15.64
C PRO B 141 -12.59 65.58 14.57
N ASN B 142 -11.46 65.29 13.90
CA ASN B 142 -10.84 66.22 12.98
C ASN B 142 -10.88 65.74 11.53
N HIS B 143 -11.64 64.69 11.24
CA HIS B 143 -11.83 64.22 9.87
C HIS B 143 -13.31 63.97 9.61
N THR B 144 -13.71 64.10 8.35
CA THR B 144 -15.08 63.84 7.94
C THR B 144 -15.21 62.37 7.58
N THR B 145 -15.93 61.62 8.42
CA THR B 145 -16.06 60.17 8.26
C THR B 145 -17.12 59.79 7.23
N ARG B 146 -17.92 60.73 6.74
CA ARG B 146 -19.04 60.42 5.86
C ARG B 146 -18.54 60.33 4.42
N GLY B 147 -17.82 59.24 4.14
CA GLY B 147 -17.25 58.99 2.84
C GLY B 147 -17.87 57.75 2.21
N VAL B 148 -18.62 57.98 1.12
CA VAL B 148 -19.24 56.91 0.36
C VAL B 148 -18.71 56.96 -1.07
N THR B 149 -18.96 55.90 -1.81
CA THR B 149 -18.52 55.81 -3.20
C THR B 149 -19.60 55.17 -4.05
N ALA B 150 -19.49 55.37 -5.37
CA ALA B 150 -20.46 54.81 -6.30
C ALA B 150 -20.15 53.36 -6.66
N ALA B 151 -19.00 52.84 -6.21
CA ALA B 151 -18.66 51.45 -6.50
C ALA B 151 -19.44 50.50 -5.60
N CYS B 152 -19.98 50.99 -4.49
CA CYS B 152 -20.71 50.16 -3.55
C CYS B 152 -22.13 50.68 -3.39
N PRO B 153 -23.06 50.32 -4.29
CA PRO B 153 -24.42 50.83 -4.17
C PRO B 153 -25.29 49.97 -3.25
N HIS B 154 -25.95 50.62 -2.29
CA HIS B 154 -26.83 49.96 -1.35
C HIS B 154 -28.23 50.55 -1.49
N ALA B 155 -29.15 49.74 -2.05
CA ALA B 155 -30.53 50.15 -2.40
C ALA B 155 -30.55 51.38 -3.30
N MET B 156 -29.76 51.33 -4.38
CA MET B 156 -29.64 52.36 -5.43
C MET B 156 -29.23 53.73 -4.89
N LYS B 157 -28.38 53.75 -3.86
CA LYS B 157 -27.70 54.97 -3.43
C LYS B 157 -26.27 54.60 -3.05
N SER B 158 -25.40 55.60 -3.09
CA SER B 158 -23.98 55.38 -2.86
C SER B 158 -23.70 55.09 -1.39
N SER B 159 -22.90 54.05 -1.14
CA SER B 159 -22.55 53.64 0.21
C SER B 159 -21.09 53.19 0.23
N PHE B 160 -20.63 52.80 1.42
CA PHE B 160 -19.28 52.30 1.62
C PHE B 160 -19.37 51.12 2.58
N TYR B 161 -18.21 50.52 2.88
CA TYR B 161 -18.12 49.34 3.72
C TYR B 161 -18.57 49.61 5.15
N LYS B 162 -19.20 48.61 5.75
CA LYS B 162 -19.74 48.71 7.10
C LYS B 162 -18.70 48.38 8.17
N ASN B 163 -17.51 47.92 7.77
CA ASN B 163 -16.41 47.68 8.69
C ASN B 163 -15.27 48.67 8.53
N LEU B 164 -15.33 49.55 7.53
CA LEU B 164 -14.25 50.48 7.25
C LEU B 164 -14.81 51.89 7.13
N VAL B 165 -13.94 52.88 7.39
CA VAL B 165 -14.29 54.30 7.32
C VAL B 165 -13.35 54.98 6.35
N TRP B 166 -13.92 55.63 5.32
CA TRP B 166 -13.14 56.46 4.39
C TRP B 166 -13.00 57.84 5.01
N LEU B 167 -11.81 58.10 5.57
CA LEU B 167 -11.51 59.42 6.08
C LEU B 167 -11.16 60.37 4.95
N THR B 168 -11.66 61.59 5.03
CA THR B 168 -11.39 62.64 4.05
C THR B 168 -10.92 63.87 4.82
N GLU B 169 -10.87 65.00 4.12
CA GLU B 169 -10.52 66.27 4.75
C GLU B 169 -11.64 66.77 5.65
N ALA B 170 -11.29 67.68 6.57
CA ALA B 170 -12.27 68.40 7.37
C ALA B 170 -11.77 69.83 7.52
N ASN B 171 -12.59 70.79 7.07
CA ASN B 171 -12.29 72.22 7.00
C ASN B 171 -11.02 72.52 6.20
N GLY B 172 -10.77 71.77 5.13
CA GLY B 172 -9.64 72.01 4.26
C GLY B 172 -8.30 71.49 4.74
N SER B 173 -8.28 70.66 5.79
CA SER B 173 -7.02 70.15 6.33
C SER B 173 -7.19 68.71 6.77
N TYR B 174 -6.15 67.90 6.52
CA TYR B 174 -6.07 66.53 6.99
C TYR B 174 -5.00 66.50 8.09
N PRO B 175 -5.37 66.41 9.37
CA PRO B 175 -4.36 66.36 10.42
C PRO B 175 -3.66 65.01 10.48
N ASN B 176 -2.57 64.98 11.26
CA ASN B 176 -1.88 63.73 11.50
C ASN B 176 -2.73 62.79 12.36
N LEU B 177 -2.51 61.49 12.17
CA LEU B 177 -3.35 60.46 12.76
C LEU B 177 -2.47 59.54 13.60
N SER B 178 -2.90 59.26 14.83
CA SER B 178 -2.20 58.27 15.67
C SER B 178 -3.24 57.70 16.62
N ARG B 179 -3.81 56.55 16.25
CA ARG B 179 -4.82 55.86 17.06
C ARG B 179 -4.32 54.48 17.42
N SER B 180 -4.33 54.16 18.71
CA SER B 180 -3.84 52.88 19.21
C SER B 180 -4.99 52.09 19.82
N TYR B 181 -4.97 50.78 19.57
CA TYR B 181 -5.93 49.88 20.19
C TYR B 181 -5.16 48.73 20.84
N VAL B 182 -5.46 48.47 22.11
CA VAL B 182 -4.87 47.38 22.86
C VAL B 182 -5.91 46.28 22.99
N ASN B 183 -5.52 45.05 22.66
CA ASN B 183 -6.45 43.92 22.64
C ASN B 183 -6.78 43.50 24.07
N ASN B 184 -8.02 43.78 24.48
CA ASN B 184 -8.53 43.38 25.78
C ASN B 184 -9.62 42.33 25.68
N GLN B 185 -9.85 41.75 24.50
CA GLN B 185 -10.85 40.72 24.29
C GLN B 185 -10.36 39.33 24.66
N GLU B 186 -9.06 39.18 24.96
CA GLU B 186 -8.39 37.92 25.32
C GLU B 186 -8.52 36.86 24.22
N LYS B 187 -8.60 37.30 22.96
CA LYS B 187 -8.72 36.42 21.82
C LYS B 187 -8.00 37.06 20.64
N GLU B 188 -7.93 36.33 19.54
CA GLU B 188 -7.39 36.89 18.31
C GLU B 188 -8.40 37.82 17.66
N VAL B 189 -7.93 39.02 17.31
CA VAL B 189 -8.77 40.06 16.73
C VAL B 189 -8.29 40.32 15.32
N LEU B 190 -9.19 40.18 14.35
CA LEU B 190 -8.88 40.45 12.95
C LEU B 190 -9.07 41.94 12.69
N VAL B 191 -7.97 42.65 12.48
CA VAL B 191 -7.97 44.09 12.22
C VAL B 191 -7.86 44.29 10.73
N LEU B 192 -8.76 45.09 10.16
CA LEU B 192 -8.94 45.24 8.74
C LEU B 192 -8.91 46.72 8.37
N TRP B 193 -8.09 47.07 7.37
CA TRP B 193 -8.02 48.45 6.93
C TRP B 193 -7.76 48.47 5.43
N GLY B 194 -7.57 49.68 4.91
CA GLY B 194 -7.29 49.86 3.49
C GLY B 194 -6.49 51.12 3.27
N VAL B 195 -5.81 51.17 2.12
CA VAL B 195 -5.03 52.32 1.71
C VAL B 195 -5.52 52.76 0.34
N HIS B 196 -5.93 54.01 0.22
CA HIS B 196 -6.54 54.51 -1.01
C HIS B 196 -5.45 55.00 -1.97
N HIS B 197 -5.43 54.44 -3.18
CA HIS B 197 -4.53 54.86 -4.22
C HIS B 197 -5.32 55.63 -5.28
N PRO B 198 -5.21 56.96 -5.36
CA PRO B 198 -6.04 57.71 -6.30
C PRO B 198 -5.59 57.58 -7.75
N SER B 199 -6.36 58.15 -8.67
CA SER B 199 -6.06 58.06 -10.09
C SER B 199 -5.26 59.24 -10.61
N ASN B 200 -5.52 60.45 -10.12
CA ASN B 200 -4.76 61.63 -10.50
C ASN B 200 -4.37 62.39 -9.23
N ILE B 201 -3.51 63.38 -9.41
CA ILE B 201 -3.04 64.16 -8.26
C ILE B 201 -4.10 65.16 -7.82
N GLU B 202 -5.07 65.46 -8.69
CA GLU B 202 -6.15 66.39 -8.34
C GLU B 202 -7.08 65.78 -7.29
N ASP B 203 -7.41 64.49 -7.42
CA ASP B 203 -8.24 63.83 -6.42
C ASP B 203 -7.48 63.61 -5.12
N GLN B 204 -6.16 63.39 -5.19
CA GLN B 204 -5.35 63.25 -3.99
C GLN B 204 -5.28 64.56 -3.21
N ARG B 205 -5.09 65.69 -3.91
CA ARG B 205 -5.08 66.99 -3.25
C ARG B 205 -6.48 67.41 -2.80
N THR B 206 -7.51 66.93 -3.49
CA THR B 206 -8.88 67.21 -3.07
C THR B 206 -9.24 66.46 -1.79
N LEU B 207 -8.91 65.17 -1.73
CA LEU B 207 -9.31 64.34 -0.62
C LEU B 207 -8.43 64.52 0.61
N TYR B 208 -7.10 64.52 0.43
CA TYR B 208 -6.19 64.42 1.56
C TYR B 208 -5.25 65.61 1.73
N ARG B 209 -5.36 66.65 0.90
CA ARG B 209 -4.64 67.94 1.04
C ARG B 209 -3.13 67.83 1.06
N LYS B 210 -2.53 66.80 0.49
CA LYS B 210 -1.06 66.75 0.38
C LYS B 210 -0.68 65.80 -0.74
N ASP B 211 0.45 66.10 -1.41
CA ASP B 211 0.94 65.23 -2.47
C ASP B 211 1.52 63.94 -1.90
N ASN B 212 2.35 64.05 -0.86
CA ASN B 212 3.06 62.92 -0.28
C ASN B 212 2.41 62.54 1.03
N ALA B 213 1.72 61.41 1.04
CA ALA B 213 1.09 60.88 2.24
C ALA B 213 1.59 59.46 2.47
N TYR B 214 1.40 58.98 3.69
CA TYR B 214 1.80 57.62 4.04
C TYR B 214 0.82 57.04 5.04
N VAL B 215 0.81 55.71 5.12
CA VAL B 215 0.08 54.96 6.14
C VAL B 215 1.06 54.01 6.81
N SER B 216 1.20 54.12 8.13
CA SER B 216 2.07 53.23 8.89
C SER B 216 1.24 52.47 9.91
N VAL B 217 1.24 51.14 9.80
CA VAL B 217 0.49 50.26 10.68
C VAL B 217 1.48 49.31 11.35
N VAL B 218 1.70 49.50 12.65
CA VAL B 218 2.71 48.74 13.39
C VAL B 218 2.05 48.01 14.55
N SER B 219 2.15 46.69 14.56
CA SER B 219 1.87 45.86 15.72
C SER B 219 3.18 45.34 16.29
N SER B 220 3.10 44.41 17.24
CA SER B 220 4.30 43.72 17.69
C SER B 220 4.79 42.72 16.64
N ASN B 221 3.87 42.05 15.95
CA ASN B 221 4.21 41.11 14.89
C ASN B 221 3.93 41.65 13.49
N TYR B 222 3.56 42.92 13.36
CA TYR B 222 3.28 43.55 12.09
C TYR B 222 4.02 44.88 12.03
N ASN B 223 4.66 45.14 10.89
CA ASN B 223 5.38 46.40 10.69
C ASN B 223 5.41 46.66 9.18
N ARG B 224 4.54 47.55 8.72
CA ARG B 224 4.46 47.86 7.31
C ARG B 224 4.08 49.32 7.11
N ARG B 225 4.81 49.99 6.22
CA ARG B 225 4.53 51.36 5.84
C ARG B 225 3.99 51.37 4.42
N PHE B 226 2.95 52.15 4.19
CA PHE B 226 2.20 52.13 2.93
C PHE B 226 2.34 53.47 2.24
N THR B 227 2.61 53.44 0.94
CA THR B 227 2.75 54.65 0.14
C THR B 227 1.70 54.64 -0.97
N PRO B 228 0.83 55.65 -1.04
CA PRO B 228 -0.07 55.78 -2.18
C PRO B 228 0.66 55.95 -3.50
N GLU B 229 0.16 55.28 -4.53
CA GLU B 229 0.78 55.26 -5.85
C GLU B 229 -0.23 55.80 -6.85
N ILE B 230 -0.13 57.10 -7.16
CA ILE B 230 -1.01 57.73 -8.13
C ILE B 230 -0.58 57.34 -9.53
N ALA B 231 -1.49 56.72 -10.29
CA ALA B 231 -1.20 56.29 -11.65
C ALA B 231 -2.50 56.26 -12.44
N LYS B 232 -2.36 56.29 -13.76
CA LYS B 232 -3.49 56.13 -14.66
C LYS B 232 -3.79 54.64 -14.83
N ARG B 233 -5.01 54.25 -14.49
CA ARG B 233 -5.37 52.85 -14.33
C ARG B 233 -6.60 52.51 -15.16
N PRO B 234 -6.77 51.25 -15.57
CA PRO B 234 -8.04 50.85 -16.19
C PRO B 234 -9.18 50.90 -15.20
N LYS B 235 -10.37 51.20 -15.70
CA LYS B 235 -11.55 51.36 -14.84
C LYS B 235 -12.14 49.99 -14.52
N VAL B 236 -12.22 49.68 -13.23
CA VAL B 236 -12.91 48.49 -12.74
C VAL B 236 -14.07 48.96 -11.88
N ARG B 237 -15.29 48.57 -12.28
CA ARG B 237 -16.57 49.00 -11.67
C ARG B 237 -16.71 50.52 -11.64
N GLY B 238 -16.27 51.19 -12.70
CA GLY B 238 -16.44 52.62 -12.81
C GLY B 238 -15.45 53.47 -12.04
N GLN B 239 -14.42 52.86 -11.45
CA GLN B 239 -13.44 53.59 -10.66
C GLN B 239 -12.05 53.37 -11.23
N SER B 240 -11.30 54.46 -11.42
CA SER B 240 -9.91 54.39 -11.81
C SER B 240 -8.96 54.39 -10.63
N GLY B 241 -9.47 54.58 -9.41
CA GLY B 241 -8.66 54.49 -8.22
C GLY B 241 -8.79 53.12 -7.57
N ARG B 242 -7.84 52.81 -6.69
CA ARG B 242 -7.80 51.52 -6.02
C ARG B 242 -7.71 51.74 -4.51
N ILE B 243 -8.43 50.91 -3.76
CA ILE B 243 -8.20 50.78 -2.33
C ILE B 243 -7.61 49.39 -2.10
N ASN B 244 -6.37 49.35 -1.60
CA ASN B 244 -5.67 48.11 -1.33
C ASN B 244 -5.98 47.70 0.11
N TYR B 245 -6.60 46.53 0.27
CA TYR B 245 -7.05 46.08 1.57
C TYR B 245 -6.01 45.19 2.22
N TYR B 246 -5.72 45.46 3.48
CA TYR B 246 -4.74 44.70 4.26
C TYR B 246 -5.40 44.19 5.52
N TRP B 247 -4.75 43.23 6.17
CA TRP B 247 -5.25 42.68 7.42
C TRP B 247 -4.12 42.19 8.29
N THR B 248 -4.37 42.13 9.59
CA THR B 248 -3.50 41.49 10.55
C THR B 248 -4.36 40.81 11.61
N LEU B 249 -3.77 39.84 12.30
CA LEU B 249 -4.43 39.15 13.40
C LEU B 249 -3.75 39.58 14.69
N LEU B 250 -4.47 40.34 15.51
CA LEU B 250 -3.92 40.82 16.77
C LEU B 250 -3.83 39.70 17.79
N GLU B 251 -2.75 39.67 18.52
CA GLU B 251 -2.57 38.74 19.61
C GLU B 251 -3.32 39.23 20.85
N PRO B 252 -3.66 38.34 21.78
CA PRO B 252 -4.22 38.79 23.06
C PRO B 252 -3.18 39.55 23.88
N GLY B 253 -3.55 40.76 24.30
CA GLY B 253 -2.62 41.63 24.99
C GLY B 253 -1.63 42.33 24.09
N ASP B 254 -2.00 42.58 22.84
CA ASP B 254 -1.12 43.22 21.86
C ASP B 254 -1.71 44.56 21.45
N THR B 255 -0.85 45.45 20.99
CA THR B 255 -1.22 46.81 20.63
C THR B 255 -1.02 47.02 19.13
N ILE B 256 -2.07 47.48 18.45
CA ILE B 256 -1.98 47.92 17.07
C ILE B 256 -1.93 49.45 17.08
N ILE B 257 -1.05 50.02 16.27
CA ILE B 257 -0.93 51.48 16.15
C ILE B 257 -1.12 51.86 14.68
N PHE B 258 -2.08 52.75 14.43
CA PHE B 258 -2.39 53.23 13.08
C PHE B 258 -1.87 54.65 12.97
N GLU B 259 -0.93 54.87 12.06
CA GLU B 259 -0.43 56.21 11.78
C GLU B 259 -0.63 56.53 10.31
N ALA B 260 -1.09 57.75 10.04
CA ALA B 260 -1.35 58.18 8.68
C ALA B 260 -1.30 59.70 8.59
N THR B 261 -0.85 60.20 7.45
CA THR B 261 -1.08 61.58 7.07
C THR B 261 -2.02 61.71 5.88
N GLY B 262 -2.56 60.60 5.39
CA GLY B 262 -3.50 60.61 4.29
C GLY B 262 -3.67 59.20 3.79
N ASN B 263 -4.72 59.03 2.97
CA ASN B 263 -5.04 57.79 2.24
C ASN B 263 -5.25 56.59 3.14
N LEU B 264 -5.93 56.77 4.27
CA LEU B 264 -6.24 55.67 5.18
C LEU B 264 -7.72 55.34 5.12
N ILE B 265 -8.02 54.06 4.95
CA ILE B 265 -9.38 53.55 5.09
C ILE B 265 -9.37 52.80 6.41
N ALA B 266 -9.72 53.50 7.49
CA ALA B 266 -9.46 53.04 8.85
C ALA B 266 -10.42 51.93 9.25
N PRO B 267 -10.01 51.07 10.21
CA PRO B 267 -10.96 50.10 10.76
C PRO B 267 -12.09 50.77 11.54
N TRP B 268 -13.29 50.22 11.37
CA TRP B 268 -14.45 50.61 12.15
C TRP B 268 -14.89 49.47 13.07
N TYR B 269 -15.12 48.28 12.52
CA TYR B 269 -15.54 47.12 13.29
C TYR B 269 -14.53 46.01 13.08
N ALA B 270 -14.07 45.42 14.18
CA ALA B 270 -13.14 44.30 14.13
C ALA B 270 -13.85 43.01 14.52
N PHE B 271 -13.16 41.89 14.30
CA PHE B 271 -13.72 40.56 14.54
C PHE B 271 -12.89 39.85 15.59
N ALA B 272 -13.46 39.64 16.77
CA ALA B 272 -12.79 38.85 17.80
C ALA B 272 -13.03 37.37 17.54
N LEU B 273 -12.00 36.68 17.02
CA LEU B 273 -12.15 35.36 16.42
C LEU B 273 -12.02 34.27 17.49
N SER B 274 -12.89 33.27 17.39
CA SER B 274 -12.84 32.09 18.26
C SER B 274 -12.53 30.87 17.39
N ARG B 275 -11.54 30.10 17.77
CA ARG B 275 -11.16 28.92 17.02
C ARG B 275 -12.04 27.73 17.40
N GLY B 276 -11.94 26.67 16.61
CA GLY B 276 -12.72 25.48 16.83
C GLY B 276 -12.03 24.23 16.34
N PRO B 277 -12.36 23.07 16.93
CA PRO B 277 -11.75 21.80 16.48
C PRO B 277 -12.21 21.35 15.10
N GLY B 278 -13.52 21.31 14.86
CA GLY B 278 -14.01 20.91 13.57
C GLY B 278 -14.76 22.00 12.84
N SER B 279 -14.14 22.52 11.77
CA SER B 279 -14.74 23.58 10.96
C SER B 279 -14.06 23.58 9.60
N GLY B 280 -14.67 24.28 8.65
CA GLY B 280 -14.12 24.37 7.32
C GLY B 280 -14.98 25.26 6.46
N ILE B 281 -14.55 25.40 5.21
CA ILE B 281 -15.28 26.19 4.21
C ILE B 281 -15.69 25.22 3.11
N ILE B 282 -16.99 25.18 2.83
CA ILE B 282 -17.56 24.24 1.87
C ILE B 282 -18.10 25.07 0.72
N THR B 283 -17.64 24.77 -0.49
CA THR B 283 -18.07 25.49 -1.69
C THR B 283 -19.14 24.66 -2.39
N SER B 284 -20.39 25.13 -2.33
CA SER B 284 -21.51 24.33 -2.75
C SER B 284 -22.59 25.20 -3.37
N ASN B 285 -23.35 24.59 -4.29
CA ASN B 285 -24.56 25.19 -4.84
C ASN B 285 -25.82 24.58 -4.25
N ALA B 286 -25.70 23.70 -3.26
CA ALA B 286 -26.85 23.02 -2.71
C ALA B 286 -27.65 23.94 -1.81
N PRO B 287 -28.98 23.88 -1.86
CA PRO B 287 -29.80 24.73 -0.97
C PRO B 287 -29.79 24.21 0.46
N LEU B 288 -29.85 25.15 1.40
CA LEU B 288 -29.85 24.80 2.82
C LEU B 288 -31.27 24.65 3.35
N ASP B 289 -31.53 23.50 3.97
CA ASP B 289 -32.82 23.21 4.57
C ASP B 289 -32.58 22.71 6.00
N GLU B 290 -33.65 22.37 6.69
CA GLU B 290 -33.59 21.88 8.06
C GLU B 290 -33.16 20.42 8.04
N CYS B 291 -32.04 20.13 8.72
CA CYS B 291 -31.30 18.89 8.53
C CYS B 291 -30.28 18.81 9.65
N ASP B 292 -30.10 17.59 10.20
CA ASP B 292 -29.32 17.42 11.44
C ASP B 292 -28.38 16.21 11.25
N THR B 293 -27.63 16.21 10.15
CA THR B 293 -26.71 15.11 9.88
C THR B 293 -25.39 15.31 10.63
N LYS B 294 -24.49 14.32 10.52
CA LYS B 294 -23.16 14.40 11.10
C LYS B 294 -22.06 14.47 10.06
N CYS B 295 -22.34 14.18 8.79
CA CYS B 295 -21.37 14.24 7.71
C CYS B 295 -21.90 15.18 6.63
N GLN B 296 -21.06 16.10 6.18
CA GLN B 296 -21.48 17.11 5.23
C GLN B 296 -20.47 17.22 4.10
N THR B 297 -20.95 17.07 2.88
CA THR B 297 -20.21 17.30 1.64
C THR B 297 -20.71 18.57 0.98
N PRO B 298 -19.99 19.10 -0.02
CA PRO B 298 -20.61 20.09 -0.92
C PRO B 298 -21.79 19.56 -1.70
N GLN B 299 -21.82 18.27 -2.02
CA GLN B 299 -22.89 17.71 -2.83
C GLN B 299 -24.08 17.22 -2.02
N GLY B 300 -24.02 17.30 -0.70
CA GLY B 300 -25.12 16.85 0.14
C GLY B 300 -24.61 16.44 1.50
N ALA B 301 -25.38 15.59 2.16
CA ALA B 301 -25.05 15.09 3.48
C ALA B 301 -25.25 13.57 3.55
N ILE B 302 -24.55 12.95 4.49
CA ILE B 302 -24.47 11.50 4.60
C ILE B 302 -24.94 11.08 5.99
N ASN B 303 -25.88 10.12 6.03
CA ASN B 303 -26.35 9.52 7.28
C ASN B 303 -26.20 7.99 7.20
N SER B 304 -24.99 7.51 7.48
CA SER B 304 -24.70 6.09 7.48
C SER B 304 -23.47 5.83 8.34
N SER B 305 -23.25 4.54 8.65
CA SER B 305 -22.06 4.09 9.34
C SER B 305 -21.14 3.30 8.44
N LEU B 306 -21.30 3.43 7.12
CA LEU B 306 -20.42 2.79 6.16
C LEU B 306 -19.04 3.44 6.20
N PRO B 307 -17.96 2.66 6.05
CA PRO B 307 -16.62 3.23 6.22
C PRO B 307 -16.13 4.07 5.05
N PHE B 308 -16.75 3.99 3.87
CA PHE B 308 -16.22 4.65 2.69
C PHE B 308 -17.30 5.42 1.96
N GLN B 309 -16.85 6.28 1.05
CA GLN B 309 -17.71 7.12 0.23
C GLN B 309 -17.04 7.30 -1.12
N ASN B 310 -17.81 7.75 -2.10
CA ASN B 310 -17.24 8.19 -3.37
C ASN B 310 -17.94 9.46 -3.85
N ILE B 311 -18.26 10.36 -2.94
CA ILE B 311 -19.04 11.54 -3.29
C ILE B 311 -18.13 12.73 -3.54
N HIS B 312 -17.40 13.17 -2.52
CA HIS B 312 -16.59 14.36 -2.65
C HIS B 312 -15.54 14.29 -1.57
N PRO B 313 -14.29 14.70 -1.85
CA PRO B 313 -13.22 14.55 -0.83
C PRO B 313 -13.34 15.49 0.34
N VAL B 314 -13.87 16.69 0.15
CA VAL B 314 -13.90 17.70 1.21
C VAL B 314 -15.10 17.40 2.10
N THR B 315 -14.85 16.82 3.27
CA THR B 315 -15.89 16.47 4.23
C THR B 315 -15.47 16.93 5.62
N ILE B 316 -16.41 17.48 6.38
CA ILE B 316 -16.21 17.79 7.79
C ILE B 316 -17.21 17.01 8.62
N GLY B 317 -16.89 16.76 9.87
CA GLY B 317 -17.72 16.02 10.78
C GLY B 317 -17.23 14.60 10.90
N GLU B 318 -18.12 13.72 11.39
CA GLU B 318 -17.83 12.29 11.45
C GLU B 318 -18.19 11.69 10.10
N CYS B 319 -17.18 11.39 9.30
CA CYS B 319 -17.42 11.11 7.88
C CYS B 319 -16.68 9.86 7.44
N PRO B 320 -17.22 9.16 6.43
CA PRO B 320 -16.47 8.07 5.82
C PRO B 320 -15.29 8.58 5.01
N LYS B 321 -14.30 7.71 4.85
CA LYS B 321 -13.12 8.04 4.07
C LYS B 321 -13.44 8.01 2.59
N TYR B 322 -12.73 8.83 1.81
CA TYR B 322 -13.04 8.99 0.40
C TYR B 322 -12.15 8.06 -0.42
N VAL B 323 -12.77 7.31 -1.34
CA VAL B 323 -12.06 6.50 -2.33
C VAL B 323 -12.68 6.79 -3.69
N ARG B 324 -11.91 6.55 -4.76
CA ARG B 324 -12.41 6.65 -6.14
C ARG B 324 -12.95 5.31 -6.62
N SER B 325 -13.88 4.74 -5.87
CA SER B 325 -14.40 3.42 -6.13
C SER B 325 -15.86 3.51 -6.56
N THR B 326 -16.23 2.70 -7.55
CA THR B 326 -17.63 2.60 -7.93
C THR B 326 -18.33 1.50 -7.15
N LYS B 327 -17.66 0.38 -6.95
CA LYS B 327 -18.17 -0.73 -6.15
C LYS B 327 -17.08 -1.19 -5.20
N LEU B 328 -17.47 -1.45 -3.95
CA LEU B 328 -16.52 -1.98 -2.97
C LEU B 328 -17.31 -2.86 -2.00
N ARG B 329 -17.35 -4.16 -2.29
CA ARG B 329 -18.12 -5.12 -1.53
C ARG B 329 -17.22 -6.24 -1.03
N MET B 330 -17.37 -6.58 0.25
CA MET B 330 -16.67 -7.69 0.88
C MET B 330 -17.53 -8.93 0.84
N VAL B 331 -16.91 -10.07 0.56
CA VAL B 331 -17.61 -11.34 0.67
C VAL B 331 -17.73 -11.71 2.13
N THR B 332 -18.96 -11.92 2.59
CA THR B 332 -19.24 -12.43 3.93
C THR B 332 -20.07 -13.71 3.80
N GLY B 333 -19.69 -14.57 2.87
CA GLY B 333 -20.48 -15.75 2.62
C GLY B 333 -19.77 -16.67 1.65
N LEU B 334 -20.48 -17.68 1.19
CA LEU B 334 -19.88 -18.61 0.26
C LEU B 334 -20.25 -18.20 -1.17
N ARG B 335 -19.67 -18.90 -2.14
CA ARG B 335 -20.10 -18.73 -3.52
C ARG B 335 -21.50 -19.30 -3.70
N ASN B 336 -22.32 -18.58 -4.47
CA ASN B 336 -23.71 -18.97 -4.67
C ASN B 336 -23.77 -19.95 -5.83
N ILE B 337 -23.62 -21.22 -5.52
CA ILE B 337 -23.71 -22.31 -6.49
C ILE B 337 -24.90 -23.18 -6.13
N PRO B 338 -26.07 -22.95 -6.73
CA PRO B 338 -27.23 -23.80 -6.42
C PRO B 338 -27.11 -25.17 -7.06
N SER B 339 -27.48 -26.19 -6.27
CA SER B 339 -27.48 -27.62 -6.62
C SER B 339 -26.14 -28.14 -7.14
N ALA B 348 -32.20 -36.80 -4.46
CA ALA B 348 -30.77 -36.96 -4.71
C ALA B 348 -29.98 -35.75 -4.19
N ILE B 349 -29.90 -35.64 -2.86
CA ILE B 349 -29.20 -34.53 -2.21
C ILE B 349 -27.76 -34.99 -2.00
N ALA B 350 -26.82 -34.32 -2.67
CA ALA B 350 -25.41 -34.63 -2.57
C ALA B 350 -24.66 -33.45 -1.98
N GLY B 351 -23.40 -33.69 -1.61
CA GLY B 351 -22.64 -32.74 -0.80
C GLY B 351 -22.01 -31.60 -1.57
N PHE B 352 -20.80 -31.24 -1.14
CA PHE B 352 -20.22 -29.97 -1.55
C PHE B 352 -19.52 -30.04 -2.92
N ILE B 353 -19.30 -31.26 -3.43
CA ILE B 353 -18.70 -31.40 -4.75
C ILE B 353 -19.70 -31.00 -5.83
N GLU B 354 -20.96 -31.39 -5.68
CA GLU B 354 -21.97 -31.06 -6.67
C GLU B 354 -22.38 -29.59 -6.60
N GLY B 355 -22.48 -29.04 -5.40
CA GLY B 355 -22.84 -27.65 -5.24
C GLY B 355 -23.37 -27.38 -3.84
N GLY B 356 -24.08 -26.26 -3.72
CA GLY B 356 -24.63 -25.85 -2.44
C GLY B 356 -26.09 -26.23 -2.29
N TRP B 357 -26.53 -26.23 -1.04
CA TRP B 357 -27.89 -26.64 -0.69
C TRP B 357 -28.76 -25.42 -0.48
N THR B 358 -29.83 -25.31 -1.29
CA THR B 358 -30.81 -24.25 -1.13
C THR B 358 -31.61 -24.41 0.17
N GLY B 359 -31.93 -25.64 0.57
CA GLY B 359 -32.64 -25.91 1.79
C GLY B 359 -31.84 -25.76 3.07
N MET B 360 -30.54 -25.50 2.98
CA MET B 360 -29.74 -25.13 4.14
C MET B 360 -29.94 -23.64 4.39
N MET B 361 -30.39 -23.29 5.58
CA MET B 361 -30.76 -21.89 5.85
C MET B 361 -30.28 -21.49 7.23
N ASP B 362 -30.18 -22.43 8.14
CA ASP B 362 -29.83 -22.10 9.52
C ASP B 362 -28.32 -21.98 9.72
N GLY B 363 -27.55 -21.96 8.64
CA GLY B 363 -26.12 -21.80 8.77
C GLY B 363 -25.44 -21.82 7.43
N TRP B 364 -24.12 -21.73 7.48
CA TRP B 364 -23.27 -21.82 6.30
C TRP B 364 -22.79 -23.23 6.02
N TYR B 365 -22.54 -24.00 7.06
CA TYR B 365 -22.00 -25.36 6.95
C TYR B 365 -22.94 -26.29 7.69
N GLY B 366 -23.07 -27.51 7.20
CA GLY B 366 -23.94 -28.43 7.90
C GLY B 366 -24.05 -29.76 7.19
N TYR B 367 -25.13 -30.46 7.51
CA TYR B 367 -25.28 -31.88 7.22
C TYR B 367 -26.68 -32.16 6.68
N HIS B 368 -26.79 -33.20 5.88
CA HIS B 368 -28.07 -33.76 5.48
C HIS B 368 -28.04 -35.26 5.69
N HIS B 369 -28.89 -35.75 6.59
CA HIS B 369 -28.94 -37.17 6.92
C HIS B 369 -30.17 -37.81 6.30
N GLN B 370 -30.03 -39.05 5.87
CA GLN B 370 -31.14 -39.87 5.41
C GLN B 370 -31.04 -41.23 6.08
N ASN B 371 -32.06 -41.59 6.84
CA ASN B 371 -32.09 -42.90 7.50
C ASN B 371 -33.55 -43.35 7.62
N GLU B 372 -33.76 -44.30 8.54
CA GLU B 372 -35.06 -44.95 8.68
C GLU B 372 -36.12 -43.99 9.22
N GLN B 373 -35.73 -43.11 10.15
CA GLN B 373 -36.73 -42.29 10.83
C GLN B 373 -37.15 -41.10 9.98
N GLY B 374 -36.21 -40.41 9.35
CA GLY B 374 -36.56 -39.26 8.54
C GLY B 374 -35.36 -38.68 7.84
N SER B 375 -35.61 -37.61 7.09
CA SER B 375 -34.57 -36.90 6.34
C SER B 375 -34.71 -35.41 6.56
N GLY B 376 -33.59 -34.72 6.76
CA GLY B 376 -33.62 -33.28 6.92
C GLY B 376 -32.22 -32.70 6.95
N TYR B 377 -32.16 -31.37 6.83
CA TYR B 377 -30.92 -30.63 6.88
C TYR B 377 -30.65 -30.18 8.31
N ALA B 378 -29.40 -30.27 8.74
CA ALA B 378 -28.98 -29.80 10.05
C ALA B 378 -27.69 -29.00 9.90
N ALA B 379 -27.75 -27.71 10.24
CA ALA B 379 -26.59 -26.86 10.13
C ALA B 379 -25.63 -27.09 11.28
N ASP B 380 -24.34 -26.92 11.01
CA ASP B 380 -23.31 -26.99 12.04
C ASP B 380 -23.11 -25.59 12.59
N GLN B 381 -23.55 -25.38 13.84
CA GLN B 381 -23.55 -24.03 14.39
C GLN B 381 -22.17 -23.59 14.86
N LYS B 382 -21.32 -24.55 15.25
CA LYS B 382 -20.00 -24.21 15.78
C LYS B 382 -19.07 -23.72 14.68
N SER B 383 -19.03 -24.42 13.53
CA SER B 383 -18.17 -24.01 12.43
C SER B 383 -18.68 -22.73 11.77
N THR B 384 -20.01 -22.57 11.70
CA THR B 384 -20.60 -21.32 11.22
C THR B 384 -20.30 -20.17 12.15
N GLN B 385 -20.30 -20.42 13.47
CA GLN B 385 -19.97 -19.38 14.44
C GLN B 385 -18.50 -18.97 14.36
N ASN B 386 -17.59 -19.94 14.19
CA ASN B 386 -16.17 -19.59 14.01
C ASN B 386 -15.90 -18.89 12.69
N ALA B 387 -16.64 -19.26 11.63
CA ALA B 387 -16.53 -18.53 10.37
C ALA B 387 -17.03 -17.11 10.49
N ILE B 388 -18.14 -16.90 11.22
CA ILE B 388 -18.64 -15.56 11.54
C ILE B 388 -17.63 -14.76 12.35
N ASN B 389 -16.94 -15.44 13.29
CA ASN B 389 -15.91 -14.83 14.11
C ASN B 389 -14.71 -14.35 13.31
N CYS B 390 -14.27 -15.10 12.28
CA CYS B 390 -13.24 -14.53 11.43
C CYS B 390 -13.74 -13.48 10.44
N ILE B 391 -14.95 -13.64 9.89
CA ILE B 391 -15.42 -12.70 8.87
C ILE B 391 -15.73 -11.31 9.47
N THR B 392 -16.26 -11.29 10.70
CA THR B 392 -16.48 -10.05 11.43
C THR B 392 -15.17 -9.32 11.72
N ASN B 393 -14.13 -10.06 12.09
CA ASN B 393 -12.82 -9.45 12.33
C ASN B 393 -12.16 -8.97 11.04
N LYS B 394 -12.44 -9.64 9.91
CA LYS B 394 -11.96 -9.16 8.61
C LYS B 394 -12.57 -7.81 8.24
N VAL B 395 -13.89 -7.69 8.41
CA VAL B 395 -14.56 -6.42 8.09
C VAL B 395 -14.17 -5.32 9.07
N ASN B 396 -13.99 -5.69 10.35
CA ASN B 396 -13.55 -4.74 11.37
C ASN B 396 -12.13 -4.26 11.13
N SER B 397 -11.26 -5.14 10.65
CA SER B 397 -9.90 -4.72 10.34
C SER B 397 -9.83 -3.88 9.06
N VAL B 398 -10.75 -4.13 8.13
CA VAL B 398 -10.88 -3.26 6.95
C VAL B 398 -11.27 -1.85 7.38
N ILE B 399 -12.21 -1.73 8.32
CA ILE B 399 -12.62 -0.42 8.81
C ILE B 399 -11.51 0.24 9.64
N GLU B 400 -10.82 -0.55 10.48
CA GLU B 400 -9.87 0.02 11.43
C GLU B 400 -8.54 0.41 10.77
N LYS B 401 -8.10 -0.35 9.76
CA LYS B 401 -6.75 -0.12 9.23
C LYS B 401 -6.70 1.07 8.26
N MET B 402 -7.84 1.57 7.80
CA MET B 402 -7.84 2.73 6.92
C MET B 402 -7.65 4.00 7.74
N ASN B 403 -6.58 4.74 7.43
CA ASN B 403 -6.25 5.98 8.12
C ASN B 403 -6.20 7.15 7.15
N THR B 404 -7.22 7.25 6.30
CA THR B 404 -7.33 8.37 5.37
C THR B 404 -7.69 9.65 6.13
N GLN B 405 -6.88 10.68 5.93
CA GLN B 405 -7.06 11.96 6.62
C GLN B 405 -8.07 12.81 5.87
N PHE B 406 -8.91 13.51 6.62
CA PHE B 406 -10.03 14.23 6.03
C PHE B 406 -9.62 15.62 5.56
N THR B 407 -10.08 15.98 4.36
CA THR B 407 -9.93 17.33 3.83
C THR B 407 -11.14 18.14 4.29
N ALA B 408 -10.90 19.32 4.87
CA ALA B 408 -11.97 20.11 5.44
C ALA B 408 -12.28 21.40 4.67
N VAL B 409 -11.30 22.01 4.02
CA VAL B 409 -11.52 23.32 3.40
C VAL B 409 -11.19 23.34 1.91
N GLY B 410 -10.03 22.84 1.49
CA GLY B 410 -9.57 23.09 0.14
C GLY B 410 -8.88 24.44 0.07
N LYS B 411 -7.63 24.47 -0.38
CA LYS B 411 -6.84 25.70 -0.34
C LYS B 411 -6.92 26.43 -1.67
N GLU B 412 -6.93 27.76 -1.60
CA GLU B 412 -6.95 28.62 -2.77
C GLU B 412 -5.60 29.30 -2.93
N PHE B 413 -5.24 29.56 -4.18
CA PHE B 413 -3.95 30.14 -4.53
C PHE B 413 -4.18 31.18 -5.62
N ASN B 414 -3.33 32.20 -5.63
CA ASN B 414 -3.48 33.27 -6.61
C ASN B 414 -2.75 32.91 -7.91
N LYS B 415 -2.60 33.90 -8.79
CA LYS B 415 -2.02 33.67 -10.10
C LYS B 415 -0.51 33.47 -10.05
N LEU B 416 0.16 33.97 -9.02
CA LEU B 416 1.61 33.87 -8.90
C LEU B 416 2.04 32.78 -7.92
N GLU B 417 1.17 31.80 -7.69
CA GLU B 417 1.48 30.64 -6.85
C GLU B 417 1.05 29.37 -7.55
N LYS B 418 1.44 29.24 -8.82
CA LYS B 418 1.04 28.07 -9.61
C LYS B 418 1.83 26.82 -9.21
N ARG B 419 3.08 27.00 -8.78
CA ARG B 419 3.91 25.87 -8.36
C ARG B 419 3.39 25.24 -7.07
N MET B 420 2.93 26.06 -6.13
CA MET B 420 2.33 25.55 -4.90
C MET B 420 0.93 25.02 -5.12
N GLU B 421 0.19 25.58 -6.09
CA GLU B 421 -1.11 25.04 -6.48
C GLU B 421 -0.96 23.65 -7.09
N ASN B 422 0.02 23.46 -7.97
CA ASN B 422 0.25 22.16 -8.58
C ASN B 422 0.78 21.15 -7.57
N LEU B 423 1.55 21.62 -6.59
CA LEU B 423 2.01 20.73 -5.51
C LEU B 423 0.86 20.29 -4.62
N ASN B 424 -0.06 21.20 -4.32
CA ASN B 424 -1.25 20.86 -3.53
C ASN B 424 -2.17 19.90 -4.28
N LYS B 425 -2.35 20.11 -5.59
CA LYS B 425 -3.11 19.18 -6.41
C LYS B 425 -2.43 17.83 -6.54
N LYS B 426 -1.09 17.82 -6.60
CA LYS B 426 -0.34 16.57 -6.66
C LYS B 426 -0.48 15.76 -5.37
N VAL B 427 -0.44 16.44 -4.22
CA VAL B 427 -0.62 15.77 -2.93
C VAL B 427 -2.05 15.25 -2.79
N ASP B 428 -3.04 16.09 -3.16
CA ASP B 428 -4.44 15.71 -3.03
C ASP B 428 -4.85 14.63 -4.04
N ASP B 429 -4.19 14.58 -5.19
CA ASP B 429 -4.46 13.54 -6.17
C ASP B 429 -3.48 12.38 -6.07
N GLY B 430 -2.55 12.43 -5.12
CA GLY B 430 -1.69 11.29 -4.87
C GLY B 430 -2.12 10.47 -3.68
N PHE B 431 -2.42 11.13 -2.54
CA PHE B 431 -2.87 10.45 -1.34
C PHE B 431 -4.18 9.71 -1.52
N LEU B 432 -5.14 10.34 -2.19
CA LEU B 432 -6.45 9.72 -2.42
C LEU B 432 -6.37 8.58 -3.43
N ASP B 433 -5.48 8.68 -4.43
CA ASP B 433 -5.23 7.54 -5.32
C ASP B 433 -4.58 6.38 -4.58
N ILE B 434 -3.64 6.67 -3.68
CA ILE B 434 -2.98 5.64 -2.88
C ILE B 434 -3.97 4.93 -1.96
N TRP B 435 -4.84 5.69 -1.29
CA TRP B 435 -5.82 5.08 -0.40
C TRP B 435 -6.95 4.39 -1.13
N THR B 436 -7.31 4.85 -2.34
CA THR B 436 -8.23 4.11 -3.19
C THR B 436 -7.65 2.76 -3.60
N TYR B 437 -6.37 2.74 -3.99
CA TYR B 437 -5.68 1.50 -4.33
C TYR B 437 -5.59 0.56 -3.12
N ASN B 438 -5.30 1.13 -1.94
CA ASN B 438 -5.14 0.33 -0.72
C ASN B 438 -6.46 -0.30 -0.30
N ALA B 439 -7.55 0.47 -0.35
CA ALA B 439 -8.86 -0.05 0.02
C ALA B 439 -9.35 -1.12 -0.97
N GLU B 440 -9.19 -0.86 -2.28
CA GLU B 440 -9.60 -1.83 -3.29
C GLU B 440 -8.77 -3.11 -3.23
N LEU B 441 -7.45 -2.98 -3.00
CA LEU B 441 -6.58 -4.14 -2.93
C LEU B 441 -6.88 -4.98 -1.70
N LEU B 442 -7.16 -4.33 -0.56
CA LEU B 442 -7.49 -5.05 0.66
C LEU B 442 -8.82 -5.79 0.52
N VAL B 443 -9.80 -5.16 -0.14
CA VAL B 443 -11.11 -5.81 -0.35
C VAL B 443 -10.97 -7.03 -1.27
N LEU B 444 -10.26 -6.91 -2.40
CA LEU B 444 -10.10 -8.06 -3.30
C LEU B 444 -9.23 -9.18 -2.71
N LEU B 445 -8.16 -8.85 -1.99
CA LEU B 445 -7.34 -9.87 -1.35
C LEU B 445 -8.11 -10.63 -0.27
N GLU B 446 -8.90 -9.93 0.54
CA GLU B 446 -9.64 -10.66 1.55
C GLU B 446 -10.92 -11.28 1.00
N ASN B 447 -11.36 -10.87 -0.19
CA ASN B 447 -12.37 -11.64 -0.91
C ASN B 447 -11.84 -13.00 -1.32
N GLU B 448 -10.59 -13.04 -1.80
CA GLU B 448 -9.96 -14.34 -2.11
C GLU B 448 -9.78 -15.17 -0.85
N ARG B 449 -9.36 -14.52 0.25
CA ARG B 449 -9.12 -15.22 1.51
C ARG B 449 -10.41 -15.76 2.11
N THR B 450 -11.52 -15.01 1.97
CA THR B 450 -12.83 -15.49 2.41
C THR B 450 -13.30 -16.67 1.57
N LEU B 451 -13.15 -16.58 0.24
CA LEU B 451 -13.64 -17.65 -0.63
C LEU B 451 -12.80 -18.92 -0.52
N ASP B 452 -11.52 -18.80 -0.14
CA ASP B 452 -10.73 -19.98 0.18
C ASP B 452 -10.95 -20.49 1.59
N PHE B 453 -11.24 -19.58 2.54
CA PHE B 453 -11.50 -19.96 3.93
C PHE B 453 -12.78 -20.77 4.06
N HIS B 454 -13.81 -20.42 3.28
CA HIS B 454 -15.05 -21.18 3.31
C HIS B 454 -14.88 -22.57 2.72
N ASP B 455 -14.10 -22.70 1.64
CA ASP B 455 -13.81 -24.00 1.04
C ASP B 455 -13.00 -24.88 1.99
N SER B 456 -12.03 -24.29 2.69
CA SER B 456 -11.25 -25.03 3.68
C SER B 456 -12.11 -25.40 4.89
N ASN B 457 -13.12 -24.59 5.21
CA ASN B 457 -13.98 -24.90 6.35
C ASN B 457 -14.96 -26.03 6.02
N VAL B 458 -15.40 -26.12 4.76
CA VAL B 458 -16.20 -27.28 4.37
C VAL B 458 -15.34 -28.54 4.31
N LYS B 459 -14.13 -28.43 3.75
CA LYS B 459 -13.22 -29.57 3.65
C LYS B 459 -12.72 -30.08 4.99
N ASN B 460 -12.49 -29.21 5.98
CA ASN B 460 -12.12 -29.63 7.32
C ASN B 460 -13.29 -30.27 8.06
N LEU B 461 -14.53 -29.93 7.71
CA LEU B 461 -15.69 -30.62 8.24
C LEU B 461 -15.85 -32.02 7.65
N TYR B 462 -15.64 -32.14 6.33
CA TYR B 462 -15.63 -33.43 5.64
C TYR B 462 -14.52 -34.34 6.17
N GLU B 463 -13.34 -33.77 6.43
CA GLU B 463 -12.22 -34.52 6.98
C GLU B 463 -12.49 -34.95 8.42
N LYS B 464 -13.21 -34.13 9.19
CA LYS B 464 -13.58 -34.50 10.55
C LYS B 464 -14.57 -35.65 10.58
N VAL B 465 -15.57 -35.61 9.69
CA VAL B 465 -16.53 -36.71 9.60
C VAL B 465 -15.86 -37.98 9.05
N LYS B 466 -14.91 -37.88 8.14
CA LYS B 466 -14.11 -39.01 7.61
C LYS B 466 -13.28 -39.56 8.74
N ASN B 467 -12.61 -38.75 9.53
CA ASN B 467 -11.76 -39.27 10.59
C ASN B 467 -12.56 -39.89 11.72
N GLN B 468 -13.79 -39.39 11.94
CA GLN B 468 -14.67 -40.03 12.92
C GLN B 468 -15.19 -41.37 12.42
N LEU B 469 -15.65 -41.41 11.16
CA LEU B 469 -16.36 -42.58 10.65
C LEU B 469 -15.44 -43.74 10.28
N ARG B 470 -14.24 -43.44 9.74
CA ARG B 470 -13.20 -44.40 9.34
C ARG B 470 -13.70 -45.45 8.34
N ASN B 471 -13.61 -46.73 8.70
CA ASN B 471 -14.01 -47.82 7.83
C ASN B 471 -15.47 -48.21 7.98
N ASN B 472 -16.23 -47.50 8.82
CA ASN B 472 -17.66 -47.77 8.96
C ASN B 472 -18.46 -47.13 7.83
N ALA B 473 -17.84 -46.26 7.04
CA ALA B 473 -18.55 -45.48 6.03
C ALA B 473 -17.96 -45.73 4.65
N LYS B 474 -18.85 -45.81 3.66
CA LYS B 474 -18.48 -45.91 2.26
C LYS B 474 -18.72 -44.58 1.58
N GLU B 475 -17.67 -43.97 1.05
CA GLU B 475 -17.80 -42.70 0.37
C GLU B 475 -18.41 -42.90 -1.01
N LEU B 476 -19.43 -42.11 -1.33
CA LEU B 476 -20.05 -42.12 -2.65
C LEU B 476 -19.41 -41.12 -3.60
N GLY B 477 -18.17 -40.71 -3.32
CA GLY B 477 -17.71 -39.48 -3.90
C GLY B 477 -18.48 -38.35 -3.25
N ASN B 478 -18.63 -37.26 -4.01
CA ASN B 478 -19.58 -36.15 -3.89
C ASN B 478 -19.90 -35.64 -2.48
N GLY B 479 -18.91 -35.66 -1.59
CA GLY B 479 -19.07 -35.16 -0.22
C GLY B 479 -20.07 -35.88 0.65
N CYS B 480 -20.21 -37.21 0.48
CA CYS B 480 -21.22 -37.98 1.19
C CYS B 480 -20.62 -39.27 1.71
N PHE B 481 -21.23 -39.84 2.75
CA PHE B 481 -20.84 -41.11 3.33
C PHE B 481 -22.04 -42.03 3.41
N GLU B 482 -21.87 -43.29 3.01
CA GLU B 482 -22.85 -44.35 3.25
C GLU B 482 -22.31 -45.27 4.33
N PHE B 483 -23.04 -45.37 5.44
CA PHE B 483 -22.65 -46.24 6.54
C PHE B 483 -22.84 -47.70 6.14
N TYR B 484 -21.82 -48.52 6.41
CA TYR B 484 -21.97 -49.96 6.26
C TYR B 484 -22.95 -50.52 7.27
N HIS B 485 -22.87 -50.05 8.52
CA HIS B 485 -23.81 -50.44 9.55
C HIS B 485 -25.06 -49.57 9.45
N LYS B 486 -25.99 -49.74 10.38
CA LYS B 486 -27.23 -48.97 10.43
C LYS B 486 -27.14 -47.96 11.56
N CYS B 487 -27.42 -46.70 11.25
CA CYS B 487 -27.43 -45.63 12.24
C CYS B 487 -28.84 -45.07 12.39
N ASP B 488 -29.13 -44.57 13.60
CA ASP B 488 -30.43 -43.94 13.86
C ASP B 488 -30.19 -42.44 13.90
N ASN B 489 -31.19 -41.66 14.29
CA ASN B 489 -30.99 -40.21 14.44
C ASN B 489 -29.89 -40.02 15.47
N GLU B 490 -29.86 -40.77 16.55
CA GLU B 490 -28.85 -40.56 17.63
C GLU B 490 -27.44 -40.78 17.09
N CYS B 491 -27.22 -41.73 16.20
CA CYS B 491 -25.89 -41.86 15.55
C CYS B 491 -25.66 -40.68 14.61
N MET B 492 -26.66 -40.30 13.81
CA MET B 492 -26.42 -39.26 12.80
C MET B 492 -26.08 -38.08 13.66
N GLU B 493 -26.90 -37.89 14.66
CA GLU B 493 -26.67 -36.74 15.55
C GLU B 493 -25.35 -36.96 16.22
N SER B 494 -24.77 -38.13 16.40
CA SER B 494 -23.43 -38.27 17.05
C SER B 494 -22.25 -37.83 16.18
N VAL B 495 -22.29 -38.08 14.89
CA VAL B 495 -21.21 -37.62 13.96
C VAL B 495 -21.28 -36.10 13.89
N LYS B 496 -22.49 -35.58 13.82
CA LYS B 496 -22.70 -34.13 13.81
C LYS B 496 -22.11 -33.59 15.11
N ASN B 497 -22.38 -34.17 16.27
CA ASN B 497 -21.80 -33.77 17.58
C ASN B 497 -20.37 -34.30 17.49
N GLY B 498 -19.46 -33.94 18.35
CA GLY B 498 -18.08 -34.43 18.13
C GLY B 498 -17.84 -35.82 18.68
N THR B 499 -18.83 -36.42 19.35
CA THR B 499 -18.69 -37.73 20.01
C THR B 499 -19.22 -38.84 19.12
N TYR B 500 -18.38 -39.79 18.75
CA TYR B 500 -18.82 -40.94 17.95
C TYR B 500 -18.11 -42.18 18.43
N ASP B 501 -18.85 -43.28 18.56
CA ASP B 501 -18.31 -44.53 19.08
C ASP B 501 -17.90 -45.43 17.91
N TYR B 502 -16.63 -45.31 17.53
CA TYR B 502 -16.07 -46.16 16.48
C TYR B 502 -15.97 -47.65 16.85
N PRO B 503 -15.45 -48.07 18.04
CA PRO B 503 -15.34 -49.53 18.24
C PRO B 503 -16.65 -50.24 18.55
N LYS B 504 -17.74 -49.50 18.78
CA LYS B 504 -19.03 -50.16 19.02
C LYS B 504 -19.59 -50.76 17.73
N TYR B 505 -19.54 -50.01 16.63
CA TYR B 505 -20.05 -50.47 15.35
C TYR B 505 -18.97 -51.06 14.45
N SER B 506 -17.85 -51.51 15.03
CA SER B 506 -16.73 -51.97 14.21
C SER B 506 -17.01 -53.35 13.62
N GLU B 507 -17.62 -54.24 14.41
CA GLU B 507 -17.87 -55.62 13.96
C GLU B 507 -18.97 -55.66 12.91
N GLU B 508 -20.02 -54.84 13.08
CA GLU B 508 -21.08 -54.76 12.09
C GLU B 508 -20.58 -54.13 10.79
N SER B 509 -19.66 -53.17 10.90
CA SER B 509 -19.02 -52.61 9.72
C SER B 509 -18.13 -53.63 9.01
N LYS B 510 -17.46 -54.49 9.77
CA LYS B 510 -16.66 -55.56 9.18
C LYS B 510 -17.54 -56.58 8.45
N LEU B 511 -18.68 -56.93 9.05
CA LEU B 511 -19.61 -57.88 8.41
C LEU B 511 -20.25 -57.28 7.17
N ASN B 512 -20.58 -55.99 7.20
CA ASN B 512 -21.20 -55.38 6.02
C ASN B 512 -20.16 -55.04 4.95
N ARG B 513 -18.89 -54.89 5.35
CA ARG B 513 -17.84 -54.65 4.37
C ARG B 513 -17.43 -55.95 3.68
N GLU B 514 -17.49 -57.07 4.41
CA GLU B 514 -17.18 -58.36 3.79
C GLU B 514 -18.26 -58.80 2.81
N LYS B 515 -19.52 -58.42 3.06
CA LYS B 515 -20.59 -58.77 2.14
C LYS B 515 -20.55 -57.89 0.89
N ILE B 516 -20.10 -56.65 1.02
CA ILE B 516 -20.02 -55.75 -0.13
C ILE B 516 -18.61 -55.78 -0.71
N ASP C 18 -1.67 -51.18 -17.17
CA ASP C 18 -2.58 -50.09 -17.48
C ASP C 18 -2.45 -48.95 -16.48
N THR C 19 -1.62 -47.96 -16.81
CA THR C 19 -1.35 -46.85 -15.92
C THR C 19 -1.83 -45.55 -16.54
N ILE C 20 -2.42 -44.66 -15.73
CA ILE C 20 -2.62 -43.27 -16.08
C ILE C 20 -1.98 -42.42 -14.98
N CYS C 21 -1.48 -41.25 -15.35
CA CYS C 21 -0.80 -40.36 -14.43
C CYS C 21 -1.25 -38.94 -14.66
N ILE C 22 -1.23 -38.13 -13.60
CA ILE C 22 -1.56 -36.71 -13.67
C ILE C 22 -0.30 -35.93 -13.34
N GLY C 23 0.19 -35.15 -14.31
CA GLY C 23 1.41 -34.40 -14.15
C GLY C 23 1.26 -32.99 -14.67
N TYR C 24 2.36 -32.30 -14.95
CA TYR C 24 2.26 -30.94 -15.42
C TYR C 24 3.40 -30.59 -16.37
N HIS C 25 3.43 -29.31 -16.74
CA HIS C 25 4.29 -28.82 -17.81
C HIS C 25 5.68 -28.44 -17.28
N ALA C 26 6.70 -28.76 -18.08
CA ALA C 26 8.06 -28.33 -17.82
C ALA C 26 8.77 -28.18 -19.16
N ASN C 27 9.75 -27.28 -19.20
CA ASN C 27 10.46 -26.97 -20.43
C ASN C 27 11.86 -26.49 -20.11
N ASN C 28 12.53 -25.92 -21.11
CA ASN C 28 13.90 -25.44 -21.01
C ASN C 28 14.00 -23.98 -20.60
N SER C 29 12.91 -23.40 -20.09
CA SER C 29 12.89 -21.98 -19.74
C SER C 29 13.70 -21.73 -18.48
N THR C 30 14.40 -20.58 -18.46
CA THR C 30 15.22 -20.18 -17.33
C THR C 30 14.76 -18.85 -16.73
N ASP C 31 13.47 -18.54 -16.81
CA ASP C 31 12.96 -17.29 -16.25
C ASP C 31 12.90 -17.38 -14.73
N THR C 32 13.57 -16.45 -14.06
CA THR C 32 13.67 -16.45 -12.61
C THR C 32 12.81 -15.35 -12.02
N VAL C 33 12.05 -15.69 -10.98
CA VAL C 33 11.14 -14.77 -10.31
C VAL C 33 11.51 -14.73 -8.83
N ASP C 34 10.90 -13.79 -8.12
CA ASP C 34 11.14 -13.62 -6.69
C ASP C 34 9.83 -13.75 -5.92
N THR C 35 9.83 -14.62 -4.92
CA THR C 35 8.75 -14.74 -3.95
C THR C 35 9.27 -14.34 -2.58
N VAL C 36 8.44 -14.50 -1.54
CA VAL C 36 8.89 -14.15 -0.19
C VAL C 36 9.41 -15.41 0.52
N CYS C 37 9.02 -16.59 0.03
CA CYS C 37 9.54 -17.84 0.57
C CYS C 37 10.87 -18.19 -0.10
N GLU C 38 10.88 -18.22 -1.43
CA GLU C 38 12.03 -18.64 -2.21
C GLU C 38 12.39 -17.53 -3.19
N LYS C 39 13.68 -17.36 -3.43
CA LYS C 39 14.19 -16.40 -4.41
C LYS C 39 14.74 -17.17 -5.60
N ASN C 40 14.72 -16.50 -6.77
CA ASN C 40 15.29 -16.99 -8.04
C ASN C 40 14.60 -18.29 -8.50
N VAL C 41 13.27 -18.31 -8.41
CA VAL C 41 12.51 -19.51 -8.77
C VAL C 41 12.38 -19.60 -10.27
N THR C 42 12.84 -20.72 -10.83
CA THR C 42 12.77 -20.96 -12.26
C THR C 42 11.35 -21.40 -12.63
N VAL C 43 10.73 -20.68 -13.56
CA VAL C 43 9.34 -20.92 -13.93
C VAL C 43 9.25 -21.21 -15.42
N THR C 44 8.19 -21.93 -15.82
CA THR C 44 8.02 -22.33 -17.21
C THR C 44 7.64 -21.14 -18.10
N HIS C 45 6.69 -20.33 -17.65
CA HIS C 45 6.28 -19.14 -18.39
C HIS C 45 6.23 -17.97 -17.44
N SER C 46 6.60 -16.80 -17.95
CA SER C 46 6.54 -15.56 -17.18
C SER C 46 6.40 -14.40 -18.15
N VAL C 47 5.91 -13.26 -17.63
CA VAL C 47 5.80 -12.04 -18.42
C VAL C 47 6.61 -10.95 -17.73
N ASN C 48 7.22 -10.08 -18.52
CA ASN C 48 7.90 -8.91 -17.99
C ASN C 48 6.96 -7.72 -18.01
N LEU C 49 6.96 -6.96 -16.91
CA LEU C 49 6.13 -5.78 -16.80
C LEU C 49 6.96 -4.50 -16.81
N LEU C 50 8.27 -4.62 -16.93
CA LEU C 50 9.18 -3.50 -16.73
C LEU C 50 9.93 -3.21 -18.02
N GLU C 51 9.93 -1.95 -18.44
CA GLU C 51 10.74 -1.51 -19.56
C GLU C 51 11.98 -0.80 -19.03
N ASP C 52 13.16 -1.28 -19.43
CA ASP C 52 14.42 -0.72 -18.98
C ASP C 52 15.26 -0.19 -20.13
N SER C 53 14.76 -0.25 -21.37
CA SER C 53 15.52 0.18 -22.53
C SER C 53 14.76 1.30 -23.23
N HIS C 54 15.52 2.31 -23.65
CA HIS C 54 14.99 3.47 -24.37
C HIS C 54 15.75 3.65 -25.67
N ASN C 55 15.35 4.68 -26.42
CA ASN C 55 16.02 4.98 -27.68
C ASN C 55 17.41 5.55 -27.44
N GLY C 56 17.57 6.33 -26.37
CA GLY C 56 18.79 7.06 -26.10
C GLY C 56 18.87 8.40 -26.79
N LYS C 57 17.88 8.71 -27.64
CA LYS C 57 17.87 9.90 -28.48
C LYS C 57 16.55 10.61 -28.26
N LEU C 58 16.61 11.95 -28.16
CA LEU C 58 15.41 12.76 -28.05
C LEU C 58 14.62 12.70 -29.36
N CYS C 59 13.30 12.80 -29.25
CA CYS C 59 12.44 12.50 -30.39
C CYS C 59 11.34 13.55 -30.52
N ARG C 60 10.68 13.52 -31.67
CA ARG C 60 9.39 14.14 -31.83
C ARG C 60 8.32 13.24 -31.20
N LEU C 61 7.16 13.82 -30.92
CA LEU C 61 6.10 13.09 -30.23
C LEU C 61 4.79 13.31 -30.98
N LYS C 62 4.21 12.20 -31.47
CA LYS C 62 3.00 12.15 -32.30
C LYS C 62 3.10 13.05 -33.53
N GLY C 63 4.25 13.04 -34.20
CA GLY C 63 4.45 13.82 -35.41
C GLY C 63 4.56 15.31 -35.18
N LYS C 64 4.92 15.72 -33.96
CA LYS C 64 5.04 17.14 -33.61
C LYS C 64 6.44 17.37 -33.08
N ALA C 65 7.16 18.31 -33.70
CA ALA C 65 8.53 18.58 -33.30
C ALA C 65 8.57 19.36 -31.99
N PRO C 66 9.46 18.97 -31.07
CA PRO C 66 9.61 19.72 -29.82
C PRO C 66 10.30 21.05 -30.06
N LEU C 67 10.05 22.00 -29.16
CA LEU C 67 10.81 23.26 -29.16
C LEU C 67 12.11 23.00 -28.43
N GLN C 68 13.19 22.81 -29.17
CA GLN C 68 14.51 22.62 -28.60
C GLN C 68 15.11 24.00 -28.34
N LEU C 69 15.33 24.32 -27.07
CA LEU C 69 15.93 25.61 -26.72
C LEU C 69 17.40 25.67 -27.12
N GLY C 70 18.10 24.55 -26.98
CA GLY C 70 19.50 24.52 -27.39
C GLY C 70 20.38 25.19 -26.36
N ASN C 71 21.03 26.28 -26.76
CA ASN C 71 21.83 27.07 -25.85
C ASN C 71 21.01 28.09 -25.06
N CYS C 72 19.71 28.16 -25.31
CA CYS C 72 18.87 29.18 -24.70
C CYS C 72 18.28 28.70 -23.38
N ASN C 73 17.82 29.66 -22.59
CA ASN C 73 17.02 29.42 -21.41
C ASN C 73 15.55 29.60 -21.76
N ILE C 74 14.69 29.41 -20.76
CA ILE C 74 13.33 29.91 -20.85
C ILE C 74 13.30 31.43 -20.91
N ALA C 75 14.14 32.08 -20.09
CA ALA C 75 14.27 33.54 -20.01
C ALA C 75 14.77 34.16 -21.31
N GLY C 76 15.77 33.55 -21.95
CA GLY C 76 16.29 34.11 -23.18
C GLY C 76 15.34 33.93 -24.36
N TRP C 77 14.46 32.94 -24.27
CA TRP C 77 13.44 32.75 -25.29
C TRP C 77 12.36 33.83 -25.20
N VAL C 78 11.86 34.10 -23.99
CA VAL C 78 10.75 35.04 -23.86
C VAL C 78 11.26 36.47 -23.88
N LEU C 79 12.51 36.69 -23.48
CA LEU C 79 13.09 38.02 -23.62
C LEU C 79 13.57 38.26 -25.05
N GLY C 80 13.73 37.19 -25.82
CA GLY C 80 14.18 37.30 -27.18
C GLY C 80 15.66 37.65 -27.27
N ASN C 81 16.51 36.72 -26.85
CA ASN C 81 17.95 36.93 -26.88
C ASN C 81 18.43 37.00 -28.33
N PRO C 82 19.49 37.77 -28.62
CA PRO C 82 20.06 37.79 -29.98
C PRO C 82 20.52 36.44 -30.51
N GLU C 83 21.07 35.58 -29.66
CA GLU C 83 21.43 34.24 -30.10
C GLU C 83 20.20 33.34 -30.20
N CYS C 84 19.13 33.69 -29.50
CA CYS C 84 17.87 32.93 -29.55
C CYS C 84 16.89 33.58 -30.55
N GLU C 85 17.36 33.69 -31.80
CA GLU C 85 16.57 34.30 -32.85
C GLU C 85 15.80 33.30 -33.69
N SER C 86 16.21 32.03 -33.68
CA SER C 86 15.50 31.01 -34.45
C SER C 86 14.19 30.63 -33.77
N LEU C 87 14.11 30.82 -32.45
CA LEU C 87 12.94 30.43 -31.68
C LEU C 87 11.81 31.45 -31.78
N LEU C 88 12.10 32.66 -32.29
CA LEU C 88 11.12 33.74 -32.32
C LEU C 88 10.35 33.69 -33.64
N SER C 89 9.50 32.67 -33.76
CA SER C 89 8.64 32.49 -34.92
C SER C 89 7.40 31.74 -34.45
N ASN C 90 6.28 31.95 -35.15
CA ASN C 90 5.03 31.30 -34.78
C ASN C 90 5.10 29.81 -35.03
N ARG C 91 4.96 29.04 -33.95
CA ARG C 91 5.16 27.60 -34.00
C ARG C 91 4.37 26.91 -32.91
N SER C 92 4.18 25.61 -33.08
CA SER C 92 3.55 24.75 -32.09
C SER C 92 4.49 23.58 -31.81
N TRP C 93 4.30 22.94 -30.67
CA TRP C 93 5.23 21.90 -30.25
C TRP C 93 4.49 20.92 -29.35
N SER C 94 5.15 19.79 -29.08
CA SER C 94 4.69 18.80 -28.12
C SER C 94 5.29 18.98 -26.74
N TYR C 95 6.56 19.38 -26.67
CA TYR C 95 7.22 19.70 -25.40
C TYR C 95 8.36 20.67 -25.68
N ILE C 96 8.96 21.14 -24.60
CA ILE C 96 10.11 22.05 -24.65
C ILE C 96 11.33 21.28 -24.20
N ALA C 97 12.36 21.24 -25.03
CA ALA C 97 13.60 20.54 -24.74
C ALA C 97 14.67 21.56 -24.40
N GLU C 98 15.31 21.39 -23.24
CA GLU C 98 16.28 22.36 -22.75
C GLU C 98 17.55 21.66 -22.28
N THR C 99 18.68 22.31 -22.51
CA THR C 99 19.95 21.83 -22.01
C THR C 99 20.02 22.09 -20.50
N PRO C 100 20.57 21.16 -19.71
CA PRO C 100 20.75 21.42 -18.25
C PRO C 100 21.60 22.62 -17.91
N ASN C 101 22.63 22.92 -18.71
CA ASN C 101 23.49 24.07 -18.49
C ASN C 101 23.53 24.89 -19.78
N SER C 102 22.66 25.89 -19.87
CA SER C 102 22.58 26.77 -21.02
C SER C 102 22.82 28.20 -20.56
N GLU C 103 23.60 28.96 -21.33
CA GLU C 103 24.08 30.25 -20.88
C GLU C 103 23.39 31.44 -21.55
N ASN C 104 22.70 31.24 -22.67
CA ASN C 104 22.09 32.34 -23.39
C ASN C 104 20.70 32.60 -22.82
N GLY C 105 20.69 33.26 -21.66
CA GLY C 105 19.44 33.67 -21.03
C GLY C 105 19.31 35.18 -21.03
N THR C 106 19.53 35.80 -19.87
CA THR C 106 19.53 37.26 -19.75
C THR C 106 20.95 37.73 -20.01
N CYS C 107 21.17 38.34 -21.19
CA CYS C 107 22.49 38.84 -21.54
C CYS C 107 22.87 40.05 -20.72
N PHE C 108 21.96 41.02 -20.60
CA PHE C 108 22.18 42.09 -19.64
C PHE C 108 21.86 41.59 -18.24
N PRO C 109 22.71 41.86 -17.25
CA PRO C 109 22.47 41.31 -15.90
C PRO C 109 21.26 41.94 -15.21
N GLY C 110 20.70 41.20 -14.27
CA GLY C 110 19.54 41.65 -13.55
C GLY C 110 18.76 40.48 -13.00
N ASP C 111 17.70 40.81 -12.28
CA ASP C 111 16.85 39.81 -11.63
C ASP C 111 15.60 39.60 -12.45
N PHE C 112 15.38 38.35 -12.88
CA PHE C 112 14.14 38.00 -13.57
C PHE C 112 13.10 37.68 -12.51
N ALA C 113 12.11 38.55 -12.36
CA ALA C 113 11.10 38.36 -11.32
C ALA C 113 10.09 37.30 -11.75
N ASP C 114 9.87 36.32 -10.87
CA ASP C 114 8.97 35.17 -11.06
C ASP C 114 9.36 34.38 -12.31
N TYR C 115 10.64 34.01 -12.39
CA TYR C 115 11.12 33.17 -13.49
C TYR C 115 10.57 31.75 -13.36
N GLU C 116 10.58 31.21 -12.14
CA GLU C 116 10.16 29.83 -11.93
C GLU C 116 8.65 29.69 -12.02
N GLU C 117 7.92 30.77 -11.76
CA GLU C 117 6.49 30.76 -12.02
C GLU C 117 6.19 30.86 -13.51
N LEU C 118 7.03 31.60 -14.25
CA LEU C 118 6.90 31.68 -15.70
C LEU C 118 7.15 30.34 -16.35
N ARG C 119 8.11 29.58 -15.81
CA ARG C 119 8.36 28.21 -16.27
C ARG C 119 7.17 27.29 -16.02
N GLU C 120 6.47 27.48 -14.90
CA GLU C 120 5.30 26.67 -14.60
C GLU C 120 4.11 27.05 -15.47
N GLN C 121 3.96 28.33 -15.81
CA GLN C 121 2.92 28.73 -16.75
C GLN C 121 3.21 28.26 -18.16
N LEU C 122 4.48 28.25 -18.56
CA LEU C 122 4.86 27.83 -19.90
C LEU C 122 5.15 26.34 -19.99
N SER C 123 4.99 25.59 -18.91
CA SER C 123 5.02 24.13 -19.01
C SER C 123 3.78 23.61 -19.73
N SER C 124 2.64 24.28 -19.58
CA SER C 124 1.39 23.85 -20.18
C SER C 124 1.01 24.67 -21.40
N VAL C 125 1.99 25.28 -22.08
CA VAL C 125 1.75 26.07 -23.28
C VAL C 125 2.18 25.24 -24.47
N SER C 126 1.28 25.09 -25.44
CA SER C 126 1.54 24.29 -26.63
C SER C 126 2.02 25.11 -27.82
N SER C 127 1.63 26.38 -27.91
CA SER C 127 2.03 27.22 -29.03
C SER C 127 1.96 28.68 -28.60
N PHE C 128 2.61 29.53 -29.37
CA PHE C 128 2.43 30.97 -29.25
C PHE C 128 2.25 31.57 -30.63
N GLU C 129 2.03 32.88 -30.65
CA GLU C 129 2.10 33.69 -31.86
C GLU C 129 2.71 35.04 -31.47
N ARG C 130 3.81 35.38 -32.13
CA ARG C 130 4.56 36.58 -31.77
C ARG C 130 4.06 37.78 -32.55
N PHE C 131 3.47 38.74 -31.84
CA PHE C 131 2.91 39.93 -32.46
C PHE C 131 3.53 41.16 -31.81
N GLU C 132 3.63 42.22 -32.58
CA GLU C 132 4.23 43.47 -32.13
C GLU C 132 3.21 44.22 -31.28
N ILE C 133 3.37 44.17 -29.96
CA ILE C 133 2.44 44.83 -29.05
C ILE C 133 2.59 46.35 -29.13
N PHE C 134 3.83 46.83 -29.13
CA PHE C 134 4.12 48.26 -29.33
C PHE C 134 5.12 48.33 -30.47
N PRO C 135 4.75 48.94 -31.61
CA PRO C 135 5.70 49.07 -32.72
C PRO C 135 6.85 50.01 -32.37
N LYS C 136 8.03 49.71 -32.93
CA LYS C 136 9.24 50.43 -32.56
C LYS C 136 9.25 51.84 -33.16
N GLU C 137 8.55 52.03 -34.28
CA GLU C 137 8.58 53.33 -34.95
C GLU C 137 7.30 54.12 -34.69
N ARG C 138 6.15 53.45 -34.69
CA ARG C 138 4.88 54.15 -34.56
C ARG C 138 4.61 54.59 -33.13
N SER C 139 4.95 53.74 -32.14
CA SER C 139 4.51 54.01 -30.78
C SER C 139 5.49 54.91 -30.02
N TRP C 140 6.68 55.13 -30.57
CA TRP C 140 7.71 55.93 -29.90
C TRP C 140 8.20 57.04 -30.82
N PRO C 141 7.46 58.15 -30.93
CA PRO C 141 7.98 59.24 -31.78
C PRO C 141 8.91 60.19 -31.05
N ASN C 142 8.89 60.19 -29.72
CA ASN C 142 9.64 61.15 -28.92
C ASN C 142 10.77 60.52 -28.12
N HIS C 143 11.13 59.27 -28.40
CA HIS C 143 12.25 58.60 -27.76
C HIS C 143 13.08 57.91 -28.82
N THR C 144 14.38 57.75 -28.53
CA THR C 144 15.29 57.05 -29.43
C THR C 144 15.26 55.57 -29.08
N THR C 145 14.68 54.77 -29.97
CA THR C 145 14.52 53.34 -29.74
C THR C 145 15.79 52.55 -30.03
N ARG C 146 16.79 53.17 -30.68
CA ARG C 146 17.99 52.44 -31.12
C ARG C 146 18.98 52.33 -29.95
N GLY C 147 18.64 51.44 -29.02
CA GLY C 147 19.43 51.22 -27.83
C GLY C 147 19.99 49.81 -27.82
N VAL C 148 21.32 49.72 -27.92
CA VAL C 148 22.03 48.46 -27.87
C VAL C 148 23.05 48.53 -26.74
N THR C 149 23.58 47.37 -26.35
CA THR C 149 24.55 47.27 -25.28
C THR C 149 25.61 46.24 -25.61
N ALA C 150 26.73 46.33 -24.89
CA ALA C 150 27.84 45.40 -25.13
C ALA C 150 27.68 44.08 -24.41
N ALA C 151 26.66 43.96 -23.56
CA ALA C 151 26.43 42.70 -22.85
C ALA C 151 25.77 41.67 -23.75
N CYS C 152 25.18 42.12 -24.85
CA CYS C 152 24.45 41.21 -25.74
C CYS C 152 25.02 41.29 -27.16
N PRO C 153 26.12 40.60 -27.44
CA PRO C 153 26.69 40.67 -28.79
C PRO C 153 26.02 39.71 -29.76
N HIS C 154 25.77 40.19 -30.98
CA HIS C 154 25.19 39.39 -32.05
C HIS C 154 26.06 39.54 -33.29
N ALA C 155 26.79 38.46 -33.63
CA ALA C 155 27.81 38.42 -34.68
C ALA C 155 28.86 39.51 -34.48
N MET C 156 29.41 39.57 -33.26
CA MET C 156 30.51 40.44 -32.84
C MET C 156 30.20 41.94 -32.97
N LYS C 157 28.93 42.33 -32.85
CA LYS C 157 28.55 43.72 -32.74
C LYS C 157 27.49 43.85 -31.65
N SER C 158 27.36 45.06 -31.12
CA SER C 158 26.46 45.29 -29.99
C SER C 158 25.01 45.24 -30.42
N SER C 159 24.20 44.50 -29.65
CA SER C 159 22.79 44.33 -29.94
C SER C 159 22.01 44.30 -28.63
N PHE C 160 20.69 44.15 -28.74
CA PHE C 160 19.80 44.08 -27.60
C PHE C 160 18.76 43.01 -27.88
N TYR C 161 17.80 42.87 -26.96
CA TYR C 161 16.72 41.91 -27.08
C TYR C 161 15.82 42.22 -28.26
N LYS C 162 15.33 41.17 -28.91
CA LYS C 162 14.41 41.28 -30.04
C LYS C 162 12.96 41.41 -29.59
N ASN C 163 12.69 41.30 -28.30
CA ASN C 163 11.36 41.50 -27.75
C ASN C 163 11.24 42.75 -26.90
N LEU C 164 12.33 43.47 -26.67
CA LEU C 164 12.33 44.63 -25.81
C LEU C 164 12.99 45.81 -26.50
N VAL C 165 12.61 47.02 -26.07
CA VAL C 165 13.14 48.27 -26.61
C VAL C 165 13.73 49.07 -25.46
N TRP C 166 15.01 49.42 -25.58
CA TRP C 166 15.67 50.31 -24.62
C TRP C 166 15.37 51.75 -25.06
N LEU C 167 14.33 52.32 -24.45
CA LEU C 167 14.01 53.72 -24.69
C LEU C 167 14.98 54.62 -23.93
N THR C 168 15.52 55.61 -24.62
CA THR C 168 16.44 56.59 -24.05
C THR C 168 15.91 57.98 -24.39
N GLU C 169 16.74 58.98 -24.17
CA GLU C 169 16.38 60.36 -24.48
C GLU C 169 16.30 60.59 -25.98
N ALA C 170 15.60 61.66 -26.37
CA ALA C 170 15.58 62.15 -27.74
C ALA C 170 15.57 63.67 -27.70
N ASN C 171 16.55 64.29 -28.38
CA ASN C 171 16.83 65.72 -28.40
C ASN C 171 17.03 66.31 -27.00
N GLY C 172 17.66 65.56 -26.10
CA GLY C 172 17.96 66.05 -24.77
C GLY C 172 16.82 66.03 -23.78
N SER C 173 15.73 65.32 -24.08
CA SER C 173 14.59 65.28 -23.18
C SER C 173 13.93 63.90 -23.23
N TYR C 174 13.50 63.41 -22.06
CA TYR C 174 12.71 62.20 -21.94
C TYR C 174 11.29 62.60 -21.59
N PRO C 175 10.33 62.56 -22.52
CA PRO C 175 8.95 62.93 -22.19
C PRO C 175 8.26 61.86 -21.35
N ASN C 176 7.08 62.24 -20.85
CA ASN C 176 6.25 61.28 -20.13
C ASN C 176 5.70 60.25 -21.08
N LEU C 177 5.40 59.07 -20.55
CA LEU C 177 5.01 57.91 -21.35
C LEU C 177 3.71 57.36 -20.79
N SER C 178 2.75 57.09 -21.68
CA SER C 178 1.51 56.42 -21.28
C SER C 178 0.98 55.68 -22.51
N ARG C 179 1.29 54.39 -22.57
CA ARG C 179 0.89 53.54 -23.70
C ARG C 179 0.00 52.42 -23.19
N SER C 180 -1.15 52.25 -23.84
CA SER C 180 -2.13 51.25 -23.46
C SER C 180 -2.31 50.22 -24.56
N TYR C 181 -2.41 48.96 -24.16
CA TYR C 181 -2.73 47.89 -25.08
C TYR C 181 -3.92 47.10 -24.53
N VAL C 182 -4.92 46.89 -25.37
CA VAL C 182 -6.11 46.12 -25.02
C VAL C 182 -6.03 44.78 -25.72
N ASN C 183 -6.28 43.70 -24.98
CA ASN C 183 -6.13 42.34 -25.50
C ASN C 183 -7.29 42.03 -26.44
N ASN C 184 -7.00 42.00 -27.74
CA ASN C 184 -7.98 41.63 -28.76
C ASN C 184 -7.65 40.30 -29.43
N GLN C 185 -6.67 39.56 -28.90
CA GLN C 185 -6.28 38.28 -29.46
C GLN C 185 -7.13 37.12 -28.96
N GLU C 186 -8.01 37.37 -27.99
CA GLU C 186 -8.90 36.38 -27.34
C GLU C 186 -8.12 35.22 -26.72
N LYS C 187 -6.90 35.49 -26.24
CA LYS C 187 -6.02 34.50 -25.65
C LYS C 187 -5.25 35.16 -24.52
N GLU C 188 -4.50 34.35 -23.78
CA GLU C 188 -3.59 34.88 -22.78
C GLU C 188 -2.32 35.40 -23.47
N VAL C 189 -2.01 36.66 -23.19
CA VAL C 189 -0.89 37.34 -23.83
C VAL C 189 0.19 37.59 -22.77
N LEU C 190 1.39 37.09 -23.05
CA LEU C 190 2.53 37.26 -22.15
C LEU C 190 3.27 38.54 -22.53
N VAL C 191 3.20 39.54 -21.64
CA VAL C 191 3.86 40.83 -21.85
C VAL C 191 5.07 40.89 -20.93
N LEU C 192 6.25 41.13 -21.49
CA LEU C 192 7.47 41.26 -20.72
C LEU C 192 8.08 42.64 -20.92
N TRP C 193 8.60 43.21 -19.84
CA TRP C 193 9.27 44.49 -19.90
C TRP C 193 10.46 44.46 -18.96
N GLY C 194 11.09 45.60 -18.77
CA GLY C 194 12.23 45.69 -17.88
C GLY C 194 12.38 47.11 -17.35
N VAL C 195 13.05 47.21 -16.21
CA VAL C 195 13.35 48.49 -15.57
C VAL C 195 14.85 48.58 -15.41
N HIS C 196 15.45 49.63 -15.97
CA HIS C 196 16.89 49.78 -15.97
C HIS C 196 17.35 50.46 -14.68
N HIS C 197 18.25 49.80 -13.95
CA HIS C 197 18.83 50.36 -12.75
C HIS C 197 20.27 50.73 -13.04
N PRO C 198 20.60 52.01 -13.21
CA PRO C 198 21.98 52.39 -13.58
C PRO C 198 22.96 52.28 -12.42
N SER C 199 24.25 52.40 -12.72
CA SER C 199 25.29 52.25 -11.73
C SER C 199 25.67 53.56 -11.04
N ASN C 200 25.69 54.66 -11.78
CA ASN C 200 25.97 55.97 -11.21
C ASN C 200 24.87 56.93 -11.65
N ILE C 201 24.88 58.12 -11.04
CA ILE C 201 23.85 59.11 -11.37
C ILE C 201 24.18 59.80 -12.70
N GLU C 202 25.43 59.69 -13.16
CA GLU C 202 25.82 60.30 -14.43
C GLU C 202 25.19 59.57 -15.61
N ASP C 203 25.13 58.23 -15.57
CA ASP C 203 24.49 57.48 -16.64
C ASP C 203 22.97 57.63 -16.62
N GLN C 204 22.38 57.77 -15.42
CA GLN C 204 20.96 58.04 -15.30
C GLN C 204 20.59 59.40 -15.88
N ARG C 205 21.40 60.42 -15.59
CA ARG C 205 21.16 61.74 -16.16
C ARG C 205 21.50 61.77 -17.65
N THR C 206 22.41 60.90 -18.10
CA THR C 206 22.73 60.83 -19.52
C THR C 206 21.60 60.20 -20.33
N LEU C 207 21.05 59.10 -19.84
CA LEU C 207 20.04 58.35 -20.59
C LEU C 207 18.64 58.91 -20.43
N TYR C 208 18.25 59.30 -19.21
CA TYR C 208 16.85 59.56 -18.93
C TYR C 208 16.55 60.98 -18.45
N ARG C 209 17.57 61.86 -18.39
CA ARG C 209 17.44 63.30 -18.11
C ARG C 209 16.71 63.66 -16.83
N LYS C 210 16.71 62.80 -15.81
CA LYS C 210 16.16 63.16 -14.51
C LYS C 210 16.73 62.25 -13.44
N ASP C 211 16.88 62.77 -12.22
CA ASP C 211 17.37 61.97 -11.11
C ASP C 211 16.32 60.99 -10.63
N ASN C 212 15.07 61.45 -10.48
CA ASN C 212 13.99 60.65 -9.92
C ASN C 212 13.05 60.25 -11.05
N ALA C 213 13.03 58.96 -11.36
CA ALA C 213 12.15 58.42 -12.38
C ALA C 213 11.39 57.23 -11.81
N TYR C 214 10.33 56.83 -12.51
CA TYR C 214 9.53 55.69 -12.08
C TYR C 214 8.99 54.97 -13.30
N VAL C 215 8.58 53.72 -13.08
CA VAL C 215 7.86 52.92 -14.06
C VAL C 215 6.61 52.38 -13.39
N SER C 216 5.43 52.65 -13.98
CA SER C 216 4.17 52.17 -13.45
C SER C 216 3.48 51.31 -14.49
N VAL C 217 3.27 50.03 -14.15
CA VAL C 217 2.64 49.06 -15.04
C VAL C 217 1.39 48.54 -14.35
N VAL C 218 0.21 48.90 -14.87
CA VAL C 218 -1.07 48.58 -14.25
C VAL C 218 -1.94 47.82 -15.24
N SER C 219 -2.30 46.59 -14.90
CA SER C 219 -3.38 45.86 -15.54
C SER C 219 -4.59 45.82 -14.60
N SER C 220 -5.58 45.01 -14.95
CA SER C 220 -6.67 44.75 -14.02
C SER C 220 -6.22 43.87 -12.86
N ASN C 221 -5.41 42.85 -13.15
CA ASN C 221 -4.88 41.96 -12.13
C ASN C 221 -3.42 42.24 -11.77
N TYR C 222 -2.85 43.33 -12.28
CA TYR C 222 -1.48 43.71 -12.02
C TYR C 222 -1.43 45.19 -11.64
N ASN C 223 -0.70 45.49 -10.57
CA ASN C 223 -0.53 46.88 -10.14
C ASN C 223 0.80 46.96 -9.41
N ARG C 224 1.83 47.41 -10.10
CA ARG C 224 3.15 47.56 -9.52
C ARG C 224 3.80 48.84 -10.00
N ARG C 225 4.47 49.54 -9.09
CA ARG C 225 5.27 50.71 -9.40
C ARG C 225 6.72 50.38 -9.16
N PHE C 226 7.59 50.88 -10.03
CA PHE C 226 9.00 50.50 -10.06
C PHE C 226 9.86 51.74 -9.86
N THR C 227 10.78 51.67 -8.91
CA THR C 227 11.70 52.76 -8.65
C THR C 227 13.11 52.32 -9.01
N PRO C 228 13.79 53.02 -9.91
CA PRO C 228 15.21 52.74 -10.18
C PRO C 228 16.08 52.95 -8.94
N GLU C 229 17.06 52.07 -8.76
CA GLU C 229 17.91 52.06 -7.58
C GLU C 229 19.36 52.17 -8.04
N ILE C 230 19.90 53.38 -8.01
CA ILE C 230 21.29 53.61 -8.42
C ILE C 230 22.20 53.21 -7.27
N ALA C 231 23.11 52.27 -7.54
CA ALA C 231 24.06 51.81 -6.54
C ALA C 231 25.32 51.31 -7.24
N LYS C 232 26.40 51.25 -6.48
CA LYS C 232 27.66 50.68 -6.96
C LYS C 232 27.59 49.17 -6.82
N ARG C 233 27.73 48.47 -7.95
CA ARG C 233 27.42 47.05 -8.03
C ARG C 233 28.60 46.28 -8.60
N PRO C 234 28.72 44.98 -8.28
CA PRO C 234 29.72 44.15 -8.96
C PRO C 234 29.39 43.97 -10.43
N LYS C 235 30.43 43.87 -11.24
CA LYS C 235 30.27 43.77 -12.68
C LYS C 235 29.94 42.33 -13.07
N VAL C 236 28.79 42.15 -13.72
CA VAL C 236 28.39 40.88 -14.32
C VAL C 236 28.29 41.09 -15.82
N ARG C 237 29.08 40.32 -16.58
CA ARG C 237 29.22 40.43 -18.04
C ARG C 237 29.62 41.83 -18.50
N GLY C 238 30.49 42.48 -17.73
CA GLY C 238 31.00 43.79 -18.11
C GLY C 238 30.11 44.96 -17.81
N GLN C 239 28.99 44.76 -17.11
CA GLN C 239 28.05 45.82 -16.80
C GLN C 239 27.87 45.94 -15.31
N SER C 240 27.97 47.17 -14.79
CA SER C 240 27.66 47.46 -13.40
C SER C 240 26.20 47.86 -13.20
N GLY C 241 25.45 48.04 -14.28
CA GLY C 241 24.03 48.32 -14.19
C GLY C 241 23.20 47.07 -14.34
N ARG C 242 21.95 47.15 -13.90
CA ARG C 242 21.05 46.01 -13.93
C ARG C 242 19.76 46.41 -14.65
N ILE C 243 19.23 45.49 -15.46
CA ILE C 243 17.87 45.58 -15.94
C ILE C 243 17.07 44.48 -15.27
N ASN C 244 16.08 44.86 -14.46
CA ASN C 244 15.23 43.92 -13.76
C ASN C 244 14.05 43.59 -14.66
N TYR C 245 13.91 42.32 -15.03
CA TYR C 245 12.89 41.91 -15.98
C TYR C 245 11.65 41.43 -15.26
N TYR C 246 10.49 41.90 -15.72
CA TYR C 246 9.20 41.54 -15.15
C TYR C 246 8.30 41.00 -16.25
N TRP C 247 7.23 40.34 -15.86
CA TRP C 247 6.28 39.80 -16.82
C TRP C 247 4.89 39.75 -16.20
N THR C 248 3.88 39.72 -17.06
CA THR C 248 2.51 39.50 -16.64
C THR C 248 1.77 38.75 -17.75
N LEU C 249 0.66 38.11 -17.39
CA LEU C 249 -0.18 37.37 -18.33
C LEU C 249 -1.51 38.08 -18.42
N LEU C 250 -1.80 38.68 -19.58
CA LEU C 250 -3.05 39.37 -19.77
C LEU C 250 -4.21 38.39 -19.97
N GLU C 251 -5.35 38.75 -19.42
CA GLU C 251 -6.59 38.05 -19.69
C GLU C 251 -7.13 38.47 -21.05
N PRO C 252 -8.00 37.68 -21.67
CA PRO C 252 -8.68 38.13 -22.88
C PRO C 252 -9.63 39.28 -22.59
N GLY C 253 -9.48 40.37 -23.35
CA GLY C 253 -10.27 41.56 -23.11
C GLY C 253 -9.78 42.42 -21.97
N ASP C 254 -8.47 42.40 -21.70
CA ASP C 254 -7.90 43.15 -20.58
C ASP C 254 -6.94 44.21 -21.11
N THR C 255 -6.80 45.29 -20.35
CA THR C 255 -6.01 46.44 -20.74
C THR C 255 -4.77 46.54 -19.85
N ILE C 256 -3.60 46.63 -20.48
CA ILE C 256 -2.34 46.88 -19.79
C ILE C 256 -1.95 48.33 -20.08
N ILE C 257 -1.52 49.04 -19.04
CA ILE C 257 -1.09 50.43 -19.18
C ILE C 257 0.35 50.56 -18.70
N PHE C 258 1.22 51.08 -19.57
CA PHE C 258 2.63 51.27 -19.26
C PHE C 258 2.85 52.77 -19.07
N GLU C 259 3.20 53.18 -17.86
CA GLU C 259 3.53 54.56 -17.56
C GLU C 259 4.94 54.65 -17.02
N ALA C 260 5.70 55.62 -17.54
CA ALA C 260 7.08 55.81 -17.12
C ALA C 260 7.49 57.25 -17.38
N THR C 261 8.40 57.75 -16.54
CA THR C 261 9.14 58.96 -16.82
C THR C 261 10.61 58.69 -17.04
N GLY C 262 11.03 57.43 -16.99
CA GLY C 262 12.41 57.05 -17.24
C GLY C 262 12.59 55.61 -16.86
N ASN C 263 13.74 55.06 -17.29
CA ASN C 263 14.22 53.72 -16.94
C ASN C 263 13.26 52.61 -17.36
N LEU C 264 12.67 52.71 -18.55
CA LEU C 264 11.76 51.69 -19.05
C LEU C 264 12.41 50.93 -20.19
N ILE C 265 12.40 49.60 -20.08
CA ILE C 265 12.77 48.71 -21.18
C ILE C 265 11.44 48.18 -21.70
N ALA C 266 10.88 48.87 -22.69
CA ALA C 266 9.50 48.69 -23.10
C ALA C 266 9.31 47.39 -23.87
N PRO C 267 8.10 46.80 -23.80
CA PRO C 267 7.82 45.63 -24.64
C PRO C 267 7.75 45.98 -26.12
N TRP C 268 8.28 45.09 -26.95
CA TRP C 268 8.21 45.21 -28.39
C TRP C 268 7.34 44.11 -28.99
N TYR C 269 7.62 42.84 -28.70
CA TYR C 269 6.87 41.71 -29.21
C TYR C 269 6.31 40.93 -28.03
N ALA C 270 5.02 40.60 -28.08
CA ALA C 270 4.36 39.82 -27.05
C ALA C 270 4.09 38.40 -27.55
N PHE C 271 3.69 37.54 -26.63
CA PHE C 271 3.41 36.13 -26.92
C PHE C 271 1.97 35.83 -26.53
N ALA C 272 1.11 35.62 -27.54
CA ALA C 272 -0.24 35.17 -27.26
C ALA C 272 -0.24 33.65 -27.12
N LEU C 273 -0.49 33.17 -25.90
CA LEU C 273 -0.20 31.80 -25.51
C LEU C 273 -1.42 30.91 -25.68
N SER C 274 -1.19 29.71 -26.20
CA SER C 274 -2.22 28.69 -26.34
C SER C 274 -1.91 27.54 -25.39
N ARG C 275 -2.88 27.18 -24.56
CA ARG C 275 -2.69 26.08 -23.63
C ARG C 275 -2.92 24.74 -24.32
N GLY C 276 -2.50 23.67 -23.65
CA GLY C 276 -2.63 22.34 -24.19
C GLY C 276 -2.82 21.29 -23.12
N PRO C 277 -3.48 20.17 -23.47
CA PRO C 277 -3.66 19.08 -22.50
C PRO C 277 -2.38 18.36 -22.12
N GLY C 278 -1.60 17.93 -23.11
CA GLY C 278 -0.36 17.24 -22.82
C GLY C 278 0.87 17.99 -23.30
N SER C 279 1.63 18.55 -22.36
CA SER C 279 2.84 19.29 -22.66
C SER C 279 3.70 19.34 -21.41
N GLY C 280 4.96 19.73 -21.60
CA GLY C 280 5.89 19.82 -20.48
C GLY C 280 7.23 20.32 -20.97
N ILE C 281 8.15 20.42 -20.03
CA ILE C 281 9.52 20.84 -20.29
C ILE C 281 10.44 19.70 -19.89
N ILE C 282 11.24 19.22 -20.84
CA ILE C 282 12.11 18.07 -20.65
C ILE C 282 13.55 18.58 -20.68
N THR C 283 14.29 18.32 -19.62
CA THR C 283 15.68 18.75 -19.52
C THR C 283 16.58 17.57 -19.91
N SER C 284 17.23 17.67 -21.06
CA SER C 284 17.94 16.53 -21.60
C SER C 284 19.16 16.98 -22.39
N ASN C 285 20.16 16.12 -22.46
CA ASN C 285 21.31 16.27 -23.33
C ASN C 285 21.24 15.39 -24.57
N ALA C 286 20.13 14.70 -24.78
CA ALA C 286 20.03 13.76 -25.88
C ALA C 286 19.85 14.49 -27.21
N PRO C 287 20.44 14.00 -28.30
CA PRO C 287 20.24 14.66 -29.60
C PRO C 287 18.83 14.44 -30.15
N LEU C 288 18.36 15.42 -30.91
CA LEU C 288 17.05 15.34 -31.52
C LEU C 288 17.14 14.75 -32.94
N ASP C 289 16.31 13.75 -33.20
CA ASP C 289 16.30 13.03 -34.47
C ASP C 289 14.86 12.78 -34.89
N GLU C 290 14.70 12.09 -36.01
CA GLU C 290 13.39 11.80 -36.58
C GLU C 290 12.84 10.53 -35.95
N CYS C 291 11.65 10.64 -35.36
CA CYS C 291 11.16 9.66 -34.39
C CYS C 291 9.71 10.02 -34.13
N ASP C 292 8.86 8.98 -33.98
CA ASP C 292 7.40 9.21 -33.93
C ASP C 292 6.83 8.31 -32.80
N THR C 293 7.48 8.35 -31.65
CA THR C 293 7.02 7.57 -30.50
C THR C 293 5.89 8.29 -29.79
N LYS C 294 5.31 7.62 -28.78
CA LYS C 294 4.29 8.21 -27.94
C LYS C 294 4.75 8.49 -26.51
N CYS C 295 5.90 7.96 -26.09
CA CYS C 295 6.43 8.16 -24.76
C CYS C 295 7.82 8.77 -24.87
N GLN C 296 8.06 9.85 -24.14
CA GLN C 296 9.32 10.57 -24.21
C GLN C 296 9.85 10.83 -22.81
N THR C 297 11.08 10.39 -22.57
CA THR C 297 11.84 10.69 -21.36
C THR C 297 12.95 11.66 -21.71
N PRO C 298 13.61 12.27 -20.72
CA PRO C 298 14.89 12.93 -21.00
C PRO C 298 15.98 11.99 -21.51
N GLN C 299 15.95 10.71 -21.12
CA GLN C 299 16.98 9.78 -21.51
C GLN C 299 16.70 9.08 -22.83
N GLY C 300 15.55 9.30 -23.44
CA GLY C 300 15.21 8.65 -24.70
C GLY C 300 13.71 8.53 -24.84
N ALA C 301 13.31 7.62 -25.72
CA ALA C 301 11.90 7.36 -25.99
C ALA C 301 11.58 5.88 -25.83
N ILE C 302 10.30 5.60 -25.59
CA ILE C 302 9.81 4.26 -25.25
C ILE C 302 8.74 3.87 -26.25
N ASN C 303 8.90 2.68 -26.86
CA ASN C 303 7.87 2.10 -27.75
C ASN C 303 7.52 0.70 -27.26
N SER C 304 6.62 0.64 -26.27
CA SER C 304 6.17 -0.63 -25.71
C SER C 304 4.80 -0.43 -25.06
N SER C 305 4.13 -1.53 -24.77
CA SER C 305 2.88 -1.54 -24.03
C SER C 305 3.07 -2.13 -22.64
N LEU C 306 4.31 -2.19 -22.15
CA LEU C 306 4.58 -2.64 -20.80
C LEU C 306 4.08 -1.60 -19.80
N PRO C 307 3.54 -2.05 -18.65
CA PRO C 307 2.91 -1.09 -17.73
C PRO C 307 3.88 -0.27 -16.90
N PHE C 308 5.14 -0.68 -16.76
CA PHE C 308 6.07 0.00 -15.85
C PHE C 308 7.38 0.31 -16.54
N GLN C 309 8.16 1.18 -15.90
CA GLN C 309 9.46 1.58 -16.38
C GLN C 309 10.36 1.82 -15.18
N ASN C 310 11.66 1.93 -15.44
CA ASN C 310 12.60 2.39 -14.42
C ASN C 310 13.63 3.32 -15.03
N ILE C 311 13.20 4.18 -15.96
CA ILE C 311 14.15 5.00 -16.70
C ILE C 311 14.26 6.38 -16.07
N HIS C 312 13.15 7.13 -16.06
CA HIS C 312 13.19 8.49 -15.57
C HIS C 312 11.76 8.86 -15.18
N PRO C 313 11.56 9.58 -14.07
CA PRO C 313 10.18 9.87 -13.63
C PRO C 313 9.43 10.86 -14.52
N VAL C 314 10.12 11.84 -15.09
CA VAL C 314 9.47 12.90 -15.86
C VAL C 314 9.21 12.33 -17.26
N THR C 315 7.99 12.11 -17.63
CA THR C 315 7.67 11.67 -18.97
C THR C 315 6.37 12.34 -19.32
N ILE C 316 6.13 12.59 -20.57
CA ILE C 316 4.89 13.09 -21.14
C ILE C 316 4.43 12.13 -22.23
N GLY C 317 3.13 12.13 -22.51
CA GLY C 317 2.53 11.27 -23.51
C GLY C 317 1.89 10.06 -22.86
N GLU C 318 1.67 9.03 -23.67
CA GLU C 318 1.15 7.76 -23.17
C GLU C 318 2.34 6.92 -22.69
N CYS C 319 2.51 6.82 -21.39
CA CYS C 319 3.76 6.33 -20.84
C CYS C 319 3.53 5.31 -19.73
N PRO C 320 4.46 4.38 -19.55
CA PRO C 320 4.40 3.49 -18.38
C PRO C 320 4.70 4.24 -17.09
N LYS C 321 4.18 3.69 -15.99
CA LYS C 321 4.40 4.28 -14.68
C LYS C 321 5.81 4.01 -14.19
N TYR C 322 6.35 4.93 -13.39
CA TYR C 322 7.73 4.84 -12.94
C TYR C 322 7.80 4.12 -11.60
N VAL C 323 8.66 3.10 -11.52
CA VAL C 323 8.99 2.42 -10.27
C VAL C 323 10.52 2.35 -10.17
N ARG C 324 11.02 2.22 -8.94
CA ARG C 324 12.44 1.98 -8.69
C ARG C 324 12.72 0.48 -8.60
N SER C 325 12.51 -0.22 -9.71
CA SER C 325 12.66 -1.67 -9.75
C SER C 325 13.70 -2.06 -10.79
N THR C 326 14.52 -3.04 -10.45
CA THR C 326 15.47 -3.58 -11.43
C THR C 326 14.85 -4.73 -12.21
N LYS C 327 14.16 -5.64 -11.52
CA LYS C 327 13.43 -6.72 -12.16
C LYS C 327 12.03 -6.75 -11.60
N LEU C 328 11.05 -6.96 -12.48
CA LEU C 328 9.65 -7.02 -12.03
C LEU C 328 8.92 -7.97 -12.99
N ARG C 329 8.85 -9.24 -12.62
CA ARG C 329 8.31 -10.30 -13.48
C ARG C 329 7.18 -11.03 -12.77
N MET C 330 6.12 -11.31 -13.53
CA MET C 330 4.96 -12.03 -13.05
C MET C 330 5.03 -13.49 -13.48
N VAL C 331 4.75 -14.40 -12.55
CA VAL C 331 4.65 -15.82 -12.90
C VAL C 331 3.36 -16.05 -13.67
N THR C 332 3.49 -16.59 -14.88
CA THR C 332 2.34 -17.00 -15.67
C THR C 332 2.52 -18.47 -16.06
N GLY C 333 2.98 -19.28 -15.11
CA GLY C 333 3.27 -20.67 -15.41
C GLY C 333 3.58 -21.41 -14.14
N LEU C 334 4.02 -22.66 -14.32
CA LEU C 334 4.33 -23.46 -13.15
C LEU C 334 5.81 -23.33 -12.82
N ARG C 335 6.21 -23.94 -11.69
CA ARG C 335 7.63 -24.05 -11.40
C ARG C 335 8.28 -25.02 -12.38
N ASN C 336 9.49 -24.67 -12.81
CA ASN C 336 10.20 -25.47 -13.81
C ASN C 336 10.99 -26.55 -13.09
N ILE C 337 10.32 -27.68 -12.86
CA ILE C 337 10.92 -28.83 -12.21
C ILE C 337 10.95 -29.98 -13.22
N PRO C 338 12.06 -30.17 -13.95
CA PRO C 338 12.11 -31.27 -14.91
C PRO C 338 12.29 -32.62 -14.23
N SER C 339 11.55 -33.61 -14.75
CA SER C 339 11.52 -35.01 -14.28
C SER C 339 11.23 -35.15 -12.78
N ALA C 348 9.54 -44.90 -17.50
CA ALA C 348 9.09 -44.62 -16.14
C ALA C 348 8.60 -43.18 -16.02
N ILE C 349 7.42 -42.91 -16.57
CA ILE C 349 6.81 -41.58 -16.54
C ILE C 349 5.85 -41.55 -15.35
N ALA C 350 6.13 -40.69 -14.39
CA ALA C 350 5.32 -40.55 -13.19
C ALA C 350 4.71 -39.17 -13.12
N GLY C 351 3.82 -38.98 -12.15
CA GLY C 351 2.99 -37.79 -12.07
C GLY C 351 3.65 -36.59 -11.43
N PHE C 352 2.86 -35.86 -10.65
CA PHE C 352 3.28 -34.52 -10.22
C PHE C 352 4.10 -34.54 -8.95
N ILE C 353 4.17 -35.68 -8.26
CA ILE C 353 5.00 -35.79 -7.07
C ILE C 353 6.48 -35.81 -7.46
N GLU C 354 6.82 -36.53 -8.52
CA GLU C 354 8.21 -36.64 -8.95
C GLU C 354 8.68 -35.35 -9.63
N GLY C 355 7.84 -34.75 -10.45
CA GLY C 355 8.20 -33.51 -11.11
C GLY C 355 7.32 -33.27 -12.32
N GLY C 356 7.80 -32.39 -13.21
CA GLY C 356 7.07 -32.03 -14.40
C GLY C 356 7.50 -32.82 -15.62
N TRP C 357 6.66 -32.76 -16.65
CA TRP C 357 6.88 -33.51 -17.87
C TRP C 357 7.45 -32.59 -18.94
N THR C 358 8.71 -32.82 -19.31
CA THR C 358 9.34 -32.08 -20.40
C THR C 358 8.72 -32.40 -21.75
N GLY C 359 8.29 -33.64 -21.97
CA GLY C 359 7.58 -34.04 -23.17
C GLY C 359 6.17 -33.52 -23.28
N MET C 360 5.62 -32.94 -22.21
CA MET C 360 4.34 -32.23 -22.28
C MET C 360 4.56 -30.86 -22.90
N MET C 361 3.74 -30.53 -23.89
CA MET C 361 3.85 -29.27 -24.60
C MET C 361 2.51 -28.60 -24.91
N ASP C 362 1.40 -29.32 -24.77
CA ASP C 362 0.10 -28.87 -25.25
C ASP C 362 -0.71 -28.18 -24.17
N GLY C 363 -0.15 -27.98 -23.00
CA GLY C 363 -0.89 -27.34 -21.92
C GLY C 363 -0.10 -27.34 -20.65
N TRP C 364 -0.77 -26.90 -19.59
CA TRP C 364 -0.17 -26.87 -18.26
C TRP C 364 -0.50 -28.09 -17.43
N TYR C 365 -1.71 -28.63 -17.53
CA TYR C 365 -2.14 -29.77 -16.76
C TYR C 365 -2.65 -30.83 -17.72
N GLY C 366 -2.42 -32.09 -17.40
CA GLY C 366 -2.91 -33.14 -18.27
C GLY C 366 -2.48 -34.51 -17.81
N TYR C 367 -2.43 -35.43 -18.77
CA TYR C 367 -2.40 -36.85 -18.49
C TYR C 367 -1.37 -37.55 -19.36
N HIS C 368 -0.88 -38.68 -18.84
CA HIS C 368 -0.10 -39.64 -19.61
C HIS C 368 -0.70 -41.02 -19.40
N HIS C 369 -1.10 -41.67 -20.47
CA HIS C 369 -1.75 -42.98 -20.39
C HIS C 369 -0.83 -44.04 -20.96
N GLN C 370 -0.86 -45.22 -20.35
CA GLN C 370 -0.17 -46.40 -20.85
C GLN C 370 -1.15 -47.55 -20.86
N ASN C 371 -1.41 -48.11 -22.04
CA ASN C 371 -2.27 -49.28 -22.15
C ASN C 371 -1.82 -50.12 -23.34
N GLU C 372 -2.72 -50.98 -23.80
CA GLU C 372 -2.41 -51.96 -24.84
C GLU C 372 -2.15 -51.30 -26.18
N GLN C 373 -2.92 -50.25 -26.50
CA GLN C 373 -2.85 -49.68 -27.84
C GLN C 373 -1.64 -48.78 -28.02
N GLY C 374 -1.39 -47.89 -27.06
CA GLY C 374 -0.24 -47.01 -27.20
C GLY C 374 -0.05 -46.16 -25.96
N SER C 375 0.98 -45.31 -26.01
CA SER C 375 1.32 -44.42 -24.92
C SER C 375 1.55 -43.02 -25.46
N GLY C 376 1.02 -42.02 -24.75
CA GLY C 376 1.21 -40.65 -25.15
C GLY C 376 0.69 -39.69 -24.11
N TYR C 377 1.13 -38.43 -24.24
CA TYR C 377 0.69 -37.36 -23.36
C TYR C 377 -0.54 -36.69 -23.93
N ALA C 378 -1.53 -36.42 -23.08
CA ALA C 378 -2.73 -35.70 -23.47
C ALA C 378 -2.97 -34.57 -22.49
N ALA C 379 -3.14 -33.37 -23.00
CA ALA C 379 -3.35 -32.20 -22.16
C ALA C 379 -4.83 -32.05 -21.80
N ASP C 380 -5.08 -31.50 -20.62
CA ASP C 380 -6.43 -31.14 -20.21
C ASP C 380 -6.62 -29.68 -20.59
N GLN C 381 -7.40 -29.45 -21.66
CA GLN C 381 -7.53 -28.10 -22.20
C GLN C 381 -8.47 -27.25 -21.36
N LYS C 382 -9.41 -27.88 -20.66
CA LYS C 382 -10.39 -27.11 -19.87
C LYS C 382 -9.75 -26.51 -18.62
N SER C 383 -8.94 -27.28 -17.90
CA SER C 383 -8.28 -26.77 -16.70
C SER C 383 -7.18 -25.78 -17.05
N THR C 384 -6.49 -26.02 -18.17
CA THR C 384 -5.50 -25.06 -18.67
C THR C 384 -6.16 -23.76 -19.12
N GLN C 385 -7.35 -23.86 -19.72
CA GLN C 385 -8.08 -22.66 -20.14
C GLN C 385 -8.59 -21.86 -18.95
N ASN C 386 -9.09 -22.54 -17.91
CA ASN C 386 -9.50 -21.83 -16.69
C ASN C 386 -8.32 -21.24 -15.93
N ALA C 387 -7.17 -21.92 -15.95
CA ALA C 387 -5.95 -21.35 -15.37
C ALA C 387 -5.49 -20.12 -16.14
N ILE C 388 -5.58 -20.16 -17.47
CA ILE C 388 -5.30 -18.99 -18.32
C ILE C 388 -6.27 -17.87 -18.02
N ASN C 389 -7.54 -18.21 -17.76
CA ASN C 389 -8.57 -17.23 -17.41
C ASN C 389 -8.28 -16.54 -16.07
N CYS C 390 -7.77 -17.25 -15.05
CA CYS C 390 -7.30 -16.46 -13.90
C CYS C 390 -5.97 -15.76 -14.10
N ILE C 391 -5.02 -16.33 -14.83
CA ILE C 391 -3.70 -15.69 -14.90
C ILE C 391 -3.75 -14.41 -15.74
N THR C 392 -4.57 -14.40 -16.80
CA THR C 392 -4.80 -13.19 -17.60
C THR C 392 -5.48 -12.10 -16.77
N ASN C 393 -6.45 -12.48 -15.92
CA ASN C 393 -7.10 -11.50 -15.06
C ASN C 393 -6.18 -11.01 -13.95
N LYS C 394 -5.26 -11.85 -13.48
CA LYS C 394 -4.25 -11.39 -12.51
C LYS C 394 -3.33 -10.35 -13.12
N VAL C 395 -2.86 -10.60 -14.35
CA VAL C 395 -1.99 -9.64 -15.04
C VAL C 395 -2.75 -8.36 -15.37
N ASN C 396 -4.04 -8.49 -15.74
CA ASN C 396 -4.88 -7.33 -16.02
C ASN C 396 -5.16 -6.50 -14.78
N SER C 397 -5.36 -7.15 -13.63
CA SER C 397 -5.60 -6.42 -12.39
C SER C 397 -4.32 -5.74 -11.90
N VAL C 398 -3.16 -6.39 -12.07
CA VAL C 398 -1.89 -5.79 -11.69
C VAL C 398 -1.59 -4.58 -12.57
N ILE C 399 -1.95 -4.64 -13.85
CA ILE C 399 -1.77 -3.49 -14.74
C ILE C 399 -2.75 -2.37 -14.39
N GLU C 400 -4.02 -2.72 -14.15
CA GLU C 400 -5.07 -1.71 -14.04
C GLU C 400 -5.06 -1.00 -12.69
N LYS C 401 -4.65 -1.69 -11.62
CA LYS C 401 -4.83 -1.13 -10.28
C LYS C 401 -3.82 -0.03 -9.95
N MET C 402 -2.68 0.03 -10.65
CA MET C 402 -1.68 1.05 -10.35
C MET C 402 -2.10 2.37 -10.96
N ASN C 403 -2.20 3.40 -10.13
CA ASN C 403 -2.66 4.73 -10.52
C ASN C 403 -1.59 5.77 -10.25
N THR C 404 -0.35 5.48 -10.67
CA THR C 404 0.74 6.44 -10.51
C THR C 404 0.56 7.62 -11.46
N GLN C 405 0.58 8.82 -10.88
CA GLN C 405 0.37 10.05 -11.64
C GLN C 405 1.68 10.48 -12.30
N PHE C 406 1.57 10.95 -13.54
CA PHE C 406 2.75 11.27 -14.33
C PHE C 406 3.26 12.67 -14.02
N THR C 407 4.58 12.77 -13.86
CA THR C 407 5.26 14.05 -13.75
C THR C 407 5.65 14.50 -15.15
N ALA C 408 5.34 15.74 -15.49
CA ALA C 408 5.54 16.22 -16.86
C ALA C 408 6.65 17.25 -17.00
N VAL C 409 6.92 18.07 -15.98
CA VAL C 409 7.87 19.16 -16.12
C VAL C 409 9.02 19.11 -15.12
N GLY C 410 8.73 18.94 -13.83
CA GLY C 410 9.74 19.16 -12.82
C GLY C 410 9.81 20.63 -12.46
N LYS C 411 9.64 20.97 -11.19
CA LYS C 411 9.56 22.36 -10.77
C LYS C 411 10.93 22.88 -10.37
N GLU C 412 11.18 24.15 -10.69
CA GLU C 412 12.40 24.83 -10.30
C GLU C 412 12.11 25.85 -9.21
N PHE C 413 13.11 26.07 -8.37
CA PHE C 413 13.00 26.94 -7.20
C PHE C 413 14.27 27.77 -7.09
N ASN C 414 14.14 28.96 -6.52
CA ASN C 414 15.31 29.82 -6.36
C ASN C 414 15.97 29.56 -5.01
N LYS C 415 16.87 30.46 -4.63
CA LYS C 415 17.70 30.25 -3.45
C LYS C 415 16.93 30.46 -2.15
N LEU C 416 15.90 31.31 -2.17
CA LEU C 416 15.14 31.62 -0.98
C LEU C 416 13.82 30.85 -0.92
N GLU C 417 13.75 29.71 -1.58
CA GLU C 417 12.59 28.81 -1.53
C GLU C 417 13.07 27.39 -1.29
N LYS C 418 13.93 27.21 -0.30
CA LYS C 418 14.51 25.91 0.00
C LYS C 418 13.50 24.99 0.68
N ARG C 419 12.57 25.56 1.46
CA ARG C 419 11.59 24.76 2.18
C ARG C 419 10.57 24.13 1.24
N MET C 420 10.13 24.88 0.23
CA MET C 420 9.24 24.33 -0.79
C MET C 420 9.98 23.44 -1.78
N GLU C 421 11.28 23.67 -2.01
CA GLU C 421 12.09 22.74 -2.79
C GLU C 421 12.23 21.39 -2.10
N ASN C 422 12.51 21.38 -0.80
CA ASN C 422 12.64 20.14 -0.05
C ASN C 422 11.30 19.45 0.10
N LEU C 423 10.21 20.21 0.20
CA LEU C 423 8.87 19.62 0.25
C LEU C 423 8.50 18.98 -1.09
N ASN C 424 8.89 19.61 -2.20
CA ASN C 424 8.61 19.04 -3.51
C ASN C 424 9.40 17.76 -3.76
N LYS C 425 10.69 17.74 -3.35
CA LYS C 425 11.46 16.50 -3.46
C LYS C 425 10.96 15.43 -2.49
N LYS C 426 10.45 15.84 -1.33
CA LYS C 426 9.85 14.89 -0.39
C LYS C 426 8.60 14.23 -0.97
N VAL C 427 7.74 15.03 -1.61
CA VAL C 427 6.53 14.50 -2.24
C VAL C 427 6.88 13.60 -3.42
N ASP C 428 7.83 14.04 -4.25
CA ASP C 428 8.20 13.28 -5.46
C ASP C 428 8.94 11.99 -5.11
N ASP C 429 9.72 11.99 -4.03
CA ASP C 429 10.44 10.80 -3.61
C ASP C 429 9.68 10.00 -2.57
N GLY C 430 8.50 10.45 -2.16
CA GLY C 430 7.65 9.66 -1.30
C GLY C 430 6.62 8.90 -2.10
N PHE C 431 5.96 9.57 -3.05
CA PHE C 431 5.01 8.92 -3.94
C PHE C 431 5.62 7.85 -4.81
N LEU C 432 6.82 8.09 -5.33
CA LEU C 432 7.51 7.11 -6.17
C LEU C 432 7.93 5.89 -5.37
N ASP C 433 8.38 6.10 -4.12
CA ASP C 433 8.73 4.98 -3.25
C ASP C 433 7.50 4.17 -2.84
N ILE C 434 6.38 4.86 -2.59
CA ILE C 434 5.13 4.17 -2.23
C ILE C 434 4.61 3.32 -3.38
N TRP C 435 4.61 3.88 -4.59
CA TRP C 435 4.15 3.11 -5.74
C TRP C 435 5.13 2.02 -6.18
N THR C 436 6.44 2.22 -5.95
CA THR C 436 7.42 1.15 -6.16
C THR C 436 7.18 -0.02 -5.21
N TYR C 437 6.93 0.29 -3.92
CA TYR C 437 6.62 -0.73 -2.93
C TYR C 437 5.32 -1.45 -3.25
N ASN C 438 4.32 -0.69 -3.71
CA ASN C 438 3.01 -1.26 -4.05
C ASN C 438 3.11 -2.20 -5.25
N ALA C 439 3.87 -1.81 -6.28
CA ALA C 439 4.06 -2.64 -7.46
C ALA C 439 4.83 -3.91 -7.13
N GLU C 440 5.93 -3.78 -6.38
CA GLU C 440 6.75 -4.95 -6.03
C GLU C 440 5.99 -5.91 -5.10
N LEU C 441 5.23 -5.39 -4.15
CA LEU C 441 4.46 -6.22 -3.23
C LEU C 441 3.32 -6.93 -3.95
N LEU C 442 2.63 -6.22 -4.86
CA LEU C 442 1.53 -6.84 -5.61
C LEU C 442 2.03 -7.94 -6.54
N VAL C 443 3.15 -7.71 -7.20
CA VAL C 443 3.74 -8.72 -8.08
C VAL C 443 4.21 -9.93 -7.28
N LEU C 444 4.85 -9.70 -6.11
CA LEU C 444 5.31 -10.82 -5.28
C LEU C 444 4.17 -11.65 -4.70
N LEU C 445 3.12 -10.98 -4.21
CA LEU C 445 1.97 -11.70 -3.64
C LEU C 445 1.20 -12.46 -4.72
N GLU C 446 1.02 -11.87 -5.91
CA GLU C 446 0.30 -12.60 -6.95
C GLU C 446 1.16 -13.67 -7.60
N ASN C 447 2.50 -13.55 -7.53
CA ASN C 447 3.38 -14.65 -7.91
C ASN C 447 3.20 -15.83 -6.98
N GLU C 448 3.11 -15.56 -5.68
CA GLU C 448 2.92 -16.62 -4.68
C GLU C 448 1.55 -17.27 -4.84
N ARG C 449 0.52 -16.47 -5.11
CA ARG C 449 -0.82 -16.99 -5.35
C ARG C 449 -0.90 -17.79 -6.65
N THR C 450 -0.15 -17.39 -7.68
CA THR C 450 -0.05 -18.18 -8.92
C THR C 450 0.62 -19.52 -8.67
N LEU C 451 1.70 -19.52 -7.90
CA LEU C 451 2.44 -20.76 -7.66
C LEU C 451 1.68 -21.72 -6.75
N ASP C 452 0.80 -21.20 -5.88
CA ASP C 452 -0.10 -22.07 -5.14
C ASP C 452 -1.34 -22.47 -5.93
N PHE C 453 -1.81 -21.60 -6.83
CA PHE C 453 -2.98 -21.87 -7.67
C PHE C 453 -2.71 -23.01 -8.65
N HIS C 454 -1.50 -23.06 -9.20
CA HIS C 454 -1.14 -24.14 -10.12
C HIS C 454 -1.04 -25.48 -9.40
N ASP C 455 -0.49 -25.48 -8.18
CA ASP C 455 -0.41 -26.70 -7.37
C ASP C 455 -1.79 -27.21 -6.98
N SER C 456 -2.69 -26.29 -6.61
CA SER C 456 -4.07 -26.68 -6.30
C SER C 456 -4.81 -27.13 -7.55
N ASN C 457 -4.44 -26.60 -8.72
CA ASN C 457 -5.09 -27.03 -9.96
C ASN C 457 -4.65 -28.42 -10.40
N VAL C 458 -3.39 -28.78 -10.11
CA VAL C 458 -2.97 -30.17 -10.35
C VAL C 458 -3.61 -31.12 -9.34
N LYS C 459 -3.65 -30.71 -8.06
CA LYS C 459 -4.23 -31.55 -7.00
C LYS C 459 -5.74 -31.75 -7.14
N ASN C 460 -6.48 -30.73 -7.58
CA ASN C 460 -7.91 -30.87 -7.84
C ASN C 460 -8.20 -31.73 -9.06
N LEU C 461 -7.28 -31.80 -10.01
CA LEU C 461 -7.38 -32.72 -11.13
C LEU C 461 -7.12 -34.16 -10.73
N TYR C 462 -6.10 -34.37 -9.88
CA TYR C 462 -5.82 -35.67 -9.28
C TYR C 462 -6.98 -36.17 -8.43
N GLU C 463 -7.60 -35.25 -7.68
CA GLU C 463 -8.77 -35.60 -6.86
C GLU C 463 -9.99 -35.92 -7.72
N LYS C 464 -10.11 -35.26 -8.88
CA LYS C 464 -11.20 -35.58 -9.81
C LYS C 464 -11.03 -36.96 -10.41
N VAL C 465 -9.81 -37.32 -10.81
CA VAL C 465 -9.54 -38.65 -11.34
C VAL C 465 -9.70 -39.72 -10.25
N LYS C 466 -9.36 -39.43 -9.01
CA LYS C 466 -9.48 -40.34 -7.86
C LYS C 466 -10.96 -40.51 -7.59
N ASN C 467 -11.77 -39.45 -7.62
CA ASN C 467 -13.19 -39.58 -7.33
C ASN C 467 -13.93 -40.28 -8.46
N GLN C 468 -13.43 -40.17 -9.70
CA GLN C 468 -14.02 -40.92 -10.79
C GLN C 468 -13.68 -42.41 -10.70
N LEU C 469 -12.41 -42.74 -10.46
CA LEU C 469 -11.98 -44.13 -10.53
C LEU C 469 -12.35 -44.95 -9.30
N ARG C 470 -12.36 -44.34 -8.12
CA ARG C 470 -12.71 -44.95 -6.83
C ARG C 470 -11.84 -46.17 -6.49
N ASN C 471 -12.47 -47.33 -6.35
CA ASN C 471 -11.77 -48.57 -6.04
C ASN C 471 -11.32 -49.35 -7.28
N ASN C 472 -11.55 -48.81 -8.47
CA ASN C 472 -11.09 -49.48 -9.69
C ASN C 472 -9.63 -49.18 -10.00
N ALA C 473 -8.99 -48.29 -9.23
CA ALA C 473 -7.62 -47.89 -9.50
C ALA C 473 -6.75 -48.09 -8.27
N LYS C 474 -5.50 -48.46 -8.52
CA LYS C 474 -4.50 -48.63 -7.47
C LYS C 474 -3.47 -47.51 -7.58
N GLU C 475 -3.35 -46.73 -6.51
CA GLU C 475 -2.40 -45.63 -6.49
C GLU C 475 -0.99 -46.15 -6.25
N LEU C 476 -0.03 -45.60 -6.98
CA LEU C 476 1.38 -45.95 -6.79
C LEU C 476 2.10 -44.93 -5.92
N GLY C 477 1.36 -44.12 -5.18
CA GLY C 477 1.93 -42.85 -4.83
C GLY C 477 1.98 -42.04 -6.11
N ASN C 478 2.98 -41.15 -6.17
CA ASN C 478 3.55 -40.44 -7.33
C ASN C 478 2.59 -39.95 -8.42
N GLY C 479 1.37 -39.56 -8.03
CA GLY C 479 0.39 -39.01 -8.94
C GLY C 479 -0.10 -39.92 -10.05
N CYS C 480 -0.19 -41.23 -9.79
CA CYS C 480 -0.49 -42.20 -10.83
C CYS C 480 -1.51 -43.21 -10.33
N PHE C 481 -2.20 -43.86 -11.27
CA PHE C 481 -3.19 -44.89 -10.97
C PHE C 481 -2.95 -46.08 -11.88
N GLU C 482 -3.12 -47.30 -11.33
CA GLU C 482 -2.99 -48.59 -12.08
C GLU C 482 -4.35 -49.28 -12.01
N PHE C 483 -5.15 -49.24 -13.06
CA PHE C 483 -6.48 -49.82 -13.07
C PHE C 483 -6.39 -51.30 -12.72
N TYR C 484 -7.29 -51.76 -11.84
CA TYR C 484 -7.42 -53.18 -11.59
C TYR C 484 -7.98 -53.90 -12.81
N HIS C 485 -8.92 -53.20 -13.44
CA HIS C 485 -9.54 -53.69 -14.70
C HIS C 485 -8.72 -53.25 -15.90
N LYS C 486 -9.10 -53.69 -17.10
CA LYS C 486 -8.41 -53.31 -18.30
C LYS C 486 -9.16 -52.19 -19.00
N CYS C 487 -8.46 -51.10 -19.32
CA CYS C 487 -9.05 -49.98 -20.04
C CYS C 487 -8.41 -49.84 -21.40
N ASP C 488 -9.19 -49.33 -22.36
CA ASP C 488 -8.66 -49.07 -23.71
C ASP C 488 -8.47 -47.56 -23.82
N ASN C 489 -8.19 -47.07 -25.02
CA ASN C 489 -8.07 -45.61 -25.21
C ASN C 489 -9.41 -45.00 -24.83
N GLU C 490 -10.54 -45.60 -25.19
CA GLU C 490 -11.87 -45.01 -24.91
C GLU C 490 -12.09 -44.85 -23.42
N CYS C 491 -11.65 -45.80 -22.60
CA CYS C 491 -11.73 -45.61 -21.13
C CYS C 491 -10.76 -44.50 -20.72
N MET C 492 -9.54 -44.49 -21.28
CA MET C 492 -8.55 -43.50 -20.80
C MET C 492 -9.21 -42.19 -21.14
N GLU C 493 -9.79 -42.07 -22.31
CA GLU C 493 -10.40 -40.83 -22.78
C GLU C 493 -11.75 -40.62 -22.13
N SER C 494 -12.18 -41.49 -21.19
CA SER C 494 -13.40 -41.19 -20.41
C SER C 494 -13.03 -40.60 -19.06
N VAL C 495 -11.87 -40.92 -18.50
CA VAL C 495 -11.41 -40.30 -17.21
C VAL C 495 -10.91 -38.89 -17.56
N LYS C 496 -10.32 -38.77 -18.74
CA LYS C 496 -9.91 -37.45 -19.22
C LYS C 496 -11.16 -36.62 -19.45
N ASN C 497 -12.20 -37.14 -20.10
CA ASN C 497 -13.50 -36.45 -20.29
C ASN C 497 -14.13 -36.58 -18.92
N GLY C 498 -15.20 -35.88 -18.58
CA GLY C 498 -15.71 -36.05 -17.20
C GLY C 498 -16.63 -37.24 -17.04
N THR C 499 -16.93 -37.96 -18.11
CA THR C 499 -17.88 -39.10 -18.10
C THR C 499 -17.13 -40.41 -17.92
N TYR C 500 -17.32 -41.09 -16.80
CA TYR C 500 -16.72 -42.39 -16.57
C TYR C 500 -17.75 -43.33 -15.96
N ASP C 501 -17.79 -44.57 -16.45
CA ASP C 501 -18.79 -45.54 -16.01
C ASP C 501 -18.18 -46.41 -14.91
N TYR C 502 -18.38 -45.97 -13.67
CA TYR C 502 -17.92 -46.75 -12.51
C TYR C 502 -18.65 -48.08 -12.31
N PRO C 503 -20.01 -48.18 -12.37
CA PRO C 503 -20.60 -49.51 -12.08
C PRO C 503 -20.45 -50.53 -13.20
N LYS C 504 -19.98 -50.12 -14.39
CA LYS C 504 -19.76 -51.10 -15.46
C LYS C 504 -18.54 -51.96 -15.17
N TYR C 505 -17.45 -51.36 -14.73
CA TYR C 505 -16.22 -52.08 -14.43
C TYR C 505 -16.09 -52.44 -12.96
N SER C 506 -17.20 -52.49 -12.21
CA SER C 506 -17.12 -52.70 -10.76
C SER C 506 -16.81 -54.16 -10.44
N GLU C 507 -17.43 -55.10 -11.16
CA GLU C 507 -17.26 -56.52 -10.88
C GLU C 507 -15.87 -57.01 -11.27
N GLU C 508 -15.34 -56.51 -12.40
CA GLU C 508 -13.98 -56.85 -12.81
C GLU C 508 -12.96 -56.24 -11.86
N SER C 509 -13.27 -55.06 -11.31
CA SER C 509 -12.44 -54.47 -10.27
C SER C 509 -12.46 -55.29 -8.98
N LYS C 510 -13.62 -55.85 -8.63
CA LYS C 510 -13.71 -56.70 -7.45
C LYS C 510 -12.93 -58.00 -7.63
N LEU C 511 -13.01 -58.59 -8.82
CA LEU C 511 -12.26 -59.81 -9.12
C LEU C 511 -10.76 -59.57 -9.15
N ASN C 512 -10.32 -58.43 -9.70
CA ASN C 512 -8.89 -58.15 -9.75
C ASN C 512 -8.36 -57.64 -8.42
N ARG C 513 -9.23 -57.09 -7.57
CA ARG C 513 -8.81 -56.66 -6.25
C ARG C 513 -8.71 -57.83 -5.29
N GLU C 514 -9.56 -58.84 -5.48
CA GLU C 514 -9.47 -60.03 -4.63
C GLU C 514 -8.24 -60.87 -4.97
N LYS C 515 -7.81 -60.86 -6.23
CA LYS C 515 -6.60 -61.60 -6.61
C LYS C 515 -5.34 -60.90 -6.13
N ILE C 516 -5.35 -59.57 -6.06
CA ILE C 516 -4.19 -58.81 -5.61
C ILE C 516 -4.33 -58.50 -4.12
N GLN D 1 4.46 -11.72 -36.46
CA GLN D 1 4.42 -11.68 -37.92
C GLN D 1 4.53 -13.08 -38.51
N VAL D 2 3.86 -14.05 -37.88
CA VAL D 2 3.91 -15.41 -38.38
C VAL D 2 2.93 -15.55 -39.55
N GLN D 3 3.43 -16.05 -40.67
CA GLN D 3 2.65 -16.16 -41.90
C GLN D 3 2.71 -17.59 -42.41
N LEU D 4 1.62 -18.03 -43.03
CA LEU D 4 1.55 -19.35 -43.65
C LEU D 4 1.50 -19.21 -45.16
N LEU D 5 2.42 -19.88 -45.84
CA LEU D 5 2.54 -19.81 -47.30
C LEU D 5 2.30 -21.20 -47.87
N GLU D 6 1.45 -21.28 -48.89
CA GLU D 6 1.02 -22.55 -49.46
C GLU D 6 1.58 -22.72 -50.86
N SER D 7 2.10 -23.91 -51.14
CA SER D 7 2.51 -24.29 -52.49
C SER D 7 1.71 -25.51 -52.91
N GLY D 8 1.04 -25.41 -54.06
CA GLY D 8 0.24 -26.50 -54.56
C GLY D 8 0.57 -26.82 -56.00
N PRO D 9 0.09 -27.97 -56.49
CA PRO D 9 0.34 -28.32 -57.89
C PRO D 9 -0.46 -27.48 -58.87
N GLY D 10 -1.75 -27.28 -58.62
CA GLY D 10 -2.61 -26.49 -59.47
C GLY D 10 -3.30 -27.26 -60.57
N LEU D 11 -2.77 -28.43 -60.94
CA LEU D 11 -3.35 -29.24 -62.01
C LEU D 11 -2.93 -30.69 -61.80
N VAL D 12 -3.88 -31.55 -61.45
CA VAL D 12 -3.63 -32.97 -61.28
C VAL D 12 -4.67 -33.74 -62.09
N LYS D 13 -4.26 -34.91 -62.59
CA LYS D 13 -5.18 -35.80 -63.27
C LYS D 13 -6.07 -36.50 -62.25
N PRO D 14 -7.24 -36.99 -62.67
CA PRO D 14 -8.05 -37.84 -61.78
C PRO D 14 -7.35 -39.15 -61.46
N SER D 15 -7.63 -39.65 -60.25
CA SER D 15 -6.98 -40.82 -59.63
C SER D 15 -5.47 -40.67 -59.58
N GLN D 16 -5.01 -39.60 -58.92
CA GLN D 16 -3.59 -39.32 -58.72
C GLN D 16 -3.38 -38.83 -57.30
N THR D 17 -2.18 -38.31 -57.04
CA THR D 17 -1.79 -37.85 -55.72
C THR D 17 -1.72 -36.33 -55.69
N LEU D 18 -2.52 -35.72 -54.82
CA LEU D 18 -2.54 -34.27 -54.65
C LEU D 18 -1.70 -33.90 -53.44
N SER D 19 -0.47 -33.45 -53.68
CA SER D 19 0.48 -33.13 -52.63
C SER D 19 0.47 -31.63 -52.40
N LEU D 20 0.07 -31.21 -51.20
CA LEU D 20 0.06 -29.81 -50.81
C LEU D 20 1.00 -29.61 -49.64
N THR D 21 1.61 -28.44 -49.55
CA THR D 21 2.44 -28.07 -48.40
C THR D 21 2.06 -26.67 -47.94
N CYS D 22 2.21 -26.42 -46.65
CA CYS D 22 1.93 -25.11 -46.07
C CYS D 22 3.15 -24.70 -45.25
N THR D 23 3.93 -23.75 -45.78
CA THR D 23 5.19 -23.37 -45.16
C THR D 23 4.96 -22.24 -44.16
N VAL D 24 5.41 -22.46 -42.93
CA VAL D 24 5.25 -21.48 -41.86
C VAL D 24 6.47 -20.57 -41.86
N SER D 25 6.23 -19.27 -42.02
CA SER D 25 7.28 -18.27 -42.06
C SER D 25 7.04 -17.25 -40.96
N GLY D 26 8.10 -16.82 -40.30
CA GLY D 26 8.00 -15.90 -39.19
C GLY D 26 7.79 -16.55 -37.84
N GLY D 27 7.66 -17.87 -37.78
CA GLY D 27 7.47 -18.57 -36.53
C GLY D 27 7.87 -20.02 -36.69
N SER D 28 7.68 -20.78 -35.61
CA SER D 28 8.01 -22.19 -35.59
C SER D 28 6.74 -23.03 -35.66
N VAL D 29 6.84 -24.18 -36.32
CA VAL D 29 5.70 -25.08 -36.45
C VAL D 29 5.87 -26.12 -35.34
N SER D 30 7.04 -26.10 -34.71
CA SER D 30 7.39 -27.02 -33.65
C SER D 30 7.08 -26.45 -32.27
N ARG D 31 5.99 -25.68 -32.21
CA ARG D 31 5.52 -25.09 -30.93
C ARG D 31 4.22 -25.80 -30.55
N GLY D 32 4.11 -26.25 -29.31
CA GLY D 32 2.89 -26.88 -28.87
C GLY D 32 1.79 -25.88 -28.57
N GLY D 33 0.55 -26.37 -28.59
CA GLY D 33 -0.61 -25.55 -28.33
C GLY D 33 -1.36 -25.07 -29.54
N TYR D 34 -1.12 -25.65 -30.71
CA TYR D 34 -1.80 -25.25 -31.93
C TYR D 34 -2.34 -26.47 -32.67
N TYR D 35 -3.43 -26.26 -33.40
CA TYR D 35 -3.92 -27.21 -34.40
C TYR D 35 -3.42 -26.72 -35.75
N TRP D 36 -2.59 -27.52 -36.41
CA TRP D 36 -2.11 -27.18 -37.75
C TRP D 36 -3.07 -27.82 -38.74
N THR D 37 -4.04 -27.01 -39.18
CA THR D 37 -5.29 -27.50 -39.74
C THR D 37 -5.30 -27.29 -41.25
N TRP D 38 -6.06 -28.14 -41.97
CA TRP D 38 -6.22 -28.03 -43.42
C TRP D 38 -7.73 -27.94 -43.71
N ILE D 39 -8.15 -26.82 -44.30
CA ILE D 39 -9.56 -26.59 -44.60
C ILE D 39 -9.71 -26.36 -46.10
N ARG D 40 -10.63 -27.10 -46.73
CA ARG D 40 -10.91 -26.91 -48.14
C ARG D 40 -12.29 -26.30 -48.32
N GLN D 41 -12.49 -25.68 -49.47
CA GLN D 41 -13.77 -25.07 -49.84
C GLN D 41 -14.04 -25.35 -51.31
N HIS D 42 -15.13 -26.08 -51.58
CA HIS D 42 -15.57 -26.30 -52.94
C HIS D 42 -16.02 -24.98 -53.57
N PRO D 43 -15.78 -24.77 -54.86
CA PRO D 43 -16.21 -23.52 -55.51
C PRO D 43 -17.72 -23.38 -55.58
N GLY D 44 -18.22 -22.25 -55.07
CA GLY D 44 -19.64 -22.03 -54.93
C GLY D 44 -20.28 -22.91 -53.87
N LYS D 45 -19.55 -23.14 -52.77
CA LYS D 45 -20.06 -23.94 -51.67
C LYS D 45 -19.37 -23.47 -50.38
N GLY D 46 -19.54 -24.23 -49.30
CA GLY D 46 -19.02 -23.81 -48.02
C GLY D 46 -17.71 -24.46 -47.65
N LEU D 47 -17.22 -24.12 -46.46
CA LEU D 47 -15.96 -24.64 -45.94
C LEU D 47 -16.14 -26.08 -45.47
N GLU D 48 -15.13 -26.91 -45.71
CA GLU D 48 -15.11 -28.29 -45.25
C GLU D 48 -13.78 -28.58 -44.58
N TRP D 49 -13.83 -29.08 -43.35
CA TRP D 49 -12.62 -29.43 -42.62
C TRP D 49 -12.07 -30.76 -43.13
N ILE D 50 -10.75 -30.85 -43.25
CA ILE D 50 -10.10 -32.09 -43.66
C ILE D 50 -9.38 -32.76 -42.49
N ALA D 51 -8.36 -32.11 -41.94
CA ALA D 51 -7.47 -32.76 -40.99
C ALA D 51 -6.77 -31.70 -40.16
N TYR D 52 -6.21 -32.13 -39.03
CA TYR D 52 -5.26 -31.33 -38.28
C TYR D 52 -4.10 -32.21 -37.85
N VAL D 53 -3.08 -31.57 -37.32
CA VAL D 53 -1.83 -32.19 -36.82
C VAL D 53 -1.42 -31.29 -35.66
N THR D 54 -0.60 -31.76 -34.75
CA THR D 54 -0.22 -31.02 -33.55
C THR D 54 1.23 -31.47 -33.41
N TYR D 55 2.14 -30.68 -32.86
CA TYR D 55 3.57 -31.05 -32.66
C TYR D 55 3.65 -32.18 -31.63
N SER D 56 2.63 -32.40 -30.83
CA SER D 56 2.57 -33.57 -29.94
C SER D 56 2.47 -34.82 -30.78
N GLY D 57 1.71 -34.76 -31.84
CA GLY D 57 1.65 -35.88 -32.77
C GLY D 57 0.23 -36.20 -33.15
N ASP D 58 -0.75 -35.69 -32.44
CA ASP D 58 -2.15 -36.07 -32.71
C ASP D 58 -2.52 -35.61 -34.11
N THR D 59 -3.33 -36.37 -34.84
CA THR D 59 -3.79 -36.03 -36.19
C THR D 59 -5.27 -36.36 -36.18
N SER D 60 -6.15 -35.54 -36.73
CA SER D 60 -7.55 -35.93 -36.81
C SER D 60 -7.98 -35.60 -38.21
N TYR D 61 -8.75 -36.46 -38.83
CA TYR D 61 -9.14 -36.34 -40.24
C TYR D 61 -10.64 -36.51 -40.29
N ASN D 62 -11.29 -36.04 -41.32
CA ASN D 62 -12.72 -36.04 -41.55
C ASN D 62 -13.22 -37.48 -41.72
N PRO D 63 -14.44 -37.79 -41.26
CA PRO D 63 -14.98 -39.15 -41.47
C PRO D 63 -15.23 -39.51 -42.93
N SER D 64 -15.44 -38.51 -43.79
CA SER D 64 -15.51 -38.79 -45.22
C SER D 64 -14.14 -39.01 -45.82
N LEU D 65 -13.08 -38.58 -45.12
CA LEU D 65 -11.72 -38.63 -45.64
C LEU D 65 -10.75 -39.30 -44.67
N ARG D 66 -11.13 -40.42 -44.06
CA ARG D 66 -10.25 -41.08 -43.09
C ARG D 66 -9.09 -41.77 -43.79
N GLY D 67 -9.38 -42.61 -44.78
CA GLY D 67 -8.35 -43.43 -45.40
C GLY D 67 -7.64 -42.78 -46.56
N ARG D 68 -8.24 -41.76 -47.15
CA ARG D 68 -7.68 -41.20 -48.38
C ARG D 68 -6.54 -40.23 -48.09
N VAL D 69 -6.76 -39.24 -47.23
CA VAL D 69 -5.78 -38.20 -47.02
C VAL D 69 -4.87 -38.57 -45.84
N THR D 70 -3.69 -37.96 -45.83
CA THR D 70 -2.78 -38.03 -44.71
C THR D 70 -2.19 -36.65 -44.49
N ILE D 71 -1.90 -36.33 -43.23
CA ILE D 71 -1.32 -35.04 -42.88
C ILE D 71 -0.05 -35.30 -42.07
N SER D 72 1.02 -34.58 -42.41
CA SER D 72 2.33 -34.78 -41.79
C SER D 72 2.87 -33.44 -41.32
N LEU D 73 3.75 -33.50 -40.33
CA LEU D 73 4.37 -32.31 -39.76
C LEU D 73 5.87 -32.40 -40.00
N GLU D 74 6.38 -31.57 -40.90
CA GLU D 74 7.82 -31.53 -41.20
C GLU D 74 8.45 -30.51 -40.26
N THR D 75 9.03 -31.01 -39.17
CA THR D 75 9.59 -30.17 -38.12
C THR D 75 10.85 -29.45 -38.60
N SER D 76 11.68 -30.12 -39.41
CA SER D 76 12.99 -29.58 -39.77
C SER D 76 12.89 -28.43 -40.78
N MET D 77 11.97 -28.54 -41.74
CA MET D 77 11.84 -27.53 -42.78
C MET D 77 10.77 -26.49 -42.49
N ASN D 78 10.16 -26.55 -41.29
CA ASN D 78 9.18 -25.60 -40.77
C ASN D 78 7.94 -25.49 -41.66
N GLN D 79 7.28 -26.63 -41.85
CA GLN D 79 6.10 -26.71 -42.70
C GLN D 79 5.29 -27.95 -42.31
N PHE D 80 4.03 -27.96 -42.72
CA PHE D 80 3.20 -29.15 -42.62
C PHE D 80 2.49 -29.38 -43.96
N SER D 81 2.23 -30.65 -44.25
CA SER D 81 1.82 -31.04 -45.58
C SER D 81 0.54 -31.86 -45.53
N LEU D 82 -0.19 -31.84 -46.64
CA LEU D 82 -1.37 -32.67 -46.83
C LEU D 82 -1.26 -33.39 -48.17
N LYS D 83 -1.45 -34.70 -48.17
CA LYS D 83 -1.39 -35.51 -49.38
C LYS D 83 -2.72 -36.20 -49.57
N VAL D 84 -3.36 -35.96 -50.71
CA VAL D 84 -4.67 -36.51 -51.03
C VAL D 84 -4.50 -37.56 -52.12
N THR D 85 -4.99 -38.77 -51.86
CA THR D 85 -4.95 -39.86 -52.82
C THR D 85 -6.34 -40.07 -53.44
N SER D 86 -6.33 -40.62 -54.66
CA SER D 86 -7.51 -40.91 -55.49
C SER D 86 -8.35 -39.65 -55.73
N VAL D 87 -7.74 -38.71 -56.47
CA VAL D 87 -8.36 -37.42 -56.73
C VAL D 87 -9.52 -37.59 -57.70
N THR D 88 -10.67 -37.01 -57.34
CA THR D 88 -11.89 -37.15 -58.13
C THR D 88 -12.39 -35.75 -58.50
N VAL D 89 -13.62 -35.71 -59.03
CA VAL D 89 -14.25 -34.45 -59.41
C VAL D 89 -14.55 -33.60 -58.18
N ALA D 90 -14.90 -34.24 -57.06
CA ALA D 90 -15.26 -33.51 -55.85
C ALA D 90 -14.03 -32.99 -55.11
N ASP D 91 -12.82 -33.41 -55.52
CA ASP D 91 -11.62 -33.02 -54.78
C ASP D 91 -11.09 -31.66 -55.19
N THR D 92 -11.61 -31.07 -56.27
CA THR D 92 -11.16 -29.73 -56.62
C THR D 92 -11.80 -28.71 -55.68
N ALA D 93 -10.96 -27.86 -55.10
CA ALA D 93 -11.38 -26.98 -54.01
C ALA D 93 -10.35 -25.87 -53.84
N LEU D 94 -10.74 -24.86 -53.06
CA LEU D 94 -9.80 -23.86 -52.57
C LEU D 94 -9.29 -24.31 -51.20
N TYR D 95 -8.02 -24.70 -51.13
CA TYR D 95 -7.45 -25.31 -49.93
C TYR D 95 -6.80 -24.24 -49.08
N PHE D 96 -7.15 -24.21 -47.80
CA PHE D 96 -6.56 -23.29 -46.84
C PHE D 96 -5.83 -24.09 -45.75
N CYS D 97 -4.66 -23.61 -45.36
CA CYS D 97 -3.99 -24.11 -44.18
C CYS D 97 -4.14 -23.08 -43.07
N ALA D 98 -4.24 -23.54 -41.82
CA ALA D 98 -4.52 -22.65 -40.71
C ALA D 98 -3.73 -23.09 -39.49
N ARG D 99 -3.55 -22.15 -38.57
CA ARG D 99 -2.99 -22.41 -37.25
C ARG D 99 -4.06 -22.02 -36.24
N VAL D 100 -4.85 -23.01 -35.83
CA VAL D 100 -5.90 -22.80 -34.84
C VAL D 100 -5.28 -23.05 -33.46
N PRO D 101 -5.19 -22.03 -32.59
CA PRO D 101 -4.60 -22.25 -31.28
C PRO D 101 -5.52 -23.05 -30.36
N PHE D 102 -4.92 -23.73 -29.40
CA PHE D 102 -5.68 -24.53 -28.44
C PHE D 102 -6.50 -23.64 -27.51
N TYR D 103 -5.92 -22.51 -27.10
CA TYR D 103 -6.45 -21.71 -26.02
C TYR D 103 -6.66 -20.27 -26.47
N TYR D 104 -7.64 -19.62 -25.88
CA TYR D 104 -7.87 -18.19 -26.09
C TYR D 104 -6.94 -17.43 -25.17
N ASP D 105 -5.90 -16.84 -25.74
CA ASP D 105 -4.84 -16.19 -24.98
C ASP D 105 -4.55 -14.86 -25.67
N THR D 106 -4.96 -13.78 -25.01
CA THR D 106 -4.77 -12.41 -25.50
C THR D 106 -3.49 -11.76 -24.96
N ARG D 107 -2.81 -12.27 -23.94
CA ARG D 107 -1.63 -11.62 -23.36
C ARG D 107 -0.39 -12.47 -23.54
N GLY D 108 -0.52 -13.72 -23.97
CA GLY D 108 0.62 -14.62 -23.98
C GLY D 108 1.01 -15.12 -22.60
N VAL D 109 0.03 -15.53 -21.80
CA VAL D 109 0.36 -16.15 -20.52
C VAL D 109 0.81 -17.58 -20.73
N PHE D 110 0.36 -18.28 -21.79
CA PHE D 110 0.75 -19.65 -22.18
C PHE D 110 1.63 -19.53 -23.38
N TYR D 111 1.17 -18.84 -24.38
CA TYR D 111 1.83 -18.75 -25.69
C TYR D 111 3.18 -18.09 -25.60
N GLY D 112 3.32 -17.11 -24.75
CA GLY D 112 4.61 -16.44 -24.51
C GLY D 112 4.68 -15.13 -25.20
N ASN D 113 3.83 -14.90 -26.18
CA ASN D 113 3.84 -13.63 -26.95
C ASN D 113 2.41 -13.34 -27.20
N ALA D 114 2.08 -12.09 -27.48
CA ALA D 114 0.67 -11.71 -27.66
C ALA D 114 0.16 -12.22 -28.99
N GLU D 115 1.05 -12.49 -29.94
CA GLU D 115 0.65 -12.91 -31.31
C GLU D 115 0.64 -14.41 -31.41
N GLY D 116 0.97 -15.12 -30.35
CA GLY D 116 0.87 -16.58 -30.29
C GLY D 116 -0.55 -17.01 -30.23
N GLY D 117 -1.40 -16.28 -29.55
CA GLY D 117 -2.78 -16.71 -29.31
C GLY D 117 -3.65 -16.47 -30.48
N PHE D 118 -3.10 -16.06 -31.60
CA PHE D 118 -3.84 -15.68 -32.82
C PHE D 118 -4.06 -16.81 -33.81
N GLU D 119 -5.23 -16.83 -34.41
CA GLU D 119 -5.57 -17.82 -35.42
C GLU D 119 -5.22 -17.24 -36.78
N ILE D 120 -4.14 -17.72 -37.37
CA ILE D 120 -3.73 -17.25 -38.68
C ILE D 120 -4.10 -18.27 -39.75
N TRP D 121 -4.23 -17.80 -40.98
CA TRP D 121 -4.72 -18.62 -42.08
C TRP D 121 -3.83 -18.41 -43.29
N GLY D 122 -3.74 -19.43 -44.12
CA GLY D 122 -3.12 -19.32 -45.42
C GLY D 122 -4.08 -18.62 -46.37
N GLN D 123 -3.52 -17.97 -47.40
CA GLN D 123 -4.36 -17.19 -48.31
C GLN D 123 -5.18 -18.07 -49.23
N GLY D 124 -4.74 -19.31 -49.46
CA GLY D 124 -5.50 -20.24 -50.26
C GLY D 124 -4.83 -20.60 -51.57
N THR D 125 -4.86 -21.89 -51.92
CA THR D 125 -4.39 -22.34 -53.22
C THR D 125 -5.50 -23.17 -53.86
N MET D 126 -5.50 -23.21 -55.18
CA MET D 126 -6.54 -23.89 -55.94
C MET D 126 -5.97 -25.12 -56.65
N ALA D 127 -6.62 -26.25 -56.45
CA ALA D 127 -6.24 -27.50 -57.09
C ALA D 127 -7.37 -27.93 -58.02
N THR D 128 -6.99 -28.49 -59.17
CA THR D 128 -7.99 -28.93 -60.15
C THR D 128 -7.67 -30.33 -60.65
N GLN E 1 26.55 -13.82 24.28
CA GLN E 1 27.82 -13.97 24.99
C GLN E 1 27.93 -15.33 25.65
N VAL E 2 27.43 -16.37 24.96
CA VAL E 2 27.50 -17.72 25.52
C VAL E 2 28.89 -18.28 25.31
N GLN E 3 29.52 -18.73 26.39
CA GLN E 3 30.90 -19.20 26.36
C GLN E 3 30.98 -20.60 26.95
N LEU E 4 31.94 -21.38 26.47
CA LEU E 4 32.20 -22.73 26.97
C LEU E 4 33.57 -22.77 27.63
N LEU E 5 33.60 -23.23 28.89
CA LEU E 5 34.83 -23.30 29.67
C LEU E 5 35.09 -24.76 30.02
N GLU E 6 36.32 -25.21 29.81
CA GLU E 6 36.68 -26.61 29.99
C GLU E 6 37.61 -26.76 31.19
N SER E 7 37.34 -27.76 32.02
CA SER E 7 38.21 -28.14 33.11
C SER E 7 38.62 -29.60 32.94
N GLY E 8 39.93 -29.85 32.95
CA GLY E 8 40.45 -31.19 32.78
C GLY E 8 41.46 -31.54 33.84
N PRO E 9 41.86 -32.82 33.90
CA PRO E 9 42.88 -33.22 34.88
C PRO E 9 44.27 -32.73 34.53
N GLY E 10 44.68 -32.87 33.26
CA GLY E 10 45.98 -32.46 32.81
C GLY E 10 47.04 -33.53 32.84
N LEU E 11 46.88 -34.54 33.71
CA LEU E 11 47.84 -35.62 33.83
C LEU E 11 47.13 -36.83 34.43
N VAL E 12 47.05 -37.91 33.67
CA VAL E 12 46.47 -39.16 34.14
C VAL E 12 47.44 -40.29 33.85
N LYS E 13 47.39 -41.34 34.67
CA LYS E 13 48.17 -42.54 34.41
C LYS E 13 47.52 -43.34 33.29
N PRO E 14 48.29 -44.20 32.60
CA PRO E 14 47.68 -45.13 31.65
C PRO E 14 46.77 -46.14 32.33
N SER E 15 45.74 -46.57 31.57
CA SER E 15 44.65 -47.43 32.04
C SER E 15 43.93 -46.85 33.26
N GLN E 16 43.43 -45.62 33.08
CA GLN E 16 42.67 -44.94 34.14
C GLN E 16 41.45 -44.25 33.56
N THR E 17 40.80 -43.40 34.35
CA THR E 17 39.60 -42.69 33.93
C THR E 17 39.93 -41.24 33.65
N LEU E 18 39.67 -40.80 32.42
CA LEU E 18 39.92 -39.44 32.01
C LEU E 18 38.61 -38.66 32.06
N SER E 19 38.40 -37.91 33.14
CA SER E 19 37.14 -37.22 33.39
C SER E 19 37.29 -35.76 32.98
N LEU E 20 36.45 -35.33 32.04
CA LEU E 20 36.45 -33.96 31.52
C LEU E 20 35.08 -33.36 31.68
N THR E 21 35.02 -32.04 31.72
CA THR E 21 33.76 -31.30 31.78
C THR E 21 33.88 -30.06 30.90
N CYS E 22 32.74 -29.57 30.41
CA CYS E 22 32.69 -28.34 29.63
C CYS E 22 31.53 -27.50 30.17
N THR E 23 31.87 -26.46 30.93
CA THR E 23 30.87 -25.65 31.62
C THR E 23 30.38 -24.54 30.69
N VAL E 24 29.07 -24.48 30.49
CA VAL E 24 28.45 -23.47 29.64
C VAL E 24 28.14 -22.24 30.48
N SER E 25 28.68 -21.10 30.08
CA SER E 25 28.51 -19.85 30.80
C SER E 25 27.89 -18.82 29.87
N GLY E 26 26.96 -18.03 30.39
CA GLY E 26 26.24 -17.06 29.59
C GLY E 26 25.05 -17.60 28.85
N GLY E 27 24.75 -18.88 28.97
CA GLY E 27 23.63 -19.49 28.29
C GLY E 27 23.23 -20.77 28.98
N SER E 28 22.24 -21.45 28.41
CA SER E 28 21.71 -22.68 28.96
C SER E 28 22.13 -23.86 28.10
N VAL E 29 22.38 -24.99 28.75
CA VAL E 29 22.75 -26.22 28.05
C VAL E 29 21.47 -27.03 27.91
N SER E 30 20.41 -26.57 28.55
CA SER E 30 19.10 -27.22 28.53
C SER E 30 18.20 -26.66 27.44
N ARG E 31 18.81 -26.27 26.32
CA ARG E 31 18.09 -25.67 25.18
C ARG E 31 18.20 -26.64 24.00
N GLY E 32 17.08 -26.99 23.38
CA GLY E 32 17.12 -27.89 22.24
C GLY E 32 17.60 -27.22 20.97
N GLY E 33 17.99 -28.04 20.01
CA GLY E 33 18.48 -27.55 18.74
C GLY E 33 19.99 -27.46 18.62
N TYR E 34 20.74 -28.09 19.52
CA TYR E 34 22.20 -28.05 19.49
C TYR E 34 22.77 -29.45 19.64
N TYR E 35 23.92 -29.66 19.00
CA TYR E 35 24.79 -30.80 19.27
C TYR E 35 25.86 -30.34 20.25
N TRP E 36 25.90 -30.96 21.42
CA TRP E 36 26.91 -30.64 22.42
C TRP E 36 28.04 -31.65 22.27
N THR E 37 29.00 -31.33 21.41
CA THR E 37 29.97 -32.30 20.94
C THR E 37 31.23 -32.29 21.79
N TRP E 38 32.19 -33.15 21.40
CA TRP E 38 33.49 -33.28 22.05
C TRP E 38 34.49 -33.64 20.95
N ILE E 39 35.37 -32.70 20.64
CA ILE E 39 36.33 -32.86 19.55
C ILE E 39 37.73 -32.97 20.15
N ARG E 40 38.52 -33.92 19.67
CA ARG E 40 39.90 -34.03 20.12
C ARG E 40 40.83 -33.90 18.93
N GLN E 41 42.07 -33.48 19.22
CA GLN E 41 43.12 -33.32 18.23
C GLN E 41 44.41 -33.85 18.80
N HIS E 42 44.97 -34.86 18.16
CA HIS E 42 46.28 -35.38 18.52
C HIS E 42 47.35 -34.33 18.19
N PRO E 43 48.40 -34.22 19.02
CA PRO E 43 49.46 -33.25 18.73
C PRO E 43 50.23 -33.57 17.46
N GLY E 44 50.26 -32.59 16.55
CA GLY E 44 50.82 -32.77 15.22
C GLY E 44 50.00 -33.69 14.34
N LYS E 45 48.68 -33.59 14.45
CA LYS E 45 47.77 -34.40 13.64
C LYS E 45 46.46 -33.63 13.48
N GLY E 46 45.43 -34.31 12.98
CA GLY E 46 44.18 -33.65 12.67
C GLY E 46 43.13 -33.81 13.76
N LEU E 47 41.96 -33.23 13.48
CA LEU E 47 40.84 -33.26 14.42
C LEU E 47 40.10 -34.58 14.32
N GLU E 48 39.66 -35.09 15.47
CA GLU E 48 38.87 -36.32 15.54
C GLU E 48 37.64 -36.09 16.38
N TRP E 49 36.47 -36.37 15.82
CA TRP E 49 35.22 -36.28 16.56
C TRP E 49 35.09 -37.48 17.50
N ILE E 50 34.62 -37.24 18.72
CA ILE E 50 34.41 -38.30 19.69
C ILE E 50 32.93 -38.60 19.87
N ALA E 51 32.16 -37.63 20.35
CA ALA E 51 30.79 -37.89 20.76
C ALA E 51 29.99 -36.60 20.65
N TYR E 52 28.67 -36.73 20.76
CA TYR E 52 27.79 -35.59 20.99
C TYR E 52 26.66 -36.01 21.91
N VAL E 53 25.96 -35.02 22.45
CA VAL E 53 24.78 -35.22 23.27
C VAL E 53 23.81 -34.08 23.00
N THR E 54 22.51 -34.38 23.05
CA THR E 54 21.47 -33.37 22.90
C THR E 54 20.62 -33.37 24.16
N TYR E 55 19.80 -32.32 24.31
CA TYR E 55 18.93 -32.21 25.48
C TYR E 55 17.74 -33.15 25.37
N SER E 56 17.43 -33.58 24.16
CA SER E 56 16.42 -34.62 23.97
C SER E 56 16.92 -35.88 24.62
N GLY E 57 18.15 -36.25 24.36
CA GLY E 57 18.72 -37.47 24.91
C GLY E 57 19.51 -38.29 23.92
N ASP E 58 19.67 -37.74 22.72
CA ASP E 58 20.34 -38.52 21.67
C ASP E 58 21.82 -38.43 21.91
N THR E 59 22.48 -39.56 21.96
CA THR E 59 23.93 -39.61 22.06
C THR E 59 24.48 -40.48 20.94
N SER E 60 25.60 -40.05 20.37
CA SER E 60 26.34 -40.85 19.40
C SER E 60 27.80 -40.83 19.80
N TYR E 61 28.56 -41.84 19.34
CA TYR E 61 29.97 -41.96 19.67
C TYR E 61 30.72 -42.41 18.43
N ASN E 62 32.04 -42.22 18.45
CA ASN E 62 32.89 -42.66 17.34
C ASN E 62 32.94 -44.19 17.30
N PRO E 63 33.07 -44.79 16.11
CA PRO E 63 33.16 -46.26 16.03
C PRO E 63 34.44 -46.82 16.63
N SER E 64 35.51 -46.03 16.69
CA SER E 64 36.71 -46.45 17.39
C SER E 64 36.55 -46.33 18.89
N LEU E 65 35.57 -45.55 19.34
CA LEU E 65 35.38 -45.25 20.76
C LEU E 65 33.94 -45.49 21.23
N ARG E 66 33.32 -46.60 20.81
CA ARG E 66 31.93 -46.86 21.20
C ARG E 66 31.81 -47.24 22.67
N GLY E 67 32.63 -48.20 23.12
CA GLY E 67 32.49 -48.71 24.47
C GLY E 67 33.33 -48.01 25.51
N ARG E 68 34.35 -47.28 25.06
CA ARG E 68 35.29 -46.69 26.02
C ARG E 68 34.76 -45.39 26.61
N VAL E 69 34.29 -44.47 25.77
CA VAL E 69 33.89 -43.16 26.26
C VAL E 69 32.38 -43.15 26.51
N THR E 70 31.96 -42.16 27.29
CA THR E 70 30.54 -41.88 27.51
C THR E 70 30.38 -40.38 27.65
N ILE E 71 29.22 -39.86 27.26
CA ILE E 71 28.94 -38.43 27.32
C ILE E 71 27.66 -38.23 28.14
N SER E 72 27.66 -37.22 29.00
CA SER E 72 26.54 -36.95 29.88
C SER E 72 26.21 -35.47 29.82
N LEU E 73 24.94 -35.15 30.07
CA LEU E 73 24.45 -33.78 30.06
C LEU E 73 23.93 -33.44 31.44
N GLU E 74 24.68 -32.63 32.18
CA GLU E 74 24.26 -32.19 33.51
C GLU E 74 23.41 -30.95 33.33
N THR E 75 22.09 -31.14 33.39
CA THR E 75 21.13 -30.07 33.16
C THR E 75 21.13 -29.05 34.29
N SER E 76 21.24 -29.51 35.53
CA SER E 76 21.13 -28.62 36.68
C SER E 76 22.40 -27.78 36.86
N MET E 77 23.56 -28.31 36.46
CA MET E 77 24.82 -27.62 36.64
C MET E 77 25.23 -26.77 35.44
N ASN E 78 24.42 -26.81 34.37
CA ASN E 78 24.65 -26.11 33.09
C ASN E 78 26.02 -26.46 32.49
N GLN E 79 26.22 -27.76 32.28
CA GLN E 79 27.49 -28.28 31.81
C GLN E 79 27.25 -29.65 31.18
N PHE E 80 28.22 -30.11 30.40
CA PHE E 80 28.23 -31.47 29.89
C PHE E 80 29.63 -32.04 30.01
N SER E 81 29.71 -33.37 30.09
CA SER E 81 30.93 -34.04 30.51
C SER E 81 31.26 -35.17 29.55
N LEU E 82 32.56 -35.50 29.51
CA LEU E 82 33.06 -36.64 28.77
C LEU E 82 33.99 -37.44 29.68
N LYS E 83 33.77 -38.73 29.78
CA LYS E 83 34.58 -39.62 30.61
C LYS E 83 35.17 -40.71 29.73
N VAL E 84 36.50 -40.80 29.70
CA VAL E 84 37.22 -41.75 28.87
C VAL E 84 37.85 -42.81 29.77
N THR E 85 37.58 -44.08 29.47
CA THR E 85 38.15 -45.20 30.19
C THR E 85 39.24 -45.87 29.38
N SER E 86 40.16 -46.54 30.09
CA SER E 86 41.32 -47.27 29.56
C SER E 86 42.22 -46.35 28.71
N VAL E 87 42.81 -45.38 29.41
CA VAL E 87 43.60 -44.34 28.75
C VAL E 87 44.93 -44.91 28.25
N THR E 88 45.22 -44.67 26.97
CA THR E 88 46.44 -45.15 26.34
C THR E 88 47.26 -43.94 25.91
N VAL E 89 48.32 -44.21 25.14
CA VAL E 89 49.17 -43.14 24.60
C VAL E 89 48.40 -42.31 23.58
N ALA E 90 47.51 -42.95 22.80
CA ALA E 90 46.78 -42.24 21.76
C ALA E 90 45.67 -41.36 22.32
N ASP E 91 45.34 -41.52 23.60
CA ASP E 91 44.31 -40.69 24.21
C ASP E 91 44.85 -39.31 24.60
N THR E 92 46.17 -39.13 24.59
CA THR E 92 46.74 -37.83 24.87
C THR E 92 46.53 -36.90 23.68
N ALA E 93 45.65 -35.92 23.86
CA ALA E 93 45.20 -35.08 22.75
C ALA E 93 44.73 -33.74 23.30
N LEU E 94 44.54 -32.79 22.40
CA LEU E 94 43.94 -31.50 22.73
C LEU E 94 42.43 -31.60 22.55
N TYR E 95 41.69 -31.55 23.65
CA TYR E 95 40.25 -31.80 23.66
C TYR E 95 39.49 -30.49 23.59
N PHE E 96 38.53 -30.42 22.67
CA PHE E 96 37.65 -29.27 22.53
C PHE E 96 36.21 -29.69 22.74
N CYS E 97 35.46 -28.89 23.48
CA CYS E 97 34.02 -29.00 23.54
C CYS E 97 33.42 -27.94 22.63
N ALA E 98 32.25 -28.24 22.06
CA ALA E 98 31.64 -27.33 21.10
C ALA E 98 30.13 -27.40 21.21
N ARG E 99 29.48 -26.35 20.73
CA ARG E 99 28.03 -26.29 20.60
C ARG E 99 27.73 -26.11 19.11
N VAL E 100 27.47 -27.22 18.43
CA VAL E 100 27.15 -27.22 17.01
C VAL E 100 25.62 -27.11 16.89
N PRO E 101 25.09 -26.03 16.32
CA PRO E 101 23.63 -25.92 16.21
C PRO E 101 23.09 -26.86 15.14
N PHE E 102 21.82 -27.23 15.31
CA PHE E 102 21.16 -28.10 14.35
C PHE E 102 20.94 -27.39 13.02
N TYR E 103 20.56 -26.11 13.07
CA TYR E 103 20.08 -25.40 11.90
C TYR E 103 20.92 -24.15 11.65
N TYR E 104 21.01 -23.77 10.38
CA TYR E 104 21.63 -22.50 10.00
C TYR E 104 20.59 -21.41 10.19
N ASP E 105 20.77 -20.61 11.24
CA ASP E 105 19.80 -19.58 11.61
C ASP E 105 20.59 -18.31 11.93
N THR E 106 20.42 -17.29 11.10
CA THR E 106 21.09 -16.01 11.30
C THR E 106 20.23 -14.99 12.02
N ARG E 107 18.91 -15.10 11.95
CA ARG E 107 18.00 -14.12 12.57
C ARG E 107 17.40 -14.64 13.84
N GLY E 108 17.58 -15.91 14.22
CA GLY E 108 16.88 -16.47 15.36
C GLY E 108 15.39 -16.63 15.14
N VAL E 109 15.04 -17.30 14.06
CA VAL E 109 13.63 -17.64 13.73
C VAL E 109 13.27 -18.84 14.63
N PHE E 110 14.19 -19.79 14.87
CA PHE E 110 14.04 -20.96 15.74
C PHE E 110 14.71 -20.68 17.05
N TYR E 111 15.93 -20.21 17.02
CA TYR E 111 16.76 -20.04 18.23
C TYR E 111 16.19 -18.98 19.15
N GLY E 112 15.64 -17.93 18.63
CA GLY E 112 15.04 -16.84 19.40
C GLY E 112 15.97 -15.68 19.53
N ASN E 113 17.26 -15.90 19.34
CA ASN E 113 18.28 -14.85 19.47
C ASN E 113 19.15 -14.99 18.24
N ALA E 114 19.76 -13.92 17.80
CA ALA E 114 20.65 -13.98 16.64
C ALA E 114 21.92 -14.71 17.02
N GLU E 115 22.24 -14.80 18.30
CA GLU E 115 23.51 -15.36 18.78
C GLU E 115 23.32 -16.77 19.27
N GLY E 116 22.20 -17.38 18.92
CA GLY E 116 21.89 -18.74 19.33
C GLY E 116 22.08 -19.65 18.19
N GLY E 117 22.16 -19.11 17.00
CA GLY E 117 22.35 -19.91 15.80
C GLY E 117 23.79 -20.06 15.51
N PHE E 118 24.63 -19.70 16.45
CA PHE E 118 26.10 -19.69 16.29
C PHE E 118 26.83 -20.91 16.84
N GLU E 119 27.89 -21.31 16.16
CA GLU E 119 28.68 -22.47 16.54
C GLU E 119 29.85 -21.97 17.39
N ILE E 120 29.77 -22.19 18.70
CA ILE E 120 30.83 -21.76 19.59
C ILE E 120 31.68 -22.96 20.00
N TRP E 121 32.90 -22.68 20.43
CA TRP E 121 33.88 -23.72 20.74
C TRP E 121 34.56 -23.39 22.05
N GLY E 122 35.02 -24.42 22.74
CA GLY E 122 35.87 -24.26 23.89
C GLY E 122 37.30 -24.01 23.43
N GLN E 123 38.09 -23.37 24.30
CA GLN E 123 39.45 -22.99 23.93
C GLN E 123 40.37 -24.20 23.88
N GLY E 124 40.08 -25.22 24.67
CA GLY E 124 40.86 -26.44 24.62
C GLY E 124 41.54 -26.80 25.93
N THR E 125 41.57 -28.10 26.23
CA THR E 125 42.30 -28.60 27.39
C THR E 125 43.20 -29.75 26.94
N MET E 126 44.31 -29.93 27.65
CA MET E 126 45.31 -30.91 27.28
C MET E 126 45.34 -32.04 28.29
N ALA E 127 45.29 -33.27 27.80
CA ALA E 127 45.37 -34.47 28.62
C ALA E 127 46.63 -35.23 28.28
N THR E 128 47.27 -35.80 29.28
CA THR E 128 48.50 -36.56 29.08
C THR E 128 48.47 -37.87 29.87
N ASP F 1 -20.68 -38.06 -35.40
CA ASP F 1 -20.58 -36.89 -36.25
C ASP F 1 -21.56 -35.81 -35.82
N ILE F 2 -21.03 -34.76 -35.17
CA ILE F 2 -21.87 -33.65 -34.74
C ILE F 2 -22.17 -32.76 -35.95
N GLN F 3 -23.43 -32.75 -36.36
CA GLN F 3 -23.84 -32.06 -37.59
C GLN F 3 -24.42 -30.70 -37.22
N MET F 4 -24.04 -29.66 -37.96
CA MET F 4 -24.26 -28.30 -37.52
C MET F 4 -25.31 -27.65 -38.42
N THR F 5 -26.34 -27.08 -37.80
CA THR F 5 -27.44 -26.44 -38.50
C THR F 5 -27.40 -24.94 -38.24
N GLN F 6 -27.29 -24.15 -39.30
CA GLN F 6 -27.11 -22.70 -39.20
C GLN F 6 -28.21 -21.99 -39.95
N SER F 7 -28.89 -21.06 -39.29
CA SER F 7 -30.04 -20.37 -39.84
C SER F 7 -29.92 -18.87 -39.55
N PRO F 8 -30.41 -17.99 -40.45
CA PRO F 8 -30.97 -18.26 -41.78
C PRO F 8 -29.92 -18.29 -42.88
N SER F 9 -30.04 -19.26 -43.80
CA SER F 9 -29.00 -19.52 -44.81
C SER F 9 -28.89 -18.40 -45.85
N SER F 10 -29.93 -17.60 -46.02
CA SER F 10 -29.84 -16.40 -46.84
C SER F 10 -30.41 -15.23 -46.05
N LEU F 11 -29.62 -14.16 -45.94
CA LEU F 11 -29.98 -13.02 -45.11
C LEU F 11 -29.68 -11.74 -45.87
N SER F 12 -30.56 -10.76 -45.69
CA SER F 12 -30.42 -9.45 -46.34
C SER F 12 -30.81 -8.36 -45.35
N ALA F 13 -29.95 -7.35 -45.24
CA ALA F 13 -30.20 -6.22 -44.35
C ALA F 13 -29.45 -5.01 -44.89
N SER F 14 -29.84 -3.83 -44.41
CA SER F 14 -29.25 -2.58 -44.82
C SER F 14 -28.20 -2.12 -43.81
N VAL F 15 -27.62 -0.95 -44.07
CA VAL F 15 -26.59 -0.40 -43.19
C VAL F 15 -27.25 0.15 -41.93
N GLY F 16 -26.76 -0.28 -40.77
CA GLY F 16 -27.33 0.13 -39.51
C GLY F 16 -28.29 -0.84 -38.89
N ASP F 17 -28.72 -1.88 -39.62
CA ASP F 17 -29.64 -2.86 -39.08
C ASP F 17 -28.92 -3.82 -38.14
N ARG F 18 -29.70 -4.57 -37.38
CA ARG F 18 -29.18 -5.58 -36.47
C ARG F 18 -29.73 -6.94 -36.86
N VAL F 19 -28.84 -7.91 -37.05
CA VAL F 19 -29.22 -9.27 -37.41
C VAL F 19 -28.71 -10.22 -36.33
N THR F 20 -29.20 -11.45 -36.37
CA THR F 20 -28.78 -12.51 -35.46
C THR F 20 -28.67 -13.80 -36.24
N ILE F 21 -27.46 -14.37 -36.25
CA ILE F 21 -27.19 -15.63 -36.93
C ILE F 21 -27.12 -16.72 -35.87
N THR F 22 -27.97 -17.74 -36.01
CA THR F 22 -28.07 -18.81 -35.03
C THR F 22 -27.56 -20.11 -35.63
N CYS F 23 -26.63 -20.75 -34.91
CA CYS F 23 -26.11 -22.06 -35.29
C CYS F 23 -26.53 -23.07 -34.23
N ARG F 24 -27.08 -24.19 -34.69
CA ARG F 24 -27.65 -25.21 -33.82
C ARG F 24 -26.81 -26.48 -33.94
N ALA F 25 -26.64 -27.17 -32.81
CA ALA F 25 -25.79 -28.36 -32.74
C ALA F 25 -26.64 -29.60 -32.49
N SER F 26 -26.18 -30.73 -33.03
CA SER F 26 -26.83 -32.01 -32.81
C SER F 26 -26.59 -32.49 -31.39
N GLN F 27 -25.32 -32.70 -31.04
CA GLN F 27 -24.95 -33.11 -29.69
C GLN F 27 -24.67 -31.86 -28.85
N GLY F 28 -24.10 -32.03 -27.66
CA GLY F 28 -23.84 -30.91 -26.79
C GLY F 28 -22.46 -30.31 -26.97
N ILE F 29 -22.39 -29.10 -27.54
CA ILE F 29 -21.15 -28.37 -27.70
C ILE F 29 -20.99 -27.49 -26.47
N THR F 30 -20.06 -27.84 -25.59
CA THR F 30 -19.83 -27.09 -24.36
C THR F 30 -18.76 -26.05 -24.61
N ASN F 31 -19.21 -24.80 -24.89
CA ASN F 31 -18.43 -23.58 -25.21
C ASN F 31 -17.22 -23.83 -26.11
N ASP F 32 -17.42 -24.64 -27.15
CA ASP F 32 -16.36 -25.00 -28.09
C ASP F 32 -16.75 -24.65 -29.52
N LEU F 33 -17.22 -23.43 -29.74
CA LEU F 33 -17.66 -22.97 -31.05
C LEU F 33 -16.81 -21.80 -31.52
N ARG F 34 -16.43 -21.83 -32.80
CA ARG F 34 -15.68 -20.74 -33.43
C ARG F 34 -16.52 -20.14 -34.55
N TRP F 35 -16.66 -18.82 -34.56
CA TRP F 35 -17.41 -18.10 -35.58
C TRP F 35 -16.45 -17.53 -36.61
N TYR F 36 -16.75 -17.72 -37.89
CA TYR F 36 -15.87 -17.33 -38.97
C TYR F 36 -16.55 -16.33 -39.88
N GLN F 37 -15.73 -15.54 -40.58
CA GLN F 37 -16.21 -14.49 -41.47
C GLN F 37 -15.39 -14.54 -42.75
N GLN F 38 -15.95 -15.13 -43.80
CA GLN F 38 -15.25 -15.24 -45.07
C GLN F 38 -15.78 -14.19 -46.04
N LYS F 39 -14.97 -13.14 -46.24
CA LYS F 39 -15.31 -12.06 -47.19
C LYS F 39 -14.83 -12.55 -48.56
N PRO F 40 -15.56 -12.40 -49.68
CA PRO F 40 -15.22 -12.98 -50.99
C PRO F 40 -13.85 -12.57 -51.47
N GLY F 41 -13.10 -13.54 -51.99
CA GLY F 41 -11.71 -13.35 -52.38
C GLY F 41 -10.80 -13.10 -51.20
N LYS F 42 -11.09 -13.75 -50.06
CA LYS F 42 -10.31 -13.56 -48.85
C LYS F 42 -10.42 -14.82 -48.01
N ALA F 43 -9.32 -15.14 -47.32
CA ALA F 43 -9.29 -16.27 -46.41
C ALA F 43 -10.18 -15.99 -45.19
N PRO F 44 -10.81 -17.02 -44.61
CA PRO F 44 -11.65 -16.79 -43.42
C PRO F 44 -10.84 -16.40 -42.19
N GLN F 45 -11.47 -15.59 -41.35
CA GLN F 45 -10.87 -15.16 -40.10
C GLN F 45 -11.86 -15.45 -38.98
N CYS F 46 -11.34 -15.65 -37.77
CA CYS F 46 -12.20 -15.96 -36.64
C CYS F 46 -12.61 -14.69 -35.90
N LEU F 47 -13.89 -14.56 -35.62
CA LEU F 47 -14.41 -13.44 -34.84
C LEU F 47 -14.64 -13.81 -33.38
N ILE F 48 -15.35 -14.91 -33.13
CA ILE F 48 -15.67 -15.38 -31.79
C ILE F 48 -15.02 -16.74 -31.60
N SER F 49 -14.29 -16.90 -30.49
CA SER F 49 -13.78 -18.19 -30.08
C SER F 49 -14.31 -18.49 -28.69
N SER F 50 -14.50 -19.80 -28.42
CA SER F 50 -15.15 -20.33 -27.21
C SER F 50 -16.55 -19.78 -27.01
N ALA F 51 -17.24 -19.52 -28.13
CA ALA F 51 -18.66 -19.19 -28.29
C ALA F 51 -19.10 -17.85 -27.68
N SER F 52 -18.22 -17.13 -27.00
CA SER F 52 -18.58 -15.84 -26.41
C SER F 52 -17.48 -14.79 -26.50
N ARG F 53 -16.25 -15.17 -26.79
CA ARG F 53 -15.10 -14.31 -26.56
C ARG F 53 -14.59 -13.75 -27.88
N LEU F 54 -14.48 -12.43 -27.96
CA LEU F 54 -14.03 -11.76 -29.18
C LEU F 54 -12.55 -12.00 -29.42
N GLN F 55 -12.20 -12.16 -30.70
CA GLN F 55 -10.80 -12.32 -31.09
C GLN F 55 -10.13 -10.95 -31.16
N SER F 56 -8.82 -10.93 -31.41
CA SER F 56 -8.07 -9.70 -31.52
C SER F 56 -8.06 -9.23 -32.96
N GLY F 57 -8.24 -7.92 -33.16
CA GLY F 57 -8.44 -7.36 -34.48
C GLY F 57 -9.87 -7.39 -34.95
N VAL F 58 -10.79 -7.90 -34.13
CA VAL F 58 -12.21 -7.99 -34.45
C VAL F 58 -12.92 -6.92 -33.63
N SER F 59 -13.78 -6.14 -34.29
CA SER F 59 -14.47 -5.03 -33.64
C SER F 59 -15.50 -5.53 -32.64
N SER F 60 -15.93 -4.65 -31.75
CA SER F 60 -16.83 -5.00 -30.66
C SER F 60 -18.29 -5.08 -31.09
N ARG F 61 -18.59 -4.82 -32.37
CA ARG F 61 -19.94 -4.97 -32.89
C ARG F 61 -20.38 -6.43 -32.88
N PHE F 62 -19.48 -7.35 -33.21
CA PHE F 62 -19.79 -8.76 -33.18
C PHE F 62 -19.87 -9.27 -31.74
N SER F 63 -20.82 -10.17 -31.50
CA SER F 63 -20.98 -10.75 -30.17
C SER F 63 -21.49 -12.18 -30.33
N GLY F 64 -21.15 -13.01 -29.36
CA GLY F 64 -21.57 -14.40 -29.38
C GLY F 64 -22.08 -14.81 -28.01
N SER F 65 -23.07 -15.71 -28.03
CA SER F 65 -23.66 -16.23 -26.80
C SER F 65 -24.25 -17.59 -27.09
N GLY F 66 -24.52 -18.32 -26.02
CA GLY F 66 -25.15 -19.62 -26.10
C GLY F 66 -24.29 -20.70 -25.48
N SER F 67 -24.94 -21.81 -25.12
CA SER F 67 -24.24 -22.96 -24.55
C SER F 67 -25.02 -24.21 -24.91
N GLY F 68 -24.29 -25.31 -25.05
CA GLY F 68 -24.95 -26.56 -25.39
C GLY F 68 -25.24 -26.65 -26.87
N THR F 69 -26.54 -26.76 -27.21
CA THR F 69 -26.93 -26.98 -28.59
C THR F 69 -27.10 -25.68 -29.35
N GLU F 70 -27.60 -24.64 -28.71
CA GLU F 70 -27.99 -23.40 -29.37
C GLU F 70 -26.94 -22.32 -29.15
N PHE F 71 -26.55 -21.65 -30.23
CA PHE F 71 -25.61 -20.54 -30.18
C PHE F 71 -26.14 -19.41 -31.06
N THR F 72 -25.76 -18.18 -30.71
CA THR F 72 -26.19 -17.00 -31.44
C THR F 72 -24.99 -16.13 -31.78
N LEU F 73 -24.99 -15.55 -32.98
CA LEU F 73 -24.03 -14.53 -33.38
C LEU F 73 -24.81 -13.28 -33.79
N THR F 74 -24.63 -12.20 -33.03
CA THR F 74 -25.36 -10.96 -33.26
C THR F 74 -24.37 -9.89 -33.74
N ILE F 75 -24.66 -9.31 -34.89
CA ILE F 75 -23.96 -8.11 -35.34
C ILE F 75 -24.82 -6.91 -34.93
N SER F 76 -24.21 -5.97 -34.19
CA SER F 76 -24.97 -4.87 -33.61
C SER F 76 -25.40 -3.85 -34.67
N SER F 77 -24.52 -3.55 -35.62
CA SER F 77 -24.84 -2.63 -36.71
C SER F 77 -24.07 -3.05 -37.95
N LEU F 78 -24.78 -3.38 -39.01
CA LEU F 78 -24.13 -3.77 -40.24
C LEU F 78 -23.52 -2.56 -40.95
N GLN F 79 -22.25 -2.70 -41.31
CA GLN F 79 -21.51 -1.74 -42.11
C GLN F 79 -21.44 -2.29 -43.52
N PRO F 80 -21.07 -1.46 -44.52
CA PRO F 80 -20.82 -1.99 -45.87
C PRO F 80 -19.66 -2.97 -45.97
N GLU F 81 -18.72 -2.98 -45.01
CA GLU F 81 -17.65 -3.96 -45.08
C GLU F 81 -18.06 -5.28 -44.42
N ASP F 82 -19.26 -5.35 -43.85
CA ASP F 82 -19.77 -6.60 -43.31
C ASP F 82 -20.58 -7.37 -44.35
N PHE F 83 -19.99 -7.62 -45.52
CA PHE F 83 -20.59 -8.45 -46.55
C PHE F 83 -19.74 -9.70 -46.69
N ALA F 84 -20.17 -10.79 -46.04
CA ALA F 84 -19.39 -12.01 -45.98
C ALA F 84 -20.31 -13.18 -45.67
N THR F 85 -19.78 -14.38 -45.88
CA THR F 85 -20.46 -15.60 -45.48
C THR F 85 -19.96 -16.00 -44.09
N TYR F 86 -20.90 -16.25 -43.17
CA TYR F 86 -20.57 -16.53 -41.78
C TYR F 86 -20.71 -18.02 -41.49
N TYR F 87 -19.70 -18.58 -40.83
CA TYR F 87 -19.65 -20.01 -40.56
C TYR F 87 -19.53 -20.25 -39.07
N CYS F 88 -20.04 -21.40 -38.63
CA CYS F 88 -19.88 -21.87 -37.27
C CYS F 88 -19.13 -23.20 -37.30
N LEU F 89 -18.07 -23.29 -36.49
CA LEU F 89 -17.23 -24.47 -36.45
C LEU F 89 -17.18 -24.99 -35.02
N GLN F 90 -17.45 -26.28 -34.84
CA GLN F 90 -17.35 -26.92 -33.53
C GLN F 90 -16.01 -27.65 -33.44
N HIS F 91 -15.41 -27.64 -32.25
CA HIS F 91 -14.21 -28.42 -31.99
C HIS F 91 -14.28 -29.13 -30.64
N ASN F 92 -15.48 -29.43 -30.15
CA ASN F 92 -15.62 -30.23 -28.94
C ASN F 92 -15.23 -31.68 -29.19
N SER F 93 -15.67 -32.23 -30.31
CA SER F 93 -15.28 -33.59 -30.68
C SER F 93 -13.91 -33.57 -31.35
N TYR F 94 -13.38 -34.71 -31.73
CA TYR F 94 -12.08 -34.66 -32.40
C TYR F 94 -12.32 -34.56 -33.88
N GLN F 95 -13.57 -34.73 -34.33
CA GLN F 95 -13.88 -34.46 -35.73
C GLN F 95 -14.63 -33.12 -35.77
N TRP F 96 -14.14 -32.20 -36.60
CA TRP F 96 -14.70 -30.86 -36.66
C TRP F 96 -15.63 -30.74 -37.86
N THR F 97 -16.78 -30.10 -37.66
CA THR F 97 -17.73 -29.88 -38.74
C THR F 97 -18.08 -28.39 -38.80
N PHE F 98 -17.92 -27.81 -39.98
CA PHE F 98 -18.30 -26.42 -40.22
C PHE F 98 -19.80 -26.33 -40.47
N GLY F 99 -20.32 -25.11 -40.33
CA GLY F 99 -21.67 -24.84 -40.76
C GLY F 99 -21.76 -24.69 -42.27
N GLN F 100 -22.99 -24.69 -42.78
CA GLN F 100 -23.18 -24.59 -44.23
C GLN F 100 -23.02 -23.14 -44.71
N GLY F 101 -23.11 -22.18 -43.81
CA GLY F 101 -22.81 -20.80 -44.16
C GLY F 101 -24.02 -19.90 -44.34
N THR F 102 -23.98 -18.72 -43.71
CA THR F 102 -25.05 -17.72 -43.86
C THR F 102 -24.44 -16.49 -44.52
N LYS F 103 -24.87 -16.20 -45.75
CA LYS F 103 -24.34 -15.04 -46.48
C LYS F 103 -25.27 -13.86 -46.28
N VAL F 104 -24.78 -12.85 -45.56
CA VAL F 104 -25.55 -11.62 -45.41
C VAL F 104 -25.46 -10.82 -46.71
N GLU F 105 -26.50 -10.04 -46.98
CA GLU F 105 -26.58 -9.29 -48.24
C GLU F 105 -27.27 -7.94 -48.03
N GLN G 1 -36.25 -2.66 12.99
CA GLN G 1 -37.44 -2.35 13.77
C GLN G 1 -38.38 -3.55 13.84
N VAL G 2 -37.81 -4.74 14.03
CA VAL G 2 -38.63 -5.94 14.12
C VAL G 2 -39.23 -6.04 15.53
N GLN G 3 -40.54 -6.20 15.59
CA GLN G 3 -41.26 -6.23 16.85
C GLN G 3 -42.11 -7.50 16.93
N LEU G 4 -42.21 -8.06 18.11
CA LEU G 4 -42.98 -9.28 18.36
C LEU G 4 -44.17 -8.95 19.24
N LEU G 5 -45.38 -9.06 18.68
CA LEU G 5 -46.61 -8.69 19.37
C LEU G 5 -47.44 -9.95 19.61
N GLU G 6 -48.01 -10.06 20.81
CA GLU G 6 -48.68 -11.26 21.25
C GLU G 6 -50.18 -11.01 21.40
N SER G 7 -50.99 -11.98 20.99
CA SER G 7 -52.42 -11.96 21.22
C SER G 7 -52.81 -13.21 22.01
N GLY G 8 -53.49 -13.01 23.13
CA GLY G 8 -53.90 -14.11 23.97
C GLY G 8 -55.36 -14.02 24.36
N PRO G 9 -55.91 -15.13 24.87
CA PRO G 9 -57.32 -15.10 25.32
C PRO G 9 -57.52 -14.29 26.60
N GLY G 10 -56.66 -14.49 27.59
CA GLY G 10 -56.75 -13.78 28.85
C GLY G 10 -57.61 -14.47 29.90
N LEU G 11 -58.46 -15.40 29.50
CA LEU G 11 -59.35 -16.09 30.41
C LEU G 11 -59.73 -17.44 29.81
N VAL G 12 -59.20 -18.52 30.38
CA VAL G 12 -59.50 -19.87 29.93
C VAL G 12 -59.97 -20.69 31.13
N LYS G 13 -60.94 -21.57 30.88
CA LYS G 13 -61.41 -22.48 31.91
C LYS G 13 -60.38 -23.59 32.13
N PRO G 14 -60.40 -24.24 33.29
CA PRO G 14 -59.57 -25.45 33.48
C PRO G 14 -59.99 -26.58 32.55
N SER G 15 -59.00 -27.39 32.17
CA SER G 15 -59.11 -28.46 31.16
C SER G 15 -59.64 -27.95 29.83
N GLN G 16 -58.98 -26.92 29.30
CA GLN G 16 -59.33 -26.37 27.99
C GLN G 16 -58.09 -26.09 27.16
N THR G 17 -58.26 -25.37 26.05
CA THR G 17 -57.18 -25.11 25.12
C THR G 17 -56.77 -23.65 25.18
N LEU G 18 -55.49 -23.40 25.49
CA LEU G 18 -54.93 -22.06 25.52
C LEU G 18 -54.29 -21.75 24.17
N SER G 19 -54.94 -20.89 23.39
CA SER G 19 -54.47 -20.54 22.05
C SER G 19 -53.73 -19.21 22.12
N LEU G 20 -52.40 -19.27 22.09
CA LEU G 20 -51.54 -18.10 22.11
C LEU G 20 -50.85 -17.96 20.78
N THR G 21 -50.77 -16.73 20.27
CA THR G 21 -50.08 -16.45 19.02
C THR G 21 -49.16 -15.25 19.24
N CYS G 22 -48.06 -15.21 18.50
CA CYS G 22 -47.09 -14.12 18.57
C CYS G 22 -46.82 -13.62 17.16
N THR G 23 -47.28 -12.41 16.85
CA THR G 23 -47.20 -11.86 15.51
C THR G 23 -45.91 -11.06 15.35
N VAL G 24 -45.11 -11.43 14.36
CA VAL G 24 -43.86 -10.74 14.07
C VAL G 24 -44.14 -9.60 13.09
N SER G 25 -43.82 -8.39 13.51
CA SER G 25 -44.05 -7.19 12.70
C SER G 25 -42.72 -6.48 12.49
N GLY G 26 -42.50 -5.96 11.28
CA GLY G 26 -41.25 -5.33 10.94
C GLY G 26 -40.19 -6.27 10.42
N GLY G 27 -40.49 -7.55 10.30
CA GLY G 27 -39.54 -8.53 9.78
C GLY G 27 -40.27 -9.78 9.36
N SER G 28 -39.50 -10.74 8.86
CA SER G 28 -40.04 -12.00 8.38
C SER G 28 -39.79 -13.09 9.41
N VAL G 29 -40.74 -14.02 9.52
CA VAL G 29 -40.61 -15.14 10.44
C VAL G 29 -40.05 -16.29 9.63
N SER G 30 -40.03 -16.12 8.30
CA SER G 30 -39.56 -17.12 7.37
C SER G 30 -38.09 -16.94 7.02
N ARG G 31 -37.33 -16.47 8.03
CA ARG G 31 -35.88 -16.26 7.91
C ARG G 31 -35.20 -17.34 8.74
N GLY G 32 -34.24 -18.05 8.16
CA GLY G 32 -33.51 -19.03 8.95
C GLY G 32 -32.45 -18.40 9.83
N GLY G 33 -32.03 -19.17 10.83
CA GLY G 33 -31.05 -18.70 11.78
C GLY G 33 -31.61 -18.19 13.09
N TYR G 34 -32.88 -18.45 13.39
CA TYR G 34 -33.51 -18.01 14.63
C TYR G 34 -34.24 -19.14 15.31
N TYR G 35 -34.28 -19.08 16.64
CA TYR G 35 -35.16 -19.90 17.45
C TYR G 35 -36.40 -19.06 17.78
N TRP G 36 -37.56 -19.47 17.31
CA TRP G 36 -38.81 -18.76 17.60
C TRP G 36 -39.40 -19.39 18.85
N THR G 37 -39.09 -18.78 19.99
CA THR G 37 -39.12 -19.45 21.29
C THR G 37 -40.30 -18.91 22.10
N TRP G 38 -40.82 -19.72 23.06
CA TRP G 38 -41.95 -19.35 23.92
C TRP G 38 -41.51 -19.57 25.37
N ILE G 39 -41.50 -18.48 26.15
CA ILE G 39 -41.05 -18.54 27.54
C ILE G 39 -42.22 -18.11 28.43
N ARG G 40 -42.54 -18.90 29.44
CA ARG G 40 -43.56 -18.50 30.40
C ARG G 40 -42.92 -18.20 31.75
N GLN G 41 -43.62 -17.40 32.53
CA GLN G 41 -43.18 -17.03 33.88
C GLN G 41 -44.39 -17.07 34.81
N HIS G 42 -44.33 -17.96 35.81
CA HIS G 42 -45.36 -18.01 36.83
C HIS G 42 -45.31 -16.74 37.68
N PRO G 43 -46.46 -16.24 38.14
CA PRO G 43 -46.47 -15.03 38.98
C PRO G 43 -45.80 -15.26 40.33
N GLY G 44 -44.81 -14.41 40.63
CA GLY G 44 -43.99 -14.57 41.80
C GLY G 44 -43.07 -15.77 41.75
N LYS G 45 -42.55 -16.08 40.57
CA LYS G 45 -41.62 -17.19 40.40
C LYS G 45 -40.67 -16.86 39.25
N GLY G 46 -39.96 -17.87 38.76
CA GLY G 46 -38.93 -17.62 37.77
C GLY G 46 -39.36 -17.95 36.35
N LEU G 47 -38.42 -17.76 35.42
CA LEU G 47 -38.65 -18.01 34.01
C LEU G 47 -38.63 -19.49 33.72
N GLU G 48 -39.53 -19.94 32.85
CA GLU G 48 -39.58 -21.34 32.43
C GLU G 48 -39.71 -21.41 30.91
N TRP G 49 -38.82 -22.17 30.29
CA TRP G 49 -38.85 -22.35 28.84
C TRP G 49 -39.88 -23.40 28.46
N ILE G 50 -40.65 -23.14 27.39
CA ILE G 50 -41.75 -24.03 26.93
C ILE G 50 -41.41 -24.73 25.62
N ALA G 51 -40.96 -24.06 24.55
CA ALA G 51 -40.75 -24.66 23.24
C ALA G 51 -40.04 -23.66 22.34
N TYR G 52 -39.48 -24.18 21.24
CA TYR G 52 -39.03 -23.33 20.15
C TYR G 52 -39.42 -23.98 18.83
N VAL G 53 -39.32 -23.20 17.76
CA VAL G 53 -39.57 -23.66 16.40
C VAL G 53 -38.66 -22.88 15.47
N THR G 54 -38.18 -23.54 14.42
CA THR G 54 -37.34 -22.90 13.41
C THR G 54 -38.03 -22.98 12.06
N TYR G 55 -37.51 -22.23 11.09
CA TYR G 55 -38.10 -22.24 9.76
C TYR G 55 -37.74 -23.51 8.99
N SER G 56 -36.65 -24.13 9.39
CA SER G 56 -36.27 -25.44 8.85
C SER G 56 -37.35 -26.44 9.20
N GLY G 57 -37.75 -26.49 10.45
CA GLY G 57 -38.74 -27.43 10.93
C GLY G 57 -38.36 -28.09 12.24
N ASP G 58 -37.24 -27.66 12.78
CA ASP G 58 -36.77 -28.30 14.04
C ASP G 58 -37.76 -27.86 15.09
N THR G 59 -38.05 -28.78 15.99
CA THR G 59 -38.99 -28.45 17.04
C THR G 59 -38.56 -29.17 18.33
N SER G 60 -38.56 -28.44 19.44
CA SER G 60 -38.27 -29.02 20.75
C SER G 60 -39.25 -28.48 21.77
N TYR G 61 -39.43 -29.22 22.86
CA TYR G 61 -40.34 -28.86 23.93
C TYR G 61 -39.68 -29.12 25.28
N ASN G 62 -40.30 -28.60 26.33
CA ASN G 62 -39.85 -28.91 27.69
C ASN G 62 -40.18 -30.36 28.02
N PRO G 63 -39.33 -31.04 28.82
CA PRO G 63 -39.67 -32.42 29.23
C PRO G 63 -40.90 -32.52 30.11
N SER G 64 -41.25 -31.46 30.83
CA SER G 64 -42.49 -31.45 31.60
C SER G 64 -43.69 -31.22 30.69
N LEU G 65 -43.47 -30.70 29.49
CA LEU G 65 -44.54 -30.34 28.57
C LEU G 65 -44.34 -30.93 27.17
N ARG G 66 -43.96 -32.20 27.07
CA ARG G 66 -43.75 -32.81 25.76
C ARG G 66 -45.07 -33.07 25.04
N GLY G 67 -46.01 -33.71 25.71
CA GLY G 67 -47.23 -34.12 25.06
C GLY G 67 -48.36 -33.10 25.08
N ARG G 68 -48.28 -32.14 26.01
CA ARG G 68 -49.39 -31.22 26.19
C ARG G 68 -49.37 -30.09 25.18
N VAL G 69 -48.25 -29.38 25.07
CA VAL G 69 -48.19 -28.20 24.23
C VAL G 69 -47.73 -28.58 22.83
N THR G 70 -48.01 -27.69 21.88
CA THR G 70 -47.50 -27.79 20.53
C THR G 70 -47.19 -26.38 20.03
N ILE G 71 -46.21 -26.27 19.15
CA ILE G 71 -45.80 -24.98 18.60
C ILE G 71 -45.82 -25.09 17.08
N SER G 72 -46.26 -24.03 16.42
CA SER G 72 -46.44 -24.03 14.97
C SER G 72 -45.87 -22.73 14.41
N LEU G 73 -45.46 -22.78 13.16
CA LEU G 73 -44.89 -21.63 12.46
C LEU G 73 -45.78 -21.30 11.28
N GLU G 74 -46.54 -20.21 11.39
CA GLU G 74 -47.39 -19.75 10.30
C GLU G 74 -46.57 -18.85 9.40
N THR G 75 -46.06 -19.42 8.32
CA THR G 75 -45.19 -18.70 7.40
C THR G 75 -45.95 -17.63 6.62
N SER G 76 -47.18 -17.93 6.21
CA SER G 76 -47.93 -17.01 5.34
C SER G 76 -48.46 -15.81 6.12
N MET G 77 -48.85 -16.00 7.37
CA MET G 77 -49.45 -14.94 8.17
C MET G 77 -48.43 -14.16 9.00
N ASN G 78 -47.15 -14.54 8.91
CA ASN G 78 -46.01 -13.93 9.60
C ASN G 78 -46.18 -13.92 11.12
N GLN G 79 -46.39 -15.13 11.66
CA GLN G 79 -46.56 -15.31 13.09
C GLN G 79 -46.21 -16.74 13.45
N PHE G 80 -46.01 -16.98 14.74
CA PHE G 80 -45.88 -18.33 15.28
C PHE G 80 -46.74 -18.44 16.52
N SER G 81 -47.26 -19.64 16.76
CA SER G 81 -48.30 -19.82 17.76
C SER G 81 -47.95 -20.98 18.68
N LEU G 82 -48.48 -20.90 19.90
CA LEU G 82 -48.36 -21.95 20.90
C LEU G 82 -49.74 -22.35 21.38
N LYS G 83 -50.04 -23.65 21.35
CA LYS G 83 -51.33 -24.17 21.79
C LYS G 83 -51.11 -25.11 22.96
N VAL G 84 -51.72 -24.80 24.10
CA VAL G 84 -51.57 -25.57 25.33
C VAL G 84 -52.88 -26.30 25.61
N THR G 85 -52.81 -27.61 25.76
CA THR G 85 -53.96 -28.43 26.08
C THR G 85 -53.94 -28.83 27.55
N SER G 86 -55.15 -29.05 28.09
CA SER G 86 -55.41 -29.43 29.49
C SER G 86 -54.84 -28.39 30.46
N VAL G 87 -55.40 -27.18 30.39
CA VAL G 87 -54.90 -26.06 31.17
C VAL G 87 -55.27 -26.23 32.65
N THR G 88 -54.27 -26.12 33.52
CA THR G 88 -54.45 -26.32 34.95
C THR G 88 -54.14 -25.01 35.66
N VAL G 89 -54.05 -25.08 37.00
CA VAL G 89 -53.72 -23.91 37.82
C VAL G 89 -52.27 -23.48 37.58
N ALA G 90 -51.38 -24.45 37.32
CA ALA G 90 -49.98 -24.13 37.11
C ALA G 90 -49.73 -23.54 35.72
N ASP G 91 -50.71 -23.63 34.82
CA ASP G 91 -50.54 -23.06 33.49
C ASP G 91 -50.80 -21.56 33.47
N THR G 92 -51.36 -21.01 34.55
CA THR G 92 -51.56 -19.57 34.63
C THR G 92 -50.23 -18.87 34.86
N ALA G 93 -49.75 -18.17 33.83
CA ALA G 93 -48.40 -17.62 33.84
C ALA G 93 -48.34 -16.45 32.86
N LEU G 94 -47.25 -15.69 32.96
CA LEU G 94 -46.98 -14.61 32.01
C LEU G 94 -46.16 -15.16 30.85
N TYR G 95 -46.77 -15.19 29.67
CA TYR G 95 -46.19 -15.84 28.50
C TYR G 95 -45.45 -14.82 27.64
N PHE G 96 -44.21 -15.13 27.30
CA PHE G 96 -43.39 -14.31 26.41
C PHE G 96 -43.02 -15.10 25.16
N CYS G 97 -43.10 -14.46 24.01
CA CYS G 97 -42.52 -14.99 22.78
C CYS G 97 -41.22 -14.27 22.51
N ALA G 98 -40.27 -14.96 21.88
CA ALA G 98 -38.94 -14.42 21.69
C ALA G 98 -38.39 -14.88 20.35
N ARG G 99 -37.41 -14.13 19.85
CA ARG G 99 -36.63 -14.50 18.68
C ARG G 99 -35.19 -14.60 19.15
N VAL G 100 -34.74 -15.82 19.46
CA VAL G 100 -33.37 -16.07 19.89
C VAL G 100 -32.57 -16.42 18.64
N PRO G 101 -31.59 -15.62 18.24
CA PRO G 101 -30.81 -15.95 17.05
C PRO G 101 -29.85 -17.11 17.31
N PHE G 102 -29.49 -17.81 16.23
CA PHE G 102 -28.58 -18.94 16.33
C PHE G 102 -27.17 -18.47 16.68
N TYR G 103 -26.76 -17.33 16.14
CA TYR G 103 -25.37 -16.91 16.15
C TYR G 103 -25.25 -15.50 16.72
N TYR G 104 -24.09 -15.24 17.34
CA TYR G 104 -23.75 -13.91 17.80
C TYR G 104 -23.17 -13.14 16.61
N ASP G 105 -23.94 -12.19 16.10
CA ASP G 105 -23.60 -11.47 14.89
C ASP G 105 -23.97 -10.01 15.09
N THR G 106 -22.97 -9.18 15.39
CA THR G 106 -23.19 -7.75 15.56
C THR G 106 -23.05 -6.96 14.27
N ARG G 107 -22.62 -7.62 13.19
CA ARG G 107 -22.34 -6.95 11.93
C ARG G 107 -23.31 -7.38 10.83
N GLY G 108 -23.97 -8.51 11.00
CA GLY G 108 -24.79 -9.04 9.91
C GLY G 108 -23.96 -9.62 8.80
N VAL G 109 -22.95 -10.43 9.13
CA VAL G 109 -22.24 -11.15 8.10
C VAL G 109 -23.02 -12.38 7.67
N PHE G 110 -23.96 -12.89 8.50
CA PHE G 110 -24.87 -14.00 8.20
C PHE G 110 -26.27 -13.42 8.06
N TYR G 111 -26.73 -12.66 9.01
CA TYR G 111 -28.10 -12.15 9.07
C TYR G 111 -28.37 -11.19 7.94
N GLY G 112 -27.39 -10.38 7.60
CA GLY G 112 -27.49 -9.47 6.46
C GLY G 112 -27.74 -8.05 6.92
N ASN G 113 -28.32 -7.89 8.09
CA ASN G 113 -28.58 -6.56 8.67
C ASN G 113 -27.88 -6.59 10.01
N ALA G 114 -27.53 -5.44 10.57
CA ALA G 114 -26.92 -5.38 11.91
C ALA G 114 -27.99 -5.74 12.93
N GLU G 115 -29.26 -5.58 12.56
CA GLU G 115 -30.38 -5.81 13.50
C GLU G 115 -30.93 -7.21 13.39
N GLY G 116 -30.41 -8.04 12.51
CA GLY G 116 -30.76 -9.45 12.42
C GLY G 116 -30.21 -10.20 13.58
N GLY G 117 -29.05 -9.85 14.07
CA GLY G 117 -28.39 -10.63 15.10
C GLY G 117 -28.90 -10.36 16.46
N PHE G 118 -29.99 -9.63 16.57
CA PHE G 118 -30.55 -9.18 17.86
C PHE G 118 -31.60 -10.11 18.46
N GLU G 119 -31.56 -10.29 19.75
CA GLU G 119 -32.54 -11.11 20.45
C GLU G 119 -33.67 -10.21 20.90
N ILE G 120 -34.83 -10.33 20.26
CA ILE G 120 -35.97 -9.50 20.62
C ILE G 120 -37.04 -10.35 21.29
N TRP G 121 -37.87 -9.68 22.09
CA TRP G 121 -38.82 -10.35 22.95
C TRP G 121 -40.19 -9.70 22.81
N GLY G 122 -41.22 -10.49 23.07
CA GLY G 122 -42.57 -9.97 23.18
C GLY G 122 -42.74 -9.30 24.54
N GLN G 123 -43.71 -8.39 24.62
CA GLN G 123 -43.94 -7.66 25.87
C GLN G 123 -44.56 -8.55 26.94
N GLY G 124 -45.37 -9.51 26.53
CA GLY G 124 -45.94 -10.45 27.47
C GLY G 124 -47.45 -10.46 27.49
N THR G 125 -48.05 -11.64 27.56
CA THR G 125 -49.48 -11.78 27.72
C THR G 125 -49.76 -12.65 28.94
N MET G 126 -50.89 -12.40 29.59
CA MET G 126 -51.25 -13.08 30.83
C MET G 126 -52.46 -13.97 30.60
N ALA G 127 -52.32 -15.24 31.00
CA ALA G 127 -53.39 -16.21 30.92
C ALA G 127 -53.76 -16.67 32.31
N THR G 128 -55.05 -16.83 32.56
CA THR G 128 -55.53 -17.29 33.87
C THR G 128 -56.41 -18.52 33.73
N ASP H 1 -31.58 -33.92 31.22
CA ASP H 1 -31.99 -32.61 31.70
C ASP H 1 -30.84 -31.90 32.40
N ILE H 2 -30.20 -30.96 31.70
CA ILE H 2 -29.07 -30.24 32.27
C ILE H 2 -29.59 -29.15 33.19
N GLN H 3 -29.39 -29.33 34.49
CA GLN H 3 -29.98 -28.48 35.51
C GLN H 3 -29.05 -27.32 35.83
N MET H 4 -29.63 -26.13 36.01
CA MET H 4 -28.90 -24.92 36.34
C MET H 4 -29.04 -24.60 37.83
N THR H 5 -27.91 -24.49 38.51
CA THR H 5 -27.85 -24.02 39.89
C THR H 5 -27.19 -22.66 39.89
N GLN H 6 -27.92 -21.64 40.34
CA GLN H 6 -27.47 -20.26 40.27
C GLN H 6 -27.43 -19.67 41.67
N SER H 7 -26.29 -19.10 42.05
CA SER H 7 -26.07 -18.60 43.39
C SER H 7 -25.42 -17.22 43.31
N PRO H 8 -25.70 -16.31 44.26
CA PRO H 8 -26.65 -16.40 45.38
C PRO H 8 -28.06 -15.90 45.03
N SER H 9 -29.08 -16.65 45.48
CA SER H 9 -30.45 -16.39 45.07
C SER H 9 -31.02 -15.10 45.64
N SER H 10 -30.44 -14.57 46.72
CA SER H 10 -30.79 -13.25 47.21
C SER H 10 -29.50 -12.46 47.40
N LEU H 11 -29.47 -11.26 46.81
CA LEU H 11 -28.27 -10.44 46.83
C LEU H 11 -28.67 -8.99 47.09
N SER H 12 -27.83 -8.29 47.84
CA SER H 12 -28.06 -6.89 48.19
C SER H 12 -26.73 -6.14 48.14
N ALA H 13 -26.74 -5.00 47.46
CA ALA H 13 -25.55 -4.16 47.37
C ALA H 13 -26.00 -2.73 47.12
N SER H 14 -25.08 -1.79 47.34
CA SER H 14 -25.33 -0.38 47.17
C SER H 14 -24.83 0.10 45.82
N VAL H 15 -24.98 1.40 45.57
CA VAL H 15 -24.55 1.99 44.32
C VAL H 15 -23.03 2.11 44.32
N GLY H 16 -22.40 1.57 43.28
CA GLY H 16 -20.95 1.57 43.16
C GLY H 16 -20.28 0.28 43.58
N ASP H 17 -20.99 -0.65 44.20
CA ASP H 17 -20.41 -1.91 44.62
C ASP H 17 -20.23 -2.84 43.43
N ARG H 18 -19.45 -3.90 43.64
CA ARG H 18 -19.20 -4.92 42.62
C ARG H 18 -19.67 -6.27 43.14
N VAL H 19 -20.52 -6.94 42.37
CA VAL H 19 -21.05 -8.26 42.73
C VAL H 19 -20.65 -9.25 41.64
N THR H 20 -20.83 -10.53 41.94
CA THR H 20 -20.54 -11.62 41.01
C THR H 20 -21.61 -12.68 41.16
N ILE H 21 -22.33 -12.96 40.08
CA ILE H 21 -23.39 -13.95 40.05
C ILE H 21 -22.87 -15.18 39.33
N THR H 22 -22.91 -16.32 40.02
CA THR H 22 -22.38 -17.57 39.50
C THR H 22 -23.50 -18.56 39.21
N CYS H 23 -23.49 -19.11 38.01
CA CYS H 23 -24.45 -20.13 37.60
C CYS H 23 -23.69 -21.41 37.28
N ARG H 24 -24.10 -22.50 37.89
CA ARG H 24 -23.39 -23.77 37.80
C ARG H 24 -24.20 -24.77 37.00
N ALA H 25 -23.52 -25.62 36.26
CA ALA H 25 -24.13 -26.57 35.34
C ALA H 25 -23.96 -27.99 35.83
N SER H 26 -24.96 -28.82 35.56
CA SER H 26 -24.89 -30.24 35.88
C SER H 26 -23.94 -30.95 34.93
N GLN H 27 -24.25 -30.91 33.63
CA GLN H 27 -23.38 -31.49 32.62
C GLN H 27 -22.43 -30.39 32.11
N GLY H 28 -21.72 -30.67 31.01
CA GLY H 28 -20.77 -29.71 30.48
C GLY H 28 -21.36 -28.78 29.44
N ILE H 29 -21.49 -27.51 29.78
CA ILE H 29 -22.00 -26.50 28.86
C ILE H 29 -20.79 -25.80 28.25
N THR H 30 -20.54 -26.07 26.98
CA THR H 30 -19.40 -25.48 26.27
C THR H 30 -19.86 -24.21 25.57
N ASN H 31 -19.55 -23.06 26.19
CA ASN H 31 -19.87 -21.66 25.78
C ASN H 31 -21.27 -21.49 25.17
N ASP H 32 -22.27 -22.13 25.78
CA ASP H 32 -23.64 -22.06 25.33
C ASP H 32 -24.58 -21.58 26.44
N LEU H 33 -24.15 -20.54 27.15
CA LEU H 33 -24.96 -19.94 28.25
C LEU H 33 -25.36 -18.52 27.90
N ARG H 34 -26.64 -18.19 28.12
CA ARG H 34 -27.14 -16.84 27.90
C ARG H 34 -27.53 -16.24 29.23
N TRP H 35 -27.12 -14.99 29.46
CA TRP H 35 -27.41 -14.27 30.69
C TRP H 35 -28.54 -13.28 30.47
N TYR H 36 -29.57 -13.35 31.31
CA TYR H 36 -30.78 -12.56 31.14
C TYR H 36 -30.97 -11.59 32.30
N GLN H 37 -31.85 -10.62 32.10
CA GLN H 37 -32.06 -9.52 33.03
C GLN H 37 -33.45 -8.96 32.83
N GLN H 38 -34.38 -9.25 33.73
CA GLN H 38 -35.70 -8.64 33.66
C GLN H 38 -35.90 -7.68 34.82
N LYS H 39 -36.33 -6.47 34.49
CA LYS H 39 -36.56 -5.41 35.47
C LYS H 39 -38.06 -5.53 35.68
N PRO H 40 -38.61 -5.37 36.89
CA PRO H 40 -40.04 -5.60 37.16
C PRO H 40 -40.96 -4.79 36.27
N GLY H 41 -41.99 -5.46 35.75
CA GLY H 41 -42.86 -4.88 34.74
C GLY H 41 -42.18 -4.66 33.41
N LYS H 42 -41.30 -5.59 33.02
CA LYS H 42 -40.55 -5.46 31.78
C LYS H 42 -40.16 -6.86 31.32
N ALA H 43 -40.15 -7.04 29.99
CA ALA H 43 -39.75 -8.31 29.39
C ALA H 43 -38.25 -8.52 29.58
N PRO H 44 -37.81 -9.78 29.69
CA PRO H 44 -36.37 -10.04 29.83
C PRO H 44 -35.58 -9.71 28.57
N GLN H 45 -34.32 -9.35 28.76
CA GLN H 45 -33.41 -9.05 27.67
C GLN H 45 -32.11 -9.81 27.90
N CYS H 46 -31.39 -10.10 26.82
CA CYS H 46 -30.13 -10.83 26.94
C CYS H 46 -28.98 -9.85 27.12
N LEU H 47 -28.14 -10.14 28.12
CA LEU H 47 -26.95 -9.35 28.40
C LEU H 47 -25.70 -9.96 27.78
N ILE H 48 -25.42 -11.23 28.12
CA ILE H 48 -24.24 -11.94 27.66
C ILE H 48 -24.71 -13.17 26.89
N SER H 49 -24.23 -13.32 25.66
CA SER H 49 -24.48 -14.51 24.86
C SER H 49 -23.15 -15.20 24.59
N SER H 50 -23.22 -16.53 24.47
CA SER H 50 -22.07 -17.44 24.34
C SER H 50 -21.08 -17.30 25.51
N ALA H 51 -21.63 -16.99 26.69
CA ALA H 51 -21.02 -17.00 28.03
C ALA H 51 -19.92 -15.96 28.26
N SER H 52 -19.52 -15.20 27.24
CA SER H 52 -18.50 -14.17 27.39
C SER H 52 -18.76 -12.90 26.61
N ARG H 53 -19.68 -12.92 25.64
CA ARG H 53 -19.74 -11.87 24.63
C ARG H 53 -20.92 -10.94 24.93
N LEU H 54 -20.64 -9.64 25.00
CA LEU H 54 -21.66 -8.64 25.28
C LEU H 54 -22.60 -8.46 24.11
N GLN H 55 -23.89 -8.29 24.42
CA GLN H 55 -24.90 -8.05 23.41
C GLN H 55 -24.88 -6.57 23.01
N SER H 56 -25.71 -6.20 22.04
CA SER H 56 -25.79 -4.84 21.55
C SER H 56 -26.87 -4.09 22.31
N GLY H 57 -26.60 -2.84 22.66
CA GLY H 57 -27.45 -2.08 23.56
C GLY H 57 -27.18 -2.34 25.03
N VAL H 58 -26.18 -3.16 25.34
CA VAL H 58 -25.82 -3.51 26.70
C VAL H 58 -24.50 -2.81 27.03
N SER H 59 -24.45 -2.14 28.18
CA SER H 59 -23.26 -1.41 28.60
C SER H 59 -22.12 -2.36 28.92
N SER H 60 -20.90 -1.82 28.95
CA SER H 60 -19.69 -2.61 29.15
C SER H 60 -19.42 -2.94 30.61
N ARG H 61 -20.30 -2.51 31.52
CA ARG H 61 -20.19 -2.87 32.93
C ARG H 61 -20.38 -4.36 33.15
N PHE H 62 -21.33 -4.96 32.45
CA PHE H 62 -21.57 -6.39 32.57
C PHE H 62 -20.49 -7.19 31.87
N SER H 63 -20.11 -8.32 32.47
CA SER H 63 -19.09 -9.18 31.90
C SER H 63 -19.41 -10.62 32.24
N GLY H 64 -19.00 -11.53 31.36
CA GLY H 64 -19.23 -12.93 31.58
C GLY H 64 -17.97 -13.72 31.29
N SER H 65 -17.80 -14.81 32.04
CA SER H 65 -16.64 -15.67 31.88
C SER H 65 -16.99 -17.06 32.37
N GLY H 66 -16.17 -18.02 32.00
CA GLY H 66 -16.31 -19.39 32.44
C GLY H 66 -16.54 -20.33 31.27
N SER H 67 -16.23 -21.61 31.51
CA SER H 67 -16.46 -22.65 30.52
C SER H 67 -16.75 -23.96 31.24
N GLY H 68 -17.51 -24.83 30.59
CA GLY H 68 -17.83 -26.10 31.21
C GLY H 68 -18.97 -25.94 32.19
N THR H 69 -18.71 -26.31 33.44
CA THR H 69 -19.77 -26.33 34.45
C THR H 69 -19.96 -24.97 35.11
N GLU H 70 -18.88 -24.22 35.32
CA GLU H 70 -18.90 -23.00 36.11
C GLU H 70 -18.87 -21.78 35.22
N PHE H 71 -19.77 -20.83 35.52
CA PHE H 71 -19.84 -19.56 34.81
C PHE H 71 -20.00 -18.44 35.82
N THR H 72 -19.54 -17.24 35.45
CA THR H 72 -19.64 -16.07 36.30
C THR H 72 -20.22 -14.90 35.52
N LEU H 73 -21.05 -14.10 36.18
CA LEU H 73 -21.53 -12.83 35.66
C LEU H 73 -21.17 -11.74 36.65
N THR H 74 -20.31 -10.81 36.23
CA THR H 74 -19.80 -9.76 37.10
C THR H 74 -20.35 -8.41 36.63
N ILE H 75 -21.00 -7.69 37.54
CA ILE H 75 -21.36 -6.30 37.32
C ILE H 75 -20.27 -5.44 37.97
N SER H 76 -19.67 -4.55 37.19
CA SER H 76 -18.52 -3.80 37.68
C SER H 76 -18.92 -2.73 38.69
N SER H 77 -20.03 -2.04 38.44
CA SER H 77 -20.53 -1.02 39.35
C SER H 77 -22.05 -0.99 39.26
N LEU H 78 -22.72 -1.26 40.37
CA LEU H 78 -24.18 -1.23 40.38
C LEU H 78 -24.68 0.21 40.34
N GLN H 79 -25.60 0.46 39.42
CA GLN H 79 -26.35 1.70 39.31
C GLN H 79 -27.74 1.46 39.86
N PRO H 80 -28.52 2.52 40.13
CA PRO H 80 -29.93 2.31 40.50
C PRO H 80 -30.81 1.68 39.41
N GLU H 81 -30.40 1.72 38.14
CA GLU H 81 -31.20 1.05 37.12
C GLU H 81 -30.82 -0.43 37.01
N ASP H 82 -29.82 -0.88 37.77
CA ASP H 82 -29.50 -2.30 37.83
C ASP H 82 -30.23 -2.99 38.98
N PHE H 83 -31.54 -2.83 39.05
CA PHE H 83 -32.39 -3.54 40.01
C PHE H 83 -33.25 -4.50 39.22
N ALA H 84 -32.86 -5.76 39.18
CA ALA H 84 -33.49 -6.73 38.31
C ALA H 84 -33.17 -8.14 38.79
N THR H 85 -33.91 -9.11 38.27
CA THR H 85 -33.63 -10.52 38.51
C THR H 85 -32.80 -11.06 37.35
N TYR H 86 -31.72 -11.78 37.66
CA TYR H 86 -30.76 -12.22 36.67
C TYR H 86 -30.87 -13.73 36.49
N TYR H 87 -30.95 -14.16 35.23
CA TYR H 87 -31.18 -15.56 34.92
C TYR H 87 -30.06 -16.07 34.02
N CYS H 88 -29.82 -17.37 34.08
CA CYS H 88 -28.90 -18.05 33.17
C CYS H 88 -29.66 -19.12 32.40
N LEU H 89 -29.52 -19.12 31.08
CA LEU H 89 -30.19 -20.06 30.20
C LEU H 89 -29.16 -20.81 29.38
N GLN H 90 -29.26 -22.14 29.38
CA GLN H 90 -28.36 -22.98 28.60
C GLN H 90 -29.08 -23.41 27.32
N HIS H 91 -28.34 -23.49 26.23
CA HIS H 91 -28.87 -23.99 24.96
C HIS H 91 -27.91 -24.94 24.26
N ASN H 92 -27.08 -25.62 25.06
CA ASN H 92 -26.18 -26.67 24.53
C ASN H 92 -27.08 -27.82 24.12
N SER H 93 -27.95 -28.25 25.01
CA SER H 93 -28.88 -29.34 24.75
C SER H 93 -30.06 -28.83 23.93
N TYR H 94 -30.95 -29.70 23.51
CA TYR H 94 -32.13 -29.20 22.78
C TYR H 94 -33.22 -28.93 23.79
N GLN H 95 -33.03 -29.31 25.07
CA GLN H 95 -33.97 -28.94 26.12
C GLN H 95 -33.32 -27.84 26.93
N TRP H 96 -33.89 -26.64 26.88
CA TRP H 96 -33.30 -25.47 27.54
C TRP H 96 -33.86 -25.32 28.94
N THR H 97 -32.97 -25.05 29.90
CA THR H 97 -33.37 -24.83 31.28
C THR H 97 -32.89 -23.45 31.73
N PHE H 98 -33.81 -22.66 32.28
CA PHE H 98 -33.46 -21.38 32.88
C PHE H 98 -32.95 -21.58 34.30
N GLY H 99 -32.28 -20.56 34.83
CA GLY H 99 -31.91 -20.59 36.22
C GLY H 99 -33.06 -20.21 37.13
N GLN H 100 -32.83 -20.35 38.43
CA GLN H 100 -33.86 -19.99 39.40
C GLN H 100 -33.99 -18.47 39.54
N GLY H 101 -32.92 -17.73 39.29
CA GLY H 101 -32.98 -16.29 39.31
C GLY H 101 -32.37 -15.65 40.54
N THR H 102 -31.50 -14.65 40.33
CA THR H 102 -30.87 -13.93 41.43
C THR H 102 -31.34 -12.48 41.38
N LYS H 103 -32.09 -12.06 42.39
CA LYS H 103 -32.62 -10.70 42.45
C LYS H 103 -31.66 -9.84 43.27
N VAL H 104 -30.97 -8.92 42.61
CA VAL H 104 -30.14 -7.98 43.34
C VAL H 104 -31.04 -6.94 44.00
N GLU H 105 -30.56 -6.39 45.12
CA GLU H 105 -31.36 -5.44 45.90
C GLU H 105 -30.48 -4.38 46.56
N ASP I 1 30.67 -46.17 8.02
CA ASP I 1 31.66 -45.13 8.25
C ASP I 1 31.95 -44.36 6.97
N ILE I 2 31.43 -43.13 6.89
CA ILE I 2 31.65 -42.31 5.71
C ILE I 2 33.03 -41.67 5.78
N GLN I 3 33.94 -42.17 4.95
CA GLN I 3 35.35 -41.76 4.98
C GLN I 3 35.55 -40.52 4.11
N MET I 4 36.53 -39.71 4.47
CA MET I 4 36.80 -38.44 3.81
C MET I 4 38.18 -38.43 3.19
N THR I 5 38.26 -38.00 1.93
CA THR I 5 39.51 -37.68 1.26
C THR I 5 39.49 -36.20 0.92
N GLN I 6 40.51 -35.48 1.39
CA GLN I 6 40.59 -34.04 1.22
C GLN I 6 41.90 -33.70 0.52
N SER I 7 41.82 -32.95 -0.57
CA SER I 7 42.97 -32.65 -1.41
C SER I 7 42.99 -31.16 -1.75
N PRO I 8 44.17 -30.54 -1.87
CA PRO I 8 45.51 -31.07 -1.61
C PRO I 8 45.97 -30.88 -0.17
N SER I 9 46.59 -31.91 0.42
CA SER I 9 46.91 -31.91 1.84
C SER I 9 48.03 -30.94 2.19
N SER I 10 48.86 -30.54 1.23
CA SER I 10 49.82 -29.47 1.44
C SER I 10 49.65 -28.44 0.34
N LEU I 11 49.48 -27.19 0.74
CA LEU I 11 49.19 -26.12 -0.20
C LEU I 11 50.01 -24.89 0.16
N SER I 12 50.49 -24.19 -0.87
CA SER I 12 51.29 -22.99 -0.69
C SER I 12 50.88 -21.95 -1.71
N ALA I 13 50.65 -20.72 -1.25
CA ALA I 13 50.27 -19.62 -2.13
C ALA I 13 50.69 -18.32 -1.46
N SER I 14 50.71 -17.26 -2.26
CA SER I 14 51.11 -15.94 -1.80
C SER I 14 49.88 -15.09 -1.52
N VAL I 15 50.12 -13.84 -1.12
CA VAL I 15 49.03 -12.92 -0.81
C VAL I 15 48.40 -12.44 -2.11
N GLY I 16 47.08 -12.59 -2.22
CA GLY I 16 46.35 -12.23 -3.41
C GLY I 16 46.02 -13.38 -4.34
N ASP I 17 46.59 -14.55 -4.11
CA ASP I 17 46.31 -15.71 -4.95
C ASP I 17 44.95 -16.30 -4.61
N ARG I 18 44.46 -17.17 -5.50
CA ARG I 18 43.19 -17.85 -5.30
C ARG I 18 43.43 -19.35 -5.31
N VAL I 19 42.97 -20.04 -4.26
CA VAL I 19 43.12 -21.48 -4.13
C VAL I 19 41.73 -22.11 -4.04
N THR I 20 41.68 -23.43 -4.20
CA THR I 20 40.46 -24.20 -4.08
C THR I 20 40.76 -25.50 -3.36
N ILE I 21 40.12 -25.72 -2.22
CA ILE I 21 40.28 -26.93 -1.43
C ILE I 21 39.09 -27.84 -1.71
N THR I 22 39.39 -29.07 -2.14
CA THR I 22 38.36 -30.02 -2.55
C THR I 22 38.18 -31.09 -1.48
N CYS I 23 36.94 -31.28 -1.05
CA CYS I 23 36.58 -32.32 -0.09
C CYS I 23 35.72 -33.35 -0.80
N ARG I 24 36.14 -34.61 -0.73
CA ARG I 24 35.45 -35.71 -1.39
C ARG I 24 35.00 -36.72 -0.36
N ALA I 25 33.77 -37.20 -0.51
CA ALA I 25 33.16 -38.12 0.45
C ALA I 25 32.96 -39.50 -0.19
N SER I 26 32.94 -40.52 0.66
CA SER I 26 32.70 -41.89 0.21
C SER I 26 31.26 -42.07 -0.21
N GLN I 27 30.33 -41.83 0.72
CA GLN I 27 28.90 -41.96 0.44
C GLN I 27 28.37 -40.60 -0.05
N GLY I 28 27.06 -40.47 -0.15
CA GLY I 28 26.47 -39.22 -0.60
C GLY I 28 26.09 -38.30 0.53
N ILE I 29 26.82 -37.20 0.67
CA ILE I 29 26.54 -36.19 1.70
C ILE I 29 25.64 -35.15 1.05
N THR I 30 24.37 -35.14 1.44
CA THR I 30 23.39 -34.21 0.88
C THR I 30 23.39 -32.93 1.71
N ASN I 31 24.10 -31.91 1.21
CA ASN I 31 24.32 -30.56 1.79
C ASN I 31 24.52 -30.55 3.31
N ASP I 32 25.31 -31.49 3.81
CA ASP I 32 25.56 -31.62 5.24
C ASP I 32 27.05 -31.63 5.55
N LEU I 33 27.80 -30.69 4.98
CA LEU I 33 29.23 -30.59 5.21
C LEU I 33 29.57 -29.25 5.84
N ARG I 34 30.38 -29.29 6.90
CA ARG I 34 30.80 -28.10 7.62
C ARG I 34 32.29 -27.86 7.38
N TRP I 35 32.64 -26.63 7.01
CA TRP I 35 34.02 -26.25 6.73
C TRP I 35 34.63 -25.55 7.94
N TYR I 36 35.81 -26.00 8.35
CA TYR I 36 36.45 -25.51 9.56
C TYR I 36 37.80 -24.89 9.24
N GLN I 37 38.32 -24.12 10.19
CA GLN I 37 39.53 -23.33 10.00
C GLN I 37 40.15 -23.06 11.36
N GLN I 38 41.24 -23.76 11.69
CA GLN I 38 41.94 -23.49 12.95
C GLN I 38 43.29 -22.85 12.65
N LYS I 39 43.51 -21.67 13.24
CA LYS I 39 44.78 -20.95 13.11
C LYS I 39 45.59 -21.49 14.29
N PRO I 40 46.93 -21.68 14.22
CA PRO I 40 47.75 -22.30 15.26
C PRO I 40 47.63 -21.59 16.61
N GLY I 41 47.46 -22.38 17.66
CA GLY I 41 47.15 -21.85 18.98
C GLY I 41 45.78 -21.23 19.07
N LYS I 42 44.80 -21.81 18.37
CA LYS I 42 43.42 -21.28 18.36
C LYS I 42 42.49 -22.46 18.16
N ALA I 43 41.31 -22.39 18.75
CA ALA I 43 40.25 -23.38 18.54
C ALA I 43 39.68 -23.24 17.14
N PRO I 44 39.21 -24.35 16.54
CA PRO I 44 38.58 -24.25 15.20
C PRO I 44 37.26 -23.50 15.25
N GLN I 45 36.99 -22.78 14.16
CA GLN I 45 35.75 -22.03 14.01
C GLN I 45 35.19 -22.31 12.62
N CYS I 46 33.86 -22.38 12.53
CA CYS I 46 33.23 -22.81 11.30
C CYS I 46 33.16 -21.67 10.29
N LEU I 47 33.46 -21.99 9.04
CA LEU I 47 33.38 -21.04 7.94
C LEU I 47 32.11 -21.22 7.12
N ILE I 48 31.89 -22.42 6.59
CA ILE I 48 30.74 -22.75 5.76
C ILE I 48 29.95 -23.85 6.44
N SER I 49 28.65 -23.64 6.59
CA SER I 49 27.73 -24.66 7.05
C SER I 49 26.71 -24.93 5.95
N SER I 50 26.24 -26.19 5.90
CA SER I 50 25.36 -26.74 4.86
C SER I 50 25.96 -26.60 3.46
N ALA I 51 27.30 -26.68 3.39
CA ALA I 51 28.14 -26.81 2.21
C ALA I 51 28.17 -25.60 1.27
N SER I 52 27.35 -24.58 1.51
CA SER I 52 27.33 -23.40 0.67
C SER I 52 27.17 -22.09 1.43
N ARG I 53 26.75 -22.13 2.69
CA ARG I 53 26.24 -20.95 3.37
C ARG I 53 27.28 -20.40 4.34
N LEU I 54 27.60 -19.11 4.22
CA LEU I 54 28.58 -18.46 5.07
C LEU I 54 28.06 -18.31 6.49
N GLN I 55 28.96 -18.54 7.45
CA GLN I 55 28.64 -18.36 8.86
C GLN I 55 28.72 -16.87 9.20
N SER I 56 28.29 -16.51 10.41
CA SER I 56 28.30 -15.13 10.88
C SER I 56 29.66 -14.83 11.50
N GLY I 57 30.18 -13.64 11.21
CA GLY I 57 31.53 -13.30 11.58
C GLY I 57 32.58 -13.76 10.61
N VAL I 58 32.19 -14.36 9.50
CA VAL I 58 33.09 -14.88 8.49
C VAL I 58 33.00 -13.97 7.27
N SER I 59 34.16 -13.56 6.74
CA SER I 59 34.22 -12.67 5.60
C SER I 59 33.71 -13.35 4.33
N SER I 60 33.34 -12.53 3.35
CA SER I 60 32.71 -13.03 2.13
C SER I 60 33.71 -13.60 1.12
N ARG I 61 35.00 -13.59 1.44
CA ARG I 61 36.01 -14.18 0.57
C ARG I 61 35.86 -15.69 0.47
N PHE I 62 35.54 -16.34 1.58
CA PHE I 62 35.33 -17.78 1.58
C PHE I 62 34.01 -18.13 0.90
N SER I 63 34.00 -19.25 0.18
CA SER I 63 32.81 -19.71 -0.50
C SER I 63 32.83 -21.23 -0.57
N GLY I 64 31.65 -21.81 -0.57
CA GLY I 64 31.51 -23.26 -0.64
C GLY I 64 30.49 -23.65 -1.69
N SER I 65 30.75 -24.79 -2.32
CA SER I 65 29.86 -25.31 -3.35
C SER I 65 30.03 -26.81 -3.43
N GLY I 66 29.04 -27.47 -4.03
CA GLY I 66 29.09 -28.90 -4.26
C GLY I 66 27.91 -29.59 -3.59
N SER I 67 27.60 -30.78 -4.10
CA SER I 67 26.55 -31.61 -3.54
C SER I 67 26.90 -33.07 -3.77
N GLY I 68 26.40 -33.92 -2.89
CA GLY I 68 26.69 -35.34 -3.02
C GLY I 68 28.06 -35.68 -2.49
N THR I 69 28.94 -36.13 -3.38
CA THR I 69 30.25 -36.61 -2.94
C THR I 69 31.29 -35.50 -2.97
N GLU I 70 31.24 -34.62 -3.96
CA GLU I 70 32.29 -33.65 -4.23
C GLU I 70 31.90 -32.28 -3.68
N PHE I 71 32.81 -31.66 -2.95
CA PHE I 71 32.62 -30.33 -2.39
C PHE I 71 33.88 -29.51 -2.61
N THR I 72 33.70 -28.20 -2.76
CA THR I 72 34.82 -27.28 -2.99
C THR I 72 34.75 -26.13 -1.98
N LEU I 73 35.92 -25.71 -1.49
CA LEU I 73 36.05 -24.49 -0.70
C LEU I 73 37.04 -23.57 -1.41
N THR I 74 36.56 -22.42 -1.85
CA THR I 74 37.37 -21.47 -2.60
C THR I 74 37.61 -20.22 -1.76
N ILE I 75 38.87 -19.88 -1.55
CA ILE I 75 39.25 -18.59 -0.98
C ILE I 75 39.57 -17.66 -2.14
N SER I 76 38.89 -16.51 -2.18
CA SER I 76 39.00 -15.61 -3.33
C SER I 76 40.36 -14.90 -3.37
N SER I 77 40.87 -14.48 -2.22
CA SER I 77 42.17 -13.83 -2.13
C SER I 77 42.78 -14.15 -0.77
N LEU I 78 43.94 -14.80 -0.76
CA LEU I 78 44.60 -15.11 0.48
C LEU I 78 45.22 -13.86 1.11
N GLN I 79 44.93 -13.66 2.38
CA GLN I 79 45.52 -12.63 3.21
C GLN I 79 46.56 -13.29 4.10
N PRO I 80 47.45 -12.50 4.73
CA PRO I 80 48.36 -13.10 5.73
C PRO I 80 47.69 -13.69 6.95
N GLU I 81 46.45 -13.29 7.28
CA GLU I 81 45.77 -13.91 8.41
C GLU I 81 45.06 -15.20 8.02
N ASP I 82 45.08 -15.54 6.73
CA ASP I 82 44.55 -16.83 6.28
C ASP I 82 45.63 -17.90 6.23
N PHE I 83 46.37 -18.06 7.32
CA PHE I 83 47.34 -19.14 7.46
C PHE I 83 46.79 -20.11 8.51
N ALA I 84 46.20 -21.20 8.04
CA ALA I 84 45.46 -22.09 8.93
C ALA I 84 45.30 -23.45 8.26
N THR I 85 44.91 -24.43 9.06
CA THR I 85 44.58 -25.76 8.55
C THR I 85 43.07 -25.85 8.37
N TYR I 86 42.65 -26.34 7.20
CA TYR I 86 41.24 -26.34 6.83
C TYR I 86 40.69 -27.76 6.86
N TYR I 87 39.52 -27.92 7.47
CA TYR I 87 38.92 -29.23 7.67
C TYR I 87 37.50 -29.22 7.11
N CYS I 88 37.05 -30.39 6.67
CA CYS I 88 35.65 -30.58 6.29
C CYS I 88 35.06 -31.73 7.10
N LEU I 89 33.89 -31.47 7.69
CA LEU I 89 33.21 -32.40 8.58
C LEU I 89 31.81 -32.67 8.06
N GLN I 90 31.42 -33.94 7.99
CA GLN I 90 30.07 -34.31 7.57
C GLN I 90 29.22 -34.59 8.80
N HIS I 91 27.94 -34.25 8.71
CA HIS I 91 26.96 -34.60 9.74
C HIS I 91 25.67 -35.14 9.13
N ASN I 92 25.83 -35.78 7.96
CA ASN I 92 24.68 -36.39 7.27
C ASN I 92 24.25 -37.57 8.11
N SER I 93 25.18 -38.45 8.40
CA SER I 93 24.91 -39.64 9.19
C SER I 93 24.91 -39.30 10.67
N TYR I 94 24.85 -40.29 11.54
CA TYR I 94 24.94 -39.99 12.97
C TYR I 94 26.38 -40.17 13.35
N GLN I 95 27.19 -40.67 12.42
CA GLN I 95 28.63 -40.77 12.65
C GLN I 95 29.28 -39.60 11.92
N TRP I 96 30.13 -38.84 12.61
CA TRP I 96 30.78 -37.69 12.02
C TRP I 96 32.27 -37.97 11.83
N THR I 97 32.79 -37.69 10.64
CA THR I 97 34.20 -37.86 10.33
C THR I 97 34.76 -36.55 9.80
N PHE I 98 35.88 -36.12 10.37
CA PHE I 98 36.61 -34.95 9.90
C PHE I 98 37.50 -35.31 8.73
N GLY I 99 37.96 -34.28 8.01
CA GLY I 99 39.02 -34.47 7.05
C GLY I 99 40.38 -34.55 7.70
N GLN I 100 41.40 -34.79 6.87
CA GLN I 100 42.78 -35.00 7.36
C GLN I 100 43.41 -33.63 7.53
N GLY I 101 42.87 -32.61 6.86
CA GLY I 101 43.36 -31.25 7.01
C GLY I 101 44.27 -30.79 5.90
N THR I 102 43.97 -29.62 5.33
CA THR I 102 44.78 -29.03 4.26
C THR I 102 45.35 -27.73 4.78
N LYS I 103 46.66 -27.72 5.04
CA LYS I 103 47.32 -26.55 5.63
C LYS I 103 47.85 -25.67 4.51
N VAL I 104 47.28 -24.48 4.36
CA VAL I 104 47.80 -23.52 3.40
C VAL I 104 49.08 -22.91 3.96
N GLU I 105 49.97 -22.49 3.07
CA GLU I 105 51.26 -21.94 3.46
C GLU I 105 51.71 -20.84 2.51
#